data_5KSY
# 
_entry.id   5KSY 
# 
_audit_conform.dict_name       mmcif_pdbx.dic 
_audit_conform.dict_version    5.379 
_audit_conform.dict_location   http://mmcif.pdb.org/dictionaries/ascii/mmcif_pdbx.dic 
# 
loop_
_database_2.database_id 
_database_2.database_code 
_database_2.pdbx_database_accession 
_database_2.pdbx_DOI 
PDB   5KSY         pdb_00005ksy 10.2210/pdb5ksy/pdb 
WWPDB D_1000222706 ?            ?                   
# 
loop_
_pdbx_database_related.db_name 
_pdbx_database_related.details 
_pdbx_database_related.db_id 
_pdbx_database_related.content_type 
PDB . 5KSO unspecified 
PDB . 5KSP unspecified 
PDB . 5KSZ unspecified 
PDB . 5KTY unspecified 
PDB . 5KU1 unspecified 
PDB . 5KUT unspecified 
# 
_pdbx_database_status.status_code                     REL 
_pdbx_database_status.status_code_sf                  REL 
_pdbx_database_status.status_code_mr                  ? 
_pdbx_database_status.entry_id                        5KSY 
_pdbx_database_status.recvd_initial_deposition_date   2016-07-10 
_pdbx_database_status.SG_entry                        N 
_pdbx_database_status.deposit_site                    RCSB 
_pdbx_database_status.process_site                    RCSB 
_pdbx_database_status.status_code_cs                  ? 
_pdbx_database_status.methods_development_category    ? 
_pdbx_database_status.pdb_format_compatible           Y 
_pdbx_database_status.status_code_nmr_data            ? 
# 
loop_
_audit_author.name 
_audit_author.pdbx_ordinal 
'Klosowiak, J.L.' 1 
'Focia, P.J.'     2 
'Rice, S.E.'      3 
'Freymann, D.M.'  4 
# 
_citation.abstract                  ? 
_citation.abstract_id_CAS           ? 
_citation.book_id_ISBN              ? 
_citation.book_publisher            ? 
_citation.book_publisher_city       ? 
_citation.book_title                ? 
_citation.coordinate_linkage        ? 
_citation.country                   UK 
_citation.database_id_Medline       ? 
_citation.details                   ? 
_citation.id                        primary 
_citation.journal_abbrev            'Sci Rep' 
_citation.journal_id_ASTM           ? 
_citation.journal_id_CSD            ? 
_citation.journal_id_ISSN           2045-2322 
_citation.journal_full              ? 
_citation.journal_issue             ? 
_citation.journal_volume            6 
_citation.language                  ? 
_citation.page_first                33019 
_citation.page_last                 33019 
_citation.title                     'Structural insights into Parkin substrate lysine targeting from minimal Miro substrates.' 
_citation.year                      2016 
_citation.database_id_CSD           ? 
_citation.pdbx_database_id_DOI      10.1038/srep33019 
_citation.pdbx_database_id_PubMed   27605430 
_citation.unpublished_flag          ? 
# 
loop_
_citation_author.citation_id 
_citation_author.name 
_citation_author.ordinal 
_citation_author.identifier_ORCID 
primary 'Klosowiak, J.L.' 1 ? 
primary 'Park, S.'        2 ? 
primary 'Smith, K.P.'     3 ? 
primary 'French, M.E.'    4 ? 
primary 'Focia, P.J.'     5 ? 
primary 'Freymann, D.M.'  6 ? 
primary 'Rice, S.E.'      7 ? 
# 
_cell.angle_alpha                  90.00 
_cell.angle_alpha_esd              ? 
_cell.angle_beta                   90.00 
_cell.angle_beta_esd               ? 
_cell.angle_gamma                  90.00 
_cell.angle_gamma_esd              ? 
_cell.entry_id                     5KSY 
_cell.details                      ? 
_cell.formula_units_Z              ? 
_cell.length_a                     51.900 
_cell.length_a_esd                 ? 
_cell.length_b                     51.900 
_cell.length_b_esd                 ? 
_cell.length_c                     151.060 
_cell.length_c_esd                 ? 
_cell.volume                       ? 
_cell.volume_esd                   ? 
_cell.Z_PDB                        8 
_cell.reciprocal_angle_alpha       ? 
_cell.reciprocal_angle_beta        ? 
_cell.reciprocal_angle_gamma       ? 
_cell.reciprocal_angle_alpha_esd   ? 
_cell.reciprocal_angle_beta_esd    ? 
_cell.reciprocal_angle_gamma_esd   ? 
_cell.reciprocal_length_a          ? 
_cell.reciprocal_length_b          ? 
_cell.reciprocal_length_c          ? 
_cell.reciprocal_length_a_esd      ? 
_cell.reciprocal_length_b_esd      ? 
_cell.reciprocal_length_c_esd      ? 
_cell.pdbx_unique_axis             ? 
# 
_symmetry.entry_id                         5KSY 
_symmetry.cell_setting                     ? 
_symmetry.Int_Tables_number                92 
_symmetry.space_group_name_Hall            ? 
_symmetry.space_group_name_H-M             'P 41 21 2' 
_symmetry.pdbx_full_space_group_name_H-M   ? 
# 
loop_
_entity.id 
_entity.type 
_entity.src_method 
_entity.pdbx_description 
_entity.formula_weight 
_entity.pdbx_number_of_molecules 
_entity.pdbx_ec 
_entity.pdbx_mutation 
_entity.pdbx_fragment 
_entity.details 
1 polymer     man 'Mitochondrial Rho GTPase 1' 22189.662 1 3.6.5.- ? 'C-terminal GTPase domain (UNP residues 411-592)' ? 
2 non-polymer syn "GUANOSINE-5'-DIPHOSPHATE"   443.201   1 ?       ? ?                                                 ? 
3 water       nat water                        18.015    8 ?       ? ?                                                 ? 
# 
_entity_name_com.entity_id   1 
_entity_name_com.name        'hMiro-1, Rac-GTP-binding protein-like protein, Ras homolog gene family member T1' 
# 
_entity_poly.entity_id                      1 
_entity_poly.type                           'polypeptide(L)' 
_entity_poly.nstd_linkage                   no 
_entity_poly.nstd_monomer                   no 
_entity_poly.pdbx_seq_one_letter_code       
;MGKKQTQRNVFRCNVIGVKNCGKSGVLQALLGRNLMRQKKIREDHKSYYAINTVYVYGQEKYLLLHDISESEFLTEAEII
CDVVCLVYDVSNPKSFEYCARIFKQHFMDSRIPCLIVAAKSDLHEVKQEYSISPTDFCRKHKMPPPQAFTCNTADAPSKD
IFVKLTTMAMYPHVTQADLKSSTFLEHHHHHH
;
_entity_poly.pdbx_seq_one_letter_code_can   
;MGKKQTQRNVFRCNVIGVKNCGKSGVLQALLGRNLMRQKKIREDHKSYYAINTVYVYGQEKYLLLHDISESEFLTEAEII
CDVVCLVYDVSNPKSFEYCARIFKQHFMDSRIPCLIVAAKSDLHEVKQEYSISPTDFCRKHKMPPPQAFTCNTADAPSKD
IFVKLTTMAMYPHVTQADLKSSTFLEHHHHHH
;
_entity_poly.pdbx_strand_id                 A 
_entity_poly.pdbx_target_identifier         ? 
# 
loop_
_entity_poly_seq.entity_id 
_entity_poly_seq.num 
_entity_poly_seq.mon_id 
_entity_poly_seq.hetero 
1 1   MET n 
1 2   GLY n 
1 3   LYS n 
1 4   LYS n 
1 5   GLN n 
1 6   THR n 
1 7   GLN n 
1 8   ARG n 
1 9   ASN n 
1 10  VAL n 
1 11  PHE n 
1 12  ARG n 
1 13  CYS n 
1 14  ASN n 
1 15  VAL n 
1 16  ILE n 
1 17  GLY n 
1 18  VAL n 
1 19  LYS n 
1 20  ASN n 
1 21  CYS n 
1 22  GLY n 
1 23  LYS n 
1 24  SER n 
1 25  GLY n 
1 26  VAL n 
1 27  LEU n 
1 28  GLN n 
1 29  ALA n 
1 30  LEU n 
1 31  LEU n 
1 32  GLY n 
1 33  ARG n 
1 34  ASN n 
1 35  LEU n 
1 36  MET n 
1 37  ARG n 
1 38  GLN n 
1 39  LYS n 
1 40  LYS n 
1 41  ILE n 
1 42  ARG n 
1 43  GLU n 
1 44  ASP n 
1 45  HIS n 
1 46  LYS n 
1 47  SER n 
1 48  TYR n 
1 49  TYR n 
1 50  ALA n 
1 51  ILE n 
1 52  ASN n 
1 53  THR n 
1 54  VAL n 
1 55  TYR n 
1 56  VAL n 
1 57  TYR n 
1 58  GLY n 
1 59  GLN n 
1 60  GLU n 
1 61  LYS n 
1 62  TYR n 
1 63  LEU n 
1 64  LEU n 
1 65  LEU n 
1 66  HIS n 
1 67  ASP n 
1 68  ILE n 
1 69  SER n 
1 70  GLU n 
1 71  SER n 
1 72  GLU n 
1 73  PHE n 
1 74  LEU n 
1 75  THR n 
1 76  GLU n 
1 77  ALA n 
1 78  GLU n 
1 79  ILE n 
1 80  ILE n 
1 81  CYS n 
1 82  ASP n 
1 83  VAL n 
1 84  VAL n 
1 85  CYS n 
1 86  LEU n 
1 87  VAL n 
1 88  TYR n 
1 89  ASP n 
1 90  VAL n 
1 91  SER n 
1 92  ASN n 
1 93  PRO n 
1 94  LYS n 
1 95  SER n 
1 96  PHE n 
1 97  GLU n 
1 98  TYR n 
1 99  CYS n 
1 100 ALA n 
1 101 ARG n 
1 102 ILE n 
1 103 PHE n 
1 104 LYS n 
1 105 GLN n 
1 106 HIS n 
1 107 PHE n 
1 108 MET n 
1 109 ASP n 
1 110 SER n 
1 111 ARG n 
1 112 ILE n 
1 113 PRO n 
1 114 CYS n 
1 115 LEU n 
1 116 ILE n 
1 117 VAL n 
1 118 ALA n 
1 119 ALA n 
1 120 LYS n 
1 121 SER n 
1 122 ASP n 
1 123 LEU n 
1 124 HIS n 
1 125 GLU n 
1 126 VAL n 
1 127 LYS n 
1 128 GLN n 
1 129 GLU n 
1 130 TYR n 
1 131 SER n 
1 132 ILE n 
1 133 SER n 
1 134 PRO n 
1 135 THR n 
1 136 ASP n 
1 137 PHE n 
1 138 CYS n 
1 139 ARG n 
1 140 LYS n 
1 141 HIS n 
1 142 LYS n 
1 143 MET n 
1 144 PRO n 
1 145 PRO n 
1 146 PRO n 
1 147 GLN n 
1 148 ALA n 
1 149 PHE n 
1 150 THR n 
1 151 CYS n 
1 152 ASN n 
1 153 THR n 
1 154 ALA n 
1 155 ASP n 
1 156 ALA n 
1 157 PRO n 
1 158 SER n 
1 159 LYS n 
1 160 ASP n 
1 161 ILE n 
1 162 PHE n 
1 163 VAL n 
1 164 LYS n 
1 165 LEU n 
1 166 THR n 
1 167 THR n 
1 168 MET n 
1 169 ALA n 
1 170 MET n 
1 171 TYR n 
1 172 PRO n 
1 173 HIS n 
1 174 VAL n 
1 175 THR n 
1 176 GLN n 
1 177 ALA n 
1 178 ASP n 
1 179 LEU n 
1 180 LYS n 
1 181 SER n 
1 182 SER n 
1 183 THR n 
1 184 PHE n 
1 185 LEU n 
1 186 GLU n 
1 187 HIS n 
1 188 HIS n 
1 189 HIS n 
1 190 HIS n 
1 191 HIS n 
1 192 HIS n 
# 
_entity_src_gen.entity_id                          1 
_entity_src_gen.pdbx_src_id                        1 
_entity_src_gen.pdbx_alt_source_flag               sample 
_entity_src_gen.pdbx_seq_type                      'Biological sequence' 
_entity_src_gen.pdbx_beg_seq_num                   1 
_entity_src_gen.pdbx_end_seq_num                   192 
_entity_src_gen.gene_src_common_name               Human 
_entity_src_gen.gene_src_genus                     ? 
_entity_src_gen.pdbx_gene_src_gene                 'RHOT1, ARHT1' 
_entity_src_gen.gene_src_species                   ? 
_entity_src_gen.gene_src_strain                    ? 
_entity_src_gen.gene_src_tissue                    ? 
_entity_src_gen.gene_src_tissue_fraction           ? 
_entity_src_gen.gene_src_details                   ? 
_entity_src_gen.pdbx_gene_src_fragment             ? 
_entity_src_gen.pdbx_gene_src_scientific_name      'Homo sapiens' 
_entity_src_gen.pdbx_gene_src_ncbi_taxonomy_id     9606 
_entity_src_gen.pdbx_gene_src_variant              ? 
_entity_src_gen.pdbx_gene_src_cell_line            ? 
_entity_src_gen.pdbx_gene_src_atcc                 ? 
_entity_src_gen.pdbx_gene_src_organ                ? 
_entity_src_gen.pdbx_gene_src_organelle            ? 
_entity_src_gen.pdbx_gene_src_cell                 ? 
_entity_src_gen.pdbx_gene_src_cellular_location    ? 
_entity_src_gen.host_org_common_name               ? 
_entity_src_gen.pdbx_host_org_scientific_name      'Escherichia coli' 
_entity_src_gen.pdbx_host_org_ncbi_taxonomy_id     562 
_entity_src_gen.host_org_genus                     ? 
_entity_src_gen.pdbx_host_org_gene                 ? 
_entity_src_gen.pdbx_host_org_organ                ? 
_entity_src_gen.host_org_species                   ? 
_entity_src_gen.pdbx_host_org_tissue               ? 
_entity_src_gen.pdbx_host_org_tissue_fraction      ? 
_entity_src_gen.pdbx_host_org_strain               ? 
_entity_src_gen.pdbx_host_org_variant              ? 
_entity_src_gen.pdbx_host_org_cell_line            ? 
_entity_src_gen.pdbx_host_org_atcc                 ? 
_entity_src_gen.pdbx_host_org_culture_collection   ? 
_entity_src_gen.pdbx_host_org_cell                 ? 
_entity_src_gen.pdbx_host_org_organelle            ? 
_entity_src_gen.pdbx_host_org_cellular_location    ? 
_entity_src_gen.pdbx_host_org_vector_type          ? 
_entity_src_gen.pdbx_host_org_vector               ? 
_entity_src_gen.host_org_details                   ? 
_entity_src_gen.expression_system_id               ? 
_entity_src_gen.plasmid_name                       ? 
_entity_src_gen.plasmid_details                    ? 
_entity_src_gen.pdbx_description                   ? 
# 
_struct_ref.id                         1 
_struct_ref.db_name                    UNP 
_struct_ref.db_code                    MIRO1_HUMAN 
_struct_ref.pdbx_db_accession          Q8IXI2 
_struct_ref.pdbx_db_isoform            ? 
_struct_ref.entity_id                  1 
_struct_ref.pdbx_seq_one_letter_code   
;KKQTQRNVFRCNVIGVKNCGKSGVLQALLGRNLMRQKKIREDHKSYYAINTVYVYGQEKYLLLHDISESEFLTEAEIICD
VVCLVYDVSNPKSFEYCARIFKQHFMDSRIPCLIVAAKSDLHEVKQEYSISPTDFCRKHKMPPPQAFTCNTADAPSKDIF
VKLTTMAMYPHVTQADLKSSTF
;
_struct_ref.pdbx_align_begin           411 
# 
_struct_ref_seq.align_id                      1 
_struct_ref_seq.ref_id                        1 
_struct_ref_seq.pdbx_PDB_id_code              5KSY 
_struct_ref_seq.pdbx_strand_id                A 
_struct_ref_seq.seq_align_beg                 3 
_struct_ref_seq.pdbx_seq_align_beg_ins_code   ? 
_struct_ref_seq.seq_align_end                 184 
_struct_ref_seq.pdbx_seq_align_end_ins_code   ? 
_struct_ref_seq.pdbx_db_accession             Q8IXI2 
_struct_ref_seq.db_align_beg                  411 
_struct_ref_seq.pdbx_db_align_beg_ins_code    ? 
_struct_ref_seq.db_align_end                  592 
_struct_ref_seq.pdbx_db_align_end_ins_code    ? 
_struct_ref_seq.pdbx_auth_seq_align_beg       411 
_struct_ref_seq.pdbx_auth_seq_align_end       592 
# 
loop_
_struct_ref_seq_dif.align_id 
_struct_ref_seq_dif.pdbx_pdb_id_code 
_struct_ref_seq_dif.mon_id 
_struct_ref_seq_dif.pdbx_pdb_strand_id 
_struct_ref_seq_dif.seq_num 
_struct_ref_seq_dif.pdbx_pdb_ins_code 
_struct_ref_seq_dif.pdbx_seq_db_name 
_struct_ref_seq_dif.pdbx_seq_db_accession_code 
_struct_ref_seq_dif.db_mon_id 
_struct_ref_seq_dif.pdbx_seq_db_seq_num 
_struct_ref_seq_dif.details 
_struct_ref_seq_dif.pdbx_auth_seq_num 
_struct_ref_seq_dif.pdbx_ordinal 
1 5KSY MET A 1   ? UNP Q8IXI2 ? ? 'expression tag' 409 1  
1 5KSY GLY A 2   ? UNP Q8IXI2 ? ? 'expression tag' 410 2  
1 5KSY LEU A 185 ? UNP Q8IXI2 ? ? 'expression tag' 593 3  
1 5KSY GLU A 186 ? UNP Q8IXI2 ? ? 'expression tag' 594 4  
1 5KSY HIS A 187 ? UNP Q8IXI2 ? ? 'expression tag' 595 5  
1 5KSY HIS A 188 ? UNP Q8IXI2 ? ? 'expression tag' 596 6  
1 5KSY HIS A 189 ? UNP Q8IXI2 ? ? 'expression tag' 597 7  
1 5KSY HIS A 190 ? UNP Q8IXI2 ? ? 'expression tag' 598 8  
1 5KSY HIS A 191 ? UNP Q8IXI2 ? ? 'expression tag' 599 9  
1 5KSY HIS A 192 ? UNP Q8IXI2 ? ? 'expression tag' 600 10 
# 
loop_
_chem_comp.id 
_chem_comp.type 
_chem_comp.mon_nstd_flag 
_chem_comp.name 
_chem_comp.pdbx_synonyms 
_chem_comp.formula 
_chem_comp.formula_weight 
ALA 'L-peptide linking' y ALANINE                    ? 'C3 H7 N O2'        89.093  
ARG 'L-peptide linking' y ARGININE                   ? 'C6 H15 N4 O2 1'    175.209 
ASN 'L-peptide linking' y ASPARAGINE                 ? 'C4 H8 N2 O3'       132.118 
ASP 'L-peptide linking' y 'ASPARTIC ACID'            ? 'C4 H7 N O4'        133.103 
CYS 'L-peptide linking' y CYSTEINE                   ? 'C3 H7 N O2 S'      121.158 
GDP 'RNA linking'       n "GUANOSINE-5'-DIPHOSPHATE" ? 'C10 H15 N5 O11 P2' 443.201 
GLN 'L-peptide linking' y GLUTAMINE                  ? 'C5 H10 N2 O3'      146.144 
GLU 'L-peptide linking' y 'GLUTAMIC ACID'            ? 'C5 H9 N O4'        147.129 
GLY 'peptide linking'   y GLYCINE                    ? 'C2 H5 N O2'        75.067  
HIS 'L-peptide linking' y HISTIDINE                  ? 'C6 H10 N3 O2 1'    156.162 
HOH non-polymer         . WATER                      ? 'H2 O'              18.015  
ILE 'L-peptide linking' y ISOLEUCINE                 ? 'C6 H13 N O2'       131.173 
LEU 'L-peptide linking' y LEUCINE                    ? 'C6 H13 N O2'       131.173 
LYS 'L-peptide linking' y LYSINE                     ? 'C6 H15 N2 O2 1'    147.195 
MET 'L-peptide linking' y METHIONINE                 ? 'C5 H11 N O2 S'     149.211 
PHE 'L-peptide linking' y PHENYLALANINE              ? 'C9 H11 N O2'       165.189 
PRO 'L-peptide linking' y PROLINE                    ? 'C5 H9 N O2'        115.130 
SER 'L-peptide linking' y SERINE                     ? 'C3 H7 N O3'        105.093 
THR 'L-peptide linking' y THREONINE                  ? 'C4 H9 N O3'        119.119 
TYR 'L-peptide linking' y TYROSINE                   ? 'C9 H11 N O3'       181.189 
VAL 'L-peptide linking' y VALINE                     ? 'C5 H11 N O2'       117.146 
# 
_exptl.absorpt_coefficient_mu     ? 
_exptl.absorpt_correction_T_max   ? 
_exptl.absorpt_correction_T_min   ? 
_exptl.absorpt_correction_type    ? 
_exptl.absorpt_process_details    ? 
_exptl.entry_id                   5KSY 
_exptl.crystals_number            1 
_exptl.details                    ? 
_exptl.method                     'X-RAY DIFFRACTION' 
_exptl.method_details             ? 
# 
_exptl_crystal.colour                      ? 
_exptl_crystal.density_diffrn              ? 
_exptl_crystal.density_Matthews            2.29 
_exptl_crystal.density_method              ? 
_exptl_crystal.density_percent_sol         46.34 
_exptl_crystal.description                 ? 
_exptl_crystal.F_000                       ? 
_exptl_crystal.id                          1 
_exptl_crystal.preparation                 ? 
_exptl_crystal.size_max                    ? 
_exptl_crystal.size_mid                    ? 
_exptl_crystal.size_min                    ? 
_exptl_crystal.size_rad                    ? 
_exptl_crystal.colour_lustre               ? 
_exptl_crystal.colour_modifier             ? 
_exptl_crystal.colour_primary              ? 
_exptl_crystal.density_meas                ? 
_exptl_crystal.density_meas_esd            ? 
_exptl_crystal.density_meas_gt             ? 
_exptl_crystal.density_meas_lt             ? 
_exptl_crystal.density_meas_temp           ? 
_exptl_crystal.density_meas_temp_esd       ? 
_exptl_crystal.density_meas_temp_gt        ? 
_exptl_crystal.density_meas_temp_lt        ? 
_exptl_crystal.pdbx_crystal_image_url      ? 
_exptl_crystal.pdbx_crystal_image_format   ? 
_exptl_crystal.pdbx_mosaicity              ? 
_exptl_crystal.pdbx_mosaicity_esd          ? 
# 
_exptl_crystal_grow.apparatus       ? 
_exptl_crystal_grow.atmosphere      ? 
_exptl_crystal_grow.crystal_id      1 
_exptl_crystal_grow.details         ? 
_exptl_crystal_grow.method          'VAPOR DIFFUSION, SITTING DROP' 
_exptl_crystal_grow.method_ref      ? 
_exptl_crystal_grow.pH              8.5 
_exptl_crystal_grow.pressure        ? 
_exptl_crystal_grow.pressure_esd    ? 
_exptl_crystal_grow.seeding         ? 
_exptl_crystal_grow.seeding_ref     ? 
_exptl_crystal_grow.temp            294 
_exptl_crystal_grow.temp_details    ? 
_exptl_crystal_grow.temp_esd        ? 
_exptl_crystal_grow.time            ? 
_exptl_crystal_grow.pdbx_details    
;12 mg/mL protein, 0.1 M Tris, pH 8.5, 16% w/v PEG10000, GDP observed in the structure was carried through from the expression system during purification
;
_exptl_crystal_grow.pdbx_pH_range   ? 
# 
_diffrn.ambient_environment    ? 
_diffrn.ambient_temp           100 
_diffrn.ambient_temp_details   ? 
_diffrn.ambient_temp_esd       ? 
_diffrn.crystal_id             1 
_diffrn.crystal_support        ? 
_diffrn.crystal_treatment      ? 
_diffrn.details                ? 
_diffrn.id                     1 
_diffrn.ambient_pressure       ? 
_diffrn.ambient_pressure_esd   ? 
_diffrn.ambient_pressure_gt    ? 
_diffrn.ambient_pressure_lt    ? 
_diffrn.ambient_temp_gt        ? 
_diffrn.ambient_temp_lt        ? 
# 
_diffrn_detector.details                      ? 
_diffrn_detector.detector                     CCD 
_diffrn_detector.diffrn_id                    1 
_diffrn_detector.type                         'MARMOSAIC 300 mm CCD' 
_diffrn_detector.area_resol_mean              ? 
_diffrn_detector.dtime                        ? 
_diffrn_detector.pdbx_frames_total            ? 
_diffrn_detector.pdbx_collection_time_total   ? 
_diffrn_detector.pdbx_collection_date         2014-01-29 
# 
_diffrn_radiation.collimation                      ? 
_diffrn_radiation.diffrn_id                        1 
_diffrn_radiation.filter_edge                      ? 
_diffrn_radiation.inhomogeneity                    ? 
_diffrn_radiation.monochromator                    'Si(111)' 
_diffrn_radiation.polarisn_norm                    ? 
_diffrn_radiation.polarisn_ratio                   ? 
_diffrn_radiation.probe                            ? 
_diffrn_radiation.type                             ? 
_diffrn_radiation.xray_symbol                      ? 
_diffrn_radiation.wavelength_id                    1 
_diffrn_radiation.pdbx_monochromatic_or_laue_m_l   M 
_diffrn_radiation.pdbx_wavelength_list             ? 
_diffrn_radiation.pdbx_wavelength                  ? 
_diffrn_radiation.pdbx_diffrn_protocol             'SINGLE WAVELENGTH' 
_diffrn_radiation.pdbx_analyzer                    ? 
_diffrn_radiation.pdbx_scattering_type             x-ray 
# 
_diffrn_radiation_wavelength.id           1 
_diffrn_radiation_wavelength.wavelength   0.978720 
_diffrn_radiation_wavelength.wt           1.0 
# 
_diffrn_source.current                     ? 
_diffrn_source.details                     ? 
_diffrn_source.diffrn_id                   1 
_diffrn_source.power                       ? 
_diffrn_source.size                        ? 
_diffrn_source.source                      SYNCHROTRON 
_diffrn_source.target                      ? 
_diffrn_source.type                        'APS BEAMLINE 21-ID-D' 
_diffrn_source.voltage                     ? 
_diffrn_source.take-off_angle              ? 
_diffrn_source.pdbx_wavelength_list        0.978720 
_diffrn_source.pdbx_wavelength             ? 
_diffrn_source.pdbx_synchrotron_beamline   21-ID-D 
_diffrn_source.pdbx_synchrotron_site       APS 
# 
_reflns.B_iso_Wilson_estimate            ? 
_reflns.entry_id                         5KSY 
_reflns.data_reduction_details           ? 
_reflns.data_reduction_method            ? 
_reflns.d_resolution_high                2.48 
_reflns.d_resolution_low                 51.9 
_reflns.details                          ? 
_reflns.limit_h_max                      ? 
_reflns.limit_h_min                      ? 
_reflns.limit_k_max                      ? 
_reflns.limit_k_min                      ? 
_reflns.limit_l_max                      ? 
_reflns.limit_l_min                      ? 
_reflns.number_all                       ? 
_reflns.number_obs                       7933 
_reflns.observed_criterion               ? 
_reflns.observed_criterion_F_max         ? 
_reflns.observed_criterion_F_min         ? 
_reflns.observed_criterion_I_max         ? 
_reflns.observed_criterion_I_min         ? 
_reflns.observed_criterion_sigma_F       ? 
_reflns.observed_criterion_sigma_I       ? 
_reflns.percent_possible_obs             100 
_reflns.R_free_details                   ? 
_reflns.Rmerge_F_all                     ? 
_reflns.Rmerge_F_obs                     ? 
_reflns.Friedel_coverage                 ? 
_reflns.number_gt                        ? 
_reflns.threshold_expression             ? 
_reflns.pdbx_redundancy                  25.1 
_reflns.pdbx_Rmerge_I_obs                0.132 
_reflns.pdbx_Rmerge_I_all                ? 
_reflns.pdbx_Rsym_value                  ? 
_reflns.pdbx_netI_over_av_sigmaI         ? 
_reflns.pdbx_netI_over_sigmaI            15.1 
_reflns.pdbx_res_netI_over_av_sigmaI_2   ? 
_reflns.pdbx_res_netI_over_sigmaI_2      ? 
_reflns.pdbx_chi_squared                 ? 
_reflns.pdbx_scaling_rejects             ? 
_reflns.pdbx_d_res_high_opt              ? 
_reflns.pdbx_d_res_low_opt               ? 
_reflns.pdbx_d_res_opt_method            ? 
_reflns.phase_calculation_details        ? 
_reflns.pdbx_Rrim_I_all                  ? 
_reflns.pdbx_Rpim_I_all                  ? 
_reflns.pdbx_d_opt                       ? 
_reflns.pdbx_number_measured_all         ? 
_reflns.pdbx_diffrn_id                   1 
_reflns.pdbx_ordinal                     1 
_reflns.pdbx_CC_half                     ? 
_reflns.pdbx_R_split                     ? 
# 
_reflns_shell.d_res_high                  2.48 
_reflns_shell.d_res_low                   ? 
_reflns_shell.meanI_over_sigI_all         ? 
_reflns_shell.meanI_over_sigI_obs         ? 
_reflns_shell.number_measured_all         ? 
_reflns_shell.number_measured_obs         ? 
_reflns_shell.number_possible             ? 
_reflns_shell.number_unique_all           ? 
_reflns_shell.number_unique_obs           ? 
_reflns_shell.percent_possible_all        ? 
_reflns_shell.percent_possible_obs        ? 
_reflns_shell.Rmerge_F_all                ? 
_reflns_shell.Rmerge_F_obs                ? 
_reflns_shell.Rmerge_I_all                ? 
_reflns_shell.Rmerge_I_obs                ? 
_reflns_shell.meanI_over_sigI_gt          ? 
_reflns_shell.meanI_over_uI_all           ? 
_reflns_shell.meanI_over_uI_gt            ? 
_reflns_shell.number_measured_gt          ? 
_reflns_shell.number_unique_gt            ? 
_reflns_shell.percent_possible_gt         ? 
_reflns_shell.Rmerge_F_gt                 ? 
_reflns_shell.Rmerge_I_gt                 ? 
_reflns_shell.pdbx_redundancy             ? 
_reflns_shell.pdbx_Rsym_value             ? 
_reflns_shell.pdbx_chi_squared            ? 
_reflns_shell.pdbx_netI_over_sigmaI_all   ? 
_reflns_shell.pdbx_netI_over_sigmaI_obs   ? 
_reflns_shell.pdbx_Rrim_I_all             ? 
_reflns_shell.pdbx_Rpim_I_all             ? 
_reflns_shell.pdbx_rejects                ? 
_reflns_shell.pdbx_ordinal                1 
_reflns_shell.pdbx_diffrn_id              1 
_reflns_shell.pdbx_CC_half                ? 
_reflns_shell.pdbx_R_split                ? 
# 
_refine.aniso_B[1][1]                            ? 
_refine.aniso_B[1][2]                            ? 
_refine.aniso_B[1][3]                            ? 
_refine.aniso_B[2][2]                            ? 
_refine.aniso_B[2][3]                            ? 
_refine.aniso_B[3][3]                            ? 
_refine.B_iso_max                                ? 
_refine.B_iso_mean                               ? 
_refine.B_iso_min                                ? 
_refine.correlation_coeff_Fo_to_Fc               ? 
_refine.correlation_coeff_Fo_to_Fc_free          ? 
_refine.details                                  ? 
_refine.diff_density_max                         ? 
_refine.diff_density_max_esd                     ? 
_refine.diff_density_min                         ? 
_refine.diff_density_min_esd                     ? 
_refine.diff_density_rms                         ? 
_refine.diff_density_rms_esd                     ? 
_refine.entry_id                                 5KSY 
_refine.pdbx_refine_id                           'X-RAY DIFFRACTION' 
_refine.ls_abs_structure_details                 ? 
_refine.ls_abs_structure_Flack                   ? 
_refine.ls_abs_structure_Flack_esd               ? 
_refine.ls_abs_structure_Rogers                  ? 
_refine.ls_abs_structure_Rogers_esd              ? 
_refine.ls_d_res_high                            2.482 
_refine.ls_d_res_low                             37.765 
_refine.ls_extinction_coef                       ? 
_refine.ls_extinction_coef_esd                   ? 
_refine.ls_extinction_expression                 ? 
_refine.ls_extinction_method                     ? 
_refine.ls_goodness_of_fit_all                   ? 
_refine.ls_goodness_of_fit_all_esd               ? 
_refine.ls_goodness_of_fit_obs                   ? 
_refine.ls_goodness_of_fit_obs_esd               ? 
_refine.ls_hydrogen_treatment                    ? 
_refine.ls_matrix_type                           ? 
_refine.ls_number_constraints                    ? 
_refine.ls_number_parameters                     ? 
_refine.ls_number_reflns_all                     ? 
_refine.ls_number_reflns_obs                     7786 
_refine.ls_number_reflns_R_free                  776 
_refine.ls_number_reflns_R_work                  ? 
_refine.ls_number_restraints                     ? 
_refine.ls_percent_reflns_obs                    98.84 
_refine.ls_percent_reflns_R_free                 9.97 
_refine.ls_R_factor_all                          ? 
_refine.ls_R_factor_obs                          0.2708 
_refine.ls_R_factor_R_free                       0.3149 
_refine.ls_R_factor_R_free_error                 ? 
_refine.ls_R_factor_R_free_error_details         ? 
_refine.ls_R_factor_R_work                       0.2659 
_refine.ls_R_Fsqd_factor_obs                     ? 
_refine.ls_R_I_factor_obs                        ? 
_refine.ls_redundancy_reflns_all                 ? 
_refine.ls_redundancy_reflns_obs                 ? 
_refine.ls_restrained_S_all                      ? 
_refine.ls_restrained_S_obs                      ? 
_refine.ls_shift_over_esd_max                    ? 
_refine.ls_shift_over_esd_mean                   ? 
_refine.ls_structure_factor_coef                 ? 
_refine.ls_weighting_details                     ? 
_refine.ls_weighting_scheme                      ? 
_refine.ls_wR_factor_all                         ? 
_refine.ls_wR_factor_obs                         ? 
_refine.ls_wR_factor_R_free                      ? 
_refine.ls_wR_factor_R_work                      ? 
_refine.occupancy_max                            ? 
_refine.occupancy_min                            ? 
_refine.solvent_model_details                    ? 
_refine.solvent_model_param_bsol                 ? 
_refine.solvent_model_param_ksol                 ? 
_refine.ls_R_factor_gt                           ? 
_refine.ls_goodness_of_fit_gt                    ? 
_refine.ls_goodness_of_fit_ref                   ? 
_refine.ls_shift_over_su_max                     ? 
_refine.ls_shift_over_su_max_lt                  ? 
_refine.ls_shift_over_su_mean                    ? 
_refine.ls_shift_over_su_mean_lt                 ? 
_refine.pdbx_ls_sigma_I                          ? 
_refine.pdbx_ls_sigma_F                          1.33 
_refine.pdbx_ls_sigma_Fsqd                       ? 
_refine.pdbx_data_cutoff_high_absF               ? 
_refine.pdbx_data_cutoff_high_rms_absF           ? 
_refine.pdbx_data_cutoff_low_absF                ? 
_refine.pdbx_isotropic_thermal_model             ? 
_refine.pdbx_ls_cross_valid_method               'FREE R-VALUE' 
_refine.pdbx_method_to_determine_struct          'MOLECULAR REPLACEMENT' 
_refine.pdbx_starting_model                      'PDB entry 4C0L' 
_refine.pdbx_stereochemistry_target_values       ? 
_refine.pdbx_R_Free_selection_details            ? 
_refine.pdbx_stereochem_target_val_spec_case     ? 
_refine.pdbx_overall_ESU_R                       ? 
_refine.pdbx_overall_ESU_R_Free                  ? 
_refine.pdbx_solvent_vdw_probe_radii             1.11 
_refine.pdbx_solvent_ion_probe_radii             ? 
_refine.pdbx_solvent_shrinkage_radii             0.90 
_refine.pdbx_real_space_R                        ? 
_refine.pdbx_density_correlation                 ? 
_refine.pdbx_pd_number_of_powder_patterns        ? 
_refine.pdbx_pd_number_of_points                 ? 
_refine.pdbx_pd_meas_number_of_points            ? 
_refine.pdbx_pd_proc_ls_prof_R_factor            ? 
_refine.pdbx_pd_proc_ls_prof_wR_factor           ? 
_refine.pdbx_pd_Marquardt_correlation_coeff      ? 
_refine.pdbx_pd_Fsqrd_R_factor                   ? 
_refine.pdbx_pd_ls_matrix_band_width             ? 
_refine.pdbx_overall_phase_error                 33.43 
_refine.pdbx_overall_SU_R_free_Cruickshank_DPI   ? 
_refine.pdbx_overall_SU_R_free_Blow_DPI          ? 
_refine.pdbx_overall_SU_R_Blow_DPI               ? 
_refine.pdbx_TLS_residual_ADP_flag               ? 
_refine.pdbx_diffrn_id                           1 
_refine.overall_SU_B                             ? 
_refine.overall_SU_ML                            0.34 
_refine.overall_SU_R_Cruickshank_DPI             ? 
_refine.overall_SU_R_free                        ? 
_refine.overall_FOM_free_R_set                   ? 
_refine.overall_FOM_work_R_set                   ? 
_refine.pdbx_average_fsc_overall                 ? 
_refine.pdbx_average_fsc_work                    ? 
_refine.pdbx_average_fsc_free                    ? 
# 
_refine_hist.pdbx_refine_id                   'X-RAY DIFFRACTION' 
_refine_hist.cycle_id                         LAST 
_refine_hist.pdbx_number_atoms_protein        1146 
_refine_hist.pdbx_number_atoms_nucleic_acid   0 
_refine_hist.pdbx_number_atoms_ligand         28 
_refine_hist.number_atoms_solvent             8 
_refine_hist.number_atoms_total               1182 
_refine_hist.d_res_high                       2.482 
_refine_hist.d_res_low                        37.765 
# 
loop_
_refine_ls_restr.pdbx_refine_id 
_refine_ls_restr.criterion 
_refine_ls_restr.dev_ideal 
_refine_ls_restr.dev_ideal_target 
_refine_ls_restr.number 
_refine_ls_restr.rejects 
_refine_ls_restr.type 
_refine_ls_restr.weight 
_refine_ls_restr.pdbx_restraint_function 
'X-RAY DIFFRACTION' ? 0.002  ? 1232 ? f_bond_d           ? ? 
'X-RAY DIFFRACTION' ? 0.715  ? 1675 ? f_angle_d          ? ? 
'X-RAY DIFFRACTION' ? 15.497 ? 456  ? f_dihedral_angle_d ? ? 
'X-RAY DIFFRACTION' ? 0.027  ? 189  ? f_chiral_restr     ? ? 
'X-RAY DIFFRACTION' ? 0.002  ? 200  ? f_plane_restr      ? ? 
# 
loop_
_refine_ls_shell.pdbx_refine_id 
_refine_ls_shell.d_res_high 
_refine_ls_shell.d_res_low 
_refine_ls_shell.number_reflns_all 
_refine_ls_shell.number_reflns_obs 
_refine_ls_shell.number_reflns_R_free 
_refine_ls_shell.number_reflns_R_work 
_refine_ls_shell.percent_reflns_obs 
_refine_ls_shell.percent_reflns_R_free 
_refine_ls_shell.R_factor_all 
_refine_ls_shell.R_factor_obs 
_refine_ls_shell.R_factor_R_free 
_refine_ls_shell.R_factor_R_free_error 
_refine_ls_shell.R_factor_R_work 
_refine_ls_shell.redundancy_reflns_all 
_refine_ls_shell.redundancy_reflns_obs 
_refine_ls_shell.wR_factor_all 
_refine_ls_shell.wR_factor_obs 
_refine_ls_shell.wR_factor_R_free 
_refine_ls_shell.wR_factor_R_work 
_refine_ls_shell.pdbx_total_number_of_bins_used 
_refine_ls_shell.pdbx_phase_error 
_refine_ls_shell.pdbx_fsc_work 
_refine_ls_shell.pdbx_fsc_free 
'X-RAY DIFFRACTION' 2.4821 2.6375  . . 124 1135 99.00  . . . 0.3738 . 0.3013 . . . . . . . . . . 
'X-RAY DIFFRACTION' 2.6375 2.8411  . . 122 1114 97.00  . . . 0.4532 . 0.3332 . . . . . . . . . . 
'X-RAY DIFFRACTION' 2.8411 3.1269  . . 127 1148 100.00 . . . 0.3825 . 0.3060 . . . . . . . . . . 
'X-RAY DIFFRACTION' 3.1269 3.5791  . . 130 1148 98.00  . . . 0.3477 . 0.2849 . . . . . . . . . . 
'X-RAY DIFFRACTION' 3.5791 4.5081  . . 130 1178 99.00  . . . 0.2563 . 0.2396 . . . . . . . . . . 
'X-RAY DIFFRACTION' 4.5081 37.7694 . . 143 1287 100.00 . . . 0.2973 . 0.2519 . . . . . . . . . . 
# 
_struct.entry_id                     5KSY 
_struct.title                        'hMiro1 C-domain GDP Complex P41212 Crystal Form' 
_struct.pdbx_model_details           ? 
_struct.pdbx_formula_weight          ? 
_struct.pdbx_formula_weight_method   ? 
_struct.pdbx_model_type_details      ? 
_struct.pdbx_CASP_flag               N 
# 
_struct_keywords.entry_id        5KSY 
_struct_keywords.text            'Miro, GTPase, Parkin, Mitochondria, HYDROLASE' 
_struct_keywords.pdbx_keywords   HYDROLASE 
# 
loop_
_struct_asym.id 
_struct_asym.pdbx_blank_PDB_chainid_flag 
_struct_asym.pdbx_modified 
_struct_asym.entity_id 
_struct_asym.details 
A N N 1 ? 
B N N 2 ? 
C N N 3 ? 
# 
loop_
_struct_conf.conf_type_id 
_struct_conf.id 
_struct_conf.pdbx_PDB_helix_id 
_struct_conf.beg_label_comp_id 
_struct_conf.beg_label_asym_id 
_struct_conf.beg_label_seq_id 
_struct_conf.pdbx_beg_PDB_ins_code 
_struct_conf.end_label_comp_id 
_struct_conf.end_label_asym_id 
_struct_conf.end_label_seq_id 
_struct_conf.pdbx_end_PDB_ins_code 
_struct_conf.beg_auth_comp_id 
_struct_conf.beg_auth_asym_id 
_struct_conf.beg_auth_seq_id 
_struct_conf.end_auth_comp_id 
_struct_conf.end_auth_asym_id 
_struct_conf.end_auth_seq_id 
_struct_conf.pdbx_PDB_helix_class 
_struct_conf.details 
_struct_conf.pdbx_PDB_helix_length 
HELX_P HELX_P1 AA1 GLY A 22  ? LEU A 31  ? GLY A 430 LEU A 439 1 ? 10 
HELX_P HELX_P2 AA2 THR A 75  ? ILE A 80  ? THR A 483 ILE A 488 1 ? 6  
HELX_P HELX_P3 AA3 SER A 95  ? PHE A 107 ? SER A 503 PHE A 515 1 ? 13 
HELX_P HELX_P4 AA4 SER A 133 ? HIS A 141 ? SER A 541 HIS A 549 1 ? 9  
HELX_P HELX_P5 AA5 LYS A 159 ? MET A 170 ? LYS A 567 MET A 578 1 ? 12 
# 
_struct_conf_type.id          HELX_P 
_struct_conf_type.criteria    ? 
_struct_conf_type.reference   ? 
# 
_struct_sheet.id               AA1 
_struct_sheet.type             ? 
_struct_sheet.number_strands   6 
_struct_sheet.details          ? 
# 
loop_
_struct_sheet_order.sheet_id 
_struct_sheet_order.range_id_1 
_struct_sheet_order.range_id_2 
_struct_sheet_order.offset 
_struct_sheet_order.sense 
AA1 1 2 ? anti-parallel 
AA1 2 3 ? parallel      
AA1 3 4 ? parallel      
AA1 4 5 ? parallel      
AA1 5 6 ? parallel      
# 
loop_
_struct_sheet_range.sheet_id 
_struct_sheet_range.id 
_struct_sheet_range.beg_label_comp_id 
_struct_sheet_range.beg_label_asym_id 
_struct_sheet_range.beg_label_seq_id 
_struct_sheet_range.pdbx_beg_PDB_ins_code 
_struct_sheet_range.end_label_comp_id 
_struct_sheet_range.end_label_asym_id 
_struct_sheet_range.end_label_seq_id 
_struct_sheet_range.pdbx_end_PDB_ins_code 
_struct_sheet_range.beg_auth_comp_id 
_struct_sheet_range.beg_auth_asym_id 
_struct_sheet_range.beg_auth_seq_id 
_struct_sheet_range.end_auth_comp_id 
_struct_sheet_range.end_auth_asym_id 
_struct_sheet_range.end_auth_seq_id 
AA1 1 TYR A 49  ? VAL A 54  ? TYR A 457 VAL A 462 
AA1 2 LYS A 61  ? ILE A 68  ? LYS A 469 ILE A 476 
AA1 3 VAL A 10  ? ILE A 16  ? VAL A 418 ILE A 424 
AA1 4 VAL A 83  ? ASP A 89  ? VAL A 491 ASP A 497 
AA1 5 CYS A 114 ? ALA A 119 ? CYS A 522 ALA A 527 
AA1 6 GLN A 147 ? ALA A 148 ? GLN A 555 ALA A 556 
# 
loop_
_pdbx_struct_sheet_hbond.sheet_id 
_pdbx_struct_sheet_hbond.range_id_1 
_pdbx_struct_sheet_hbond.range_id_2 
_pdbx_struct_sheet_hbond.range_1_label_atom_id 
_pdbx_struct_sheet_hbond.range_1_label_comp_id 
_pdbx_struct_sheet_hbond.range_1_label_asym_id 
_pdbx_struct_sheet_hbond.range_1_label_seq_id 
_pdbx_struct_sheet_hbond.range_1_PDB_ins_code 
_pdbx_struct_sheet_hbond.range_1_auth_atom_id 
_pdbx_struct_sheet_hbond.range_1_auth_comp_id 
_pdbx_struct_sheet_hbond.range_1_auth_asym_id 
_pdbx_struct_sheet_hbond.range_1_auth_seq_id 
_pdbx_struct_sheet_hbond.range_2_label_atom_id 
_pdbx_struct_sheet_hbond.range_2_label_comp_id 
_pdbx_struct_sheet_hbond.range_2_label_asym_id 
_pdbx_struct_sheet_hbond.range_2_label_seq_id 
_pdbx_struct_sheet_hbond.range_2_PDB_ins_code 
_pdbx_struct_sheet_hbond.range_2_auth_atom_id 
_pdbx_struct_sheet_hbond.range_2_auth_comp_id 
_pdbx_struct_sheet_hbond.range_2_auth_asym_id 
_pdbx_struct_sheet_hbond.range_2_auth_seq_id 
AA1 1 2 N VAL A 54  ? N VAL A 462 O LYS A 61  ? O LYS A 469 
AA1 2 3 O LEU A 64  ? O LEU A 472 N PHE A 11  ? N PHE A 419 
AA1 3 4 N ILE A 16  ? N ILE A 424 O VAL A 87  ? O VAL A 495 
AA1 4 5 N LEU A 86  ? N LEU A 494 O VAL A 117 ? O VAL A 525 
AA1 5 6 N ALA A 118 ? N ALA A 526 O GLN A 147 ? O GLN A 555 
# 
_struct_site.id                   AC1 
_struct_site.pdbx_evidence_code   Software 
_struct_site.pdbx_auth_asym_id    A 
_struct_site.pdbx_auth_comp_id    GDP 
_struct_site.pdbx_auth_seq_id     701 
_struct_site.pdbx_auth_ins_code   ? 
_struct_site.pdbx_num_residues    11 
_struct_site.details              'binding site for residue GDP A 701' 
# 
loop_
_struct_site_gen.id 
_struct_site_gen.site_id 
_struct_site_gen.pdbx_num_res 
_struct_site_gen.label_comp_id 
_struct_site_gen.label_asym_id 
_struct_site_gen.label_seq_id 
_struct_site_gen.pdbx_auth_ins_code 
_struct_site_gen.auth_comp_id 
_struct_site_gen.auth_asym_id 
_struct_site_gen.auth_seq_id 
_struct_site_gen.label_atom_id 
_struct_site_gen.label_alt_id 
_struct_site_gen.symmetry 
_struct_site_gen.details 
1  AC1 11 ASN A 20  ? ASN A 428 . ? 1_555 ? 
2  AC1 11 CYS A 21  ? CYS A 429 . ? 1_555 ? 
3  AC1 11 GLY A 22  ? GLY A 430 . ? 1_555 ? 
4  AC1 11 LYS A 23  ? LYS A 431 . ? 1_555 ? 
5  AC1 11 SER A 24  ? SER A 432 . ? 1_555 ? 
6  AC1 11 GLY A 25  ? GLY A 433 . ? 1_555 ? 
7  AC1 11 LYS A 120 ? LYS A 528 . ? 1_555 ? 
8  AC1 11 ASP A 122 ? ASP A 530 . ? 1_555 ? 
9  AC1 11 LEU A 123 ? LEU A 531 . ? 1_555 ? 
10 AC1 11 THR A 150 ? THR A 558 . ? 1_555 ? 
11 AC1 11 CYS A 151 ? CYS A 559 . ? 1_555 ? 
# 
_atom_sites.entry_id                    5KSY 
_atom_sites.fract_transf_matrix[1][1]   -0.01335870 
_atom_sites.fract_transf_matrix[1][2]   0.01354545 
_atom_sites.fract_transf_matrix[1][3]   0.00305313 
_atom_sites.fract_transf_matrix[2][1]   -0.00612578 
_atom_sites.fract_transf_matrix[2][2]   -0.00194712 
_atom_sites.fract_transf_matrix[2][3]   -0.01816423 
_atom_sites.fract_transf_matrix[3][1]   -0.00428127 
_atom_sites.fract_transf_matrix[3][2]   -0.00466029 
_atom_sites.fract_transf_matrix[3][3]   0.00194340 
_atom_sites.fract_transf_vector[1]      0.812181 
_atom_sites.fract_transf_vector[2]      0.387004 
_atom_sites.fract_transf_vector[3]      0.056462 
# 
loop_
_atom_type.symbol 
C 
N 
O 
P 
S 
# 
loop_
_atom_site.group_PDB 
_atom_site.id 
_atom_site.type_symbol 
_atom_site.label_atom_id 
_atom_site.label_alt_id 
_atom_site.label_comp_id 
_atom_site.label_asym_id 
_atom_site.label_entity_id 
_atom_site.label_seq_id 
_atom_site.pdbx_PDB_ins_code 
_atom_site.Cartn_x 
_atom_site.Cartn_y 
_atom_site.Cartn_z 
_atom_site.occupancy 
_atom_site.B_iso_or_equiv 
_atom_site.pdbx_formal_charge 
_atom_site.auth_seq_id 
_atom_site.auth_comp_id 
_atom_site.auth_asym_id 
_atom_site.auth_atom_id 
_atom_site.pdbx_PDB_model_num 
ATOM   1    N N     . GLN A 1 7   ? 23.616  -3.862  -6.940  1.00 84.55  ? 415 GLN A N     1 
ATOM   2    C CA    . GLN A 1 7   ? 22.866  -2.668  -6.570  1.00 92.98  ? 415 GLN A CA    1 
ATOM   3    C C     . GLN A 1 7   ? 21.640  -2.493  -7.460  1.00 102.75 ? 415 GLN A C     1 
ATOM   4    O O     . GLN A 1 7   ? 21.725  -1.923  -8.548  1.00 91.14  ? 415 GLN A O     1 
ATOM   5    C CB    . GLN A 1 7   ? 23.756  -1.438  -6.646  1.00 60.73  ? 415 GLN A CB    1 
ATOM   6    N N     . ARG A 1 8   ? 20.498  -2.983  -6.987  1.00 71.95  ? 416 ARG A N     1 
ATOM   7    C CA    . ARG A 1 8   ? 19.258  -2.915  -7.751  1.00 65.95  ? 416 ARG A CA    1 
ATOM   8    C C     . ARG A 1 8   ? 18.699  -1.495  -7.796  1.00 62.76  ? 416 ARG A C     1 
ATOM   9    O O     . ARG A 1 8   ? 18.774  -0.755  -6.814  1.00 78.94  ? 416 ARG A O     1 
ATOM   10   C CB    . ARG A 1 8   ? 18.226  -3.868  -7.166  1.00 69.55  ? 416 ARG A CB    1 
ATOM   11   N N     . ASN A 1 9   ? 18.143  -1.125  -8.944  1.00 63.90  ? 417 ASN A N     1 
ATOM   12   C CA    . ASN A 1 9   ? 17.495  0.170   -9.102  1.00 66.71  ? 417 ASN A CA    1 
ATOM   13   C C     . ASN A 1 9   ? 16.035  0.001   -9.511  1.00 62.67  ? 417 ASN A C     1 
ATOM   14   O O     . ASN A 1 9   ? 15.282  0.972   -9.586  1.00 67.32  ? 417 ASN A O     1 
ATOM   15   C CB    . ASN A 1 9   ? 18.239  1.024   -10.130 1.00 82.12  ? 417 ASN A CB    1 
ATOM   16   C CG    . ASN A 1 9   ? 19.525  1.609   -9.580  1.00 73.79  ? 417 ASN A CG    1 
ATOM   17   O OD1   . ASN A 1 9   ? 19.628  1.904   -8.390  1.00 84.84  ? 417 ASN A OD1   1 
ATOM   18   N ND2   . ASN A 1 9   ? 20.516  1.779   -10.447 1.00 87.65  ? 417 ASN A ND2   1 
ATOM   19   N N     . VAL A 1 10  ? 15.647  -1.242  -9.776  1.00 45.87  ? 418 VAL A N     1 
ATOM   20   C CA    . VAL A 1 10  ? 14.258  -1.576  -10.067 1.00 54.48  ? 418 VAL A CA    1 
ATOM   21   C C     . VAL A 1 10  ? 13.629  -2.277  -8.869  1.00 59.11  ? 418 VAL A C     1 
ATOM   22   O O     . VAL A 1 10  ? 14.118  -3.313  -8.420  1.00 61.37  ? 418 VAL A O     1 
ATOM   23   C CB    . VAL A 1 10  ? 14.133  -2.474  -11.309 1.00 51.77  ? 418 VAL A CB    1 
ATOM   24   C CG1   . VAL A 1 10  ? 12.672  -2.775  -11.597 1.00 40.85  ? 418 VAL A CG1   1 
ATOM   25   C CG2   . VAL A 1 10  ? 14.781  -1.807  -12.506 1.00 63.62  ? 418 VAL A CG2   1 
ATOM   26   N N     . PHE A 1 11  ? 12.544  -1.711  -8.351  1.00 56.44  ? 419 PHE A N     1 
ATOM   27   C CA    . PHE A 1 11  ? 11.928  -2.243  -7.142  1.00 67.41  ? 419 PHE A CA    1 
ATOM   28   C C     . PHE A 1 11  ? 10.469  -2.624  -7.351  1.00 65.34  ? 419 PHE A C     1 
ATOM   29   O O     . PHE A 1 11  ? 9.717   -1.917  -8.023  1.00 73.98  ? 419 PHE A O     1 
ATOM   30   C CB    . PHE A 1 11  ? 12.055  -1.233  -6.003  1.00 60.16  ? 419 PHE A CB    1 
ATOM   31   C CG    . PHE A 1 11  ? 13.468  -1.019  -5.550  1.00 58.61  ? 419 PHE A CG    1 
ATOM   32   C CD1   . PHE A 1 11  ? 14.102  -1.959  -4.756  1.00 62.37  ? 419 PHE A CD1   1 
ATOM   33   C CD2   . PHE A 1 11  ? 14.171  0.111   -5.935  1.00 68.27  ? 419 PHE A CD2   1 
ATOM   34   C CE1   . PHE A 1 11  ? 15.406  -1.772  -4.341  1.00 64.39  ? 419 PHE A CE1   1 
ATOM   35   C CE2   . PHE A 1 11  ? 15.476  0.302   -5.527  1.00 69.31  ? 419 PHE A CE2   1 
ATOM   36   C CZ    . PHE A 1 11  ? 16.094  -0.640  -4.729  1.00 62.09  ? 419 PHE A CZ    1 
ATOM   37   N N     . ARG A 1 12  ? 10.083  -3.752  -6.766  1.00 48.74  ? 420 ARG A N     1 
ATOM   38   C CA    . ARG A 1 12  ? 8.729   -4.269  -6.895  1.00 62.77  ? 420 ARG A CA    1 
ATOM   39   C C     . ARG A 1 12  ? 7.908   -3.995  -5.644  1.00 61.98  ? 420 ARG A C     1 
ATOM   40   O O     . ARG A 1 12  ? 8.367   -4.226  -4.525  1.00 55.50  ? 420 ARG A O     1 
ATOM   41   C CB    . ARG A 1 12  ? 8.756   -5.770  -7.177  1.00 60.20  ? 420 ARG A CB    1 
ATOM   42   C CG    . ARG A 1 12  ? 9.513   -6.156  -8.432  1.00 67.22  ? 420 ARG A CG    1 
ATOM   43   C CD    . ARG A 1 12  ? 9.490   -7.659  -8.621  1.00 63.87  ? 420 ARG A CD    1 
ATOM   44   N NE    . ARG A 1 12  ? 8.138   -8.191  -8.504  1.00 70.17  ? 420 ARG A NE    1 
ATOM   45   C CZ    . ARG A 1 12  ? 7.818   -9.469  -8.678  1.00 77.76  ? 420 ARG A CZ    1 
ATOM   46   N NH1   . ARG A 1 12  ? 8.757   -10.354 -8.982  1.00 73.67  ? 420 ARG A NH1   1 
ATOM   47   N NH2   . ARG A 1 12  ? 6.558   -9.861  -8.549  1.00 81.20  ? 420 ARG A NH2   1 
ATOM   48   N N     . CYS A 1 13  ? 6.689   -3.507  -5.838  1.00 63.84  ? 421 CYS A N     1 
ATOM   49   C CA    . CYS A 1 13  ? 5.798   -3.230  -4.722  1.00 61.86  ? 421 CYS A CA    1 
ATOM   50   C C     . CYS A 1 13  ? 4.430   -3.863  -4.939  1.00 48.76  ? 421 CYS A C     1 
ATOM   51   O O     . CYS A 1 13  ? 3.790   -3.643  -5.966  1.00 54.80  ? 421 CYS A O     1 
ATOM   52   C CB    . CYS A 1 13  ? 5.652   -1.723  -4.513  1.00 45.58  ? 421 CYS A CB    1 
ATOM   53   S SG    . CYS A 1 13  ? 4.367   -1.265  -3.331  1.00 48.77  ? 421 CYS A SG    1 
ATOM   54   N N     . ASN A 1 14  ? 3.991   -4.657  -3.968  1.00 55.39  ? 422 ASN A N     1 
ATOM   55   C CA    . ASN A 1 14  ? 2.661   -5.247  -4.015  1.00 55.77  ? 422 ASN A CA    1 
ATOM   56   C C     . ASN A 1 14  ? 1.628   -4.305  -3.409  1.00 46.98  ? 422 ASN A C     1 
ATOM   57   O O     . ASN A 1 14  ? 1.731   -3.930  -2.240  1.00 41.35  ? 422 ASN A O     1 
ATOM   58   C CB    . ASN A 1 14  ? 2.638   -6.593  -3.288  1.00 38.32  ? 422 ASN A CB    1 
ATOM   59   C CG    . ASN A 1 14  ? 3.195   -7.724  -4.133  1.00 59.63  ? 422 ASN A CG    1 
ATOM   60   O OD1   . ASN A 1 14  ? 3.073   -7.718  -5.358  1.00 59.00  ? 422 ASN A OD1   1 
ATOM   61   N ND2   . ASN A 1 14  ? 3.807   -8.705  -3.478  1.00 50.74  ? 422 ASN A ND2   1 
ATOM   62   N N     . VAL A 1 15  ? 0.644   -3.917  -4.212  1.00 59.00  ? 423 VAL A N     1 
ATOM   63   C CA    . VAL A 1 15  ? -0.431  -3.050  -3.745  1.00 46.92  ? 423 VAL A CA    1 
ATOM   64   C C     . VAL A 1 15  ? -1.624  -3.900  -3.320  1.00 45.07  ? 423 VAL A C     1 
ATOM   65   O O     . VAL A 1 15  ? -2.306  -4.491  -4.158  1.00 50.00  ? 423 VAL A O     1 
ATOM   66   C CB    . VAL A 1 15  ? -0.863  -2.047  -4.830  1.00 44.76  ? 423 VAL A CB    1 
ATOM   67   C CG1   . VAL A 1 15  ? -1.893  -1.076  -4.276  1.00 47.84  ? 423 VAL A CG1   1 
ATOM   68   C CG2   . VAL A 1 15  ? 0.346   -1.295  -5.366  1.00 58.48  ? 423 VAL A CG2   1 
ATOM   69   N N     . ILE A 1 16  ? -1.869  -3.958  -2.015  1.00 53.73  ? 424 ILE A N     1 
ATOM   70   C CA    . ILE A 1 16  ? -2.880  -4.855  -1.462  1.00 42.90  ? 424 ILE A CA    1 
ATOM   71   C C     . ILE A 1 16  ? -3.967  -4.096  -0.699  1.00 60.43  ? 424 ILE A C     1 
ATOM   72   O O     . ILE A 1 16  ? -3.672  -3.208  0.102   1.00 52.11  ? 424 ILE A O     1 
ATOM   73   C CB    . ILE A 1 16  ? -2.230  -5.902  -0.529  1.00 54.80  ? 424 ILE A CB    1 
ATOM   74   C CG1   . ILE A 1 16  ? -1.153  -6.687  -1.281  1.00 63.95  ? 424 ILE A CG1   1 
ATOM   75   C CG2   . ILE A 1 16  ? -3.276  -6.849  0.040   1.00 61.61  ? 424 ILE A CG2   1 
ATOM   76   C CD1   . ILE A 1 16  ? -0.360  -7.636  -0.409  1.00 48.03  ? 424 ILE A CD1   1 
ATOM   77   N N     . GLY A 1 17  ? -5.224  -4.451  -0.957  1.00 44.38  ? 425 GLY A N     1 
ATOM   78   C CA    . GLY A 1 17  ? -6.355  -3.831  -0.288  1.00 43.85  ? 425 GLY A CA    1 
ATOM   79   C C     . GLY A 1 17  ? -7.692  -4.441  -0.672  1.00 56.05  ? 425 GLY A C     1 
ATOM   80   O O     . GLY A 1 17  ? -7.772  -5.263  -1.584  1.00 48.91  ? 425 GLY A O     1 
ATOM   81   N N     . VAL A 1 18  ? -8.741  -4.040  0.041   1.00 51.66  ? 426 VAL A N     1 
ATOM   82   C CA    . VAL A 1 18  ? -10.110 -4.471  -0.238  1.00 51.05  ? 426 VAL A CA    1 
ATOM   83   C C     . VAL A 1 18  ? -10.512 -4.081  -1.663  1.00 63.73  ? 426 VAL A C     1 
ATOM   84   O O     . VAL A 1 18  ? -10.038 -3.075  -2.186  1.00 69.79  ? 426 VAL A O     1 
ATOM   85   C CB    . VAL A 1 18  ? -11.101 -3.864  0.801   1.00 46.43  ? 426 VAL A CB    1 
ATOM   86   C CG1   . VAL A 1 18  ? -12.440 -3.506  0.176   1.00 78.01  ? 426 VAL A CG1   1 
ATOM   87   C CG2   . VAL A 1 18  ? -11.291 -4.810  1.975   1.00 48.29  ? 426 VAL A CG2   1 
ATOM   88   N N     . LYS A 1 19  ? -11.350 -4.898  -2.297  1.00 64.82  ? 427 LYS A N     1 
ATOM   89   C CA    . LYS A 1 19  ? -11.847 -4.604  -3.638  1.00 73.45  ? 427 LYS A CA    1 
ATOM   90   C C     . LYS A 1 19  ? -12.458 -3.206  -3.715  1.00 74.89  ? 427 LYS A C     1 
ATOM   91   O O     . LYS A 1 19  ? -13.220 -2.802  -2.835  1.00 69.70  ? 427 LYS A O     1 
ATOM   92   C CB    . LYS A 1 19  ? -12.876 -5.654  -4.068  1.00 75.56  ? 427 LYS A CB    1 
ATOM   93   C CG    . LYS A 1 19  ? -13.367 -5.498  -5.497  1.00 88.60  ? 427 LYS A CG    1 
ATOM   94   C CD    . LYS A 1 19  ? -14.481 -6.482  -5.802  1.00 103.16 ? 427 LYS A CD    1 
ATOM   95   C CE    . LYS A 1 19  ? -13.958 -7.909  -5.817  1.00 98.20  ? 427 LYS A CE    1 
ATOM   96   N NZ    . LYS A 1 19  ? -15.041 -8.891  -6.093  1.00 83.08  ? 427 LYS A NZ    1 
ATOM   97   N N     . ASN A 1 20  ? -12.101 -2.475  -4.770  1.00 69.37  ? 428 ASN A N     1 
ATOM   98   C CA    . ASN A 1 20  ? -12.546 -1.096  -4.974  1.00 70.14  ? 428 ASN A CA    1 
ATOM   99   C C     . ASN A 1 20  ? -12.159 -0.154  -3.833  1.00 71.62  ? 428 ASN A C     1 
ATOM   100  O O     . ASN A 1 20  ? -12.961 0.682   -3.415  1.00 74.76  ? 428 ASN A O     1 
ATOM   101  C CB    . ASN A 1 20  ? -14.064 -1.047  -5.193  1.00 73.80  ? 428 ASN A CB    1 
ATOM   102  C CG    . ASN A 1 20  ? -14.481 -1.638  -6.528  1.00 84.68  ? 428 ASN A CG    1 
ATOM   103  O OD1   . ASN A 1 20  ? -14.317 -1.013  -7.576  1.00 70.62  ? 428 ASN A OD1   1 
ATOM   104  N ND2   . ASN A 1 20  ? -15.032 -2.846  -6.494  1.00 74.04  ? 428 ASN A ND2   1 
ATOM   105  N N     . CYS A 1 21  ? -10.932 -0.286  -3.337  1.00 70.77  ? 429 CYS A N     1 
ATOM   106  C CA    . CYS A 1 21  ? -10.427 0.632   -2.320  1.00 66.61  ? 429 CYS A CA    1 
ATOM   107  C C     . CYS A 1 21  ? -9.517  1.674   -2.960  1.00 70.62  ? 429 CYS A C     1 
ATOM   108  O O     . CYS A 1 21  ? -8.920  2.501   -2.269  1.00 58.91  ? 429 CYS A O     1 
ATOM   109  C CB    . CYS A 1 21  ? -9.676  -0.117  -1.216  1.00 53.66  ? 429 CYS A CB    1 
ATOM   110  S SG    . CYS A 1 21  ? -8.057  -0.764  -1.700  1.00 61.21  ? 429 CYS A SG    1 
ATOM   111  N N     . GLY A 1 22  ? -9.410  1.622   -4.283  1.00 67.66  ? 430 GLY A N     1 
ATOM   112  C CA    . GLY A 1 22  ? -8.632  2.593   -5.031  1.00 68.94  ? 430 GLY A CA    1 
ATOM   113  C C     . GLY A 1 22  ? -7.243  2.116   -5.412  1.00 69.94  ? 430 GLY A C     1 
ATOM   114  O O     . GLY A 1 22  ? -6.319  2.920   -5.524  1.00 60.04  ? 430 GLY A O     1 
ATOM   115  N N     . LYS A 1 23  ? -7.096  0.811   -5.622  1.00 74.91  ? 431 LYS A N     1 
ATOM   116  C CA    . LYS A 1 23  ? -5.795  0.231   -5.949  1.00 57.56  ? 431 LYS A CA    1 
ATOM   117  C C     . LYS A 1 23  ? -5.336  0.583   -7.362  1.00 68.35  ? 431 LYS A C     1 
ATOM   118  O O     . LYS A 1 23  ? -4.189  0.984   -7.564  1.00 54.32  ? 431 LYS A O     1 
ATOM   119  C CB    . LYS A 1 23  ? -5.830  -1.291  -5.785  1.00 57.51  ? 431 LYS A CB    1 
ATOM   120  C CG    . LYS A 1 23  ? -5.902  -1.756  -4.341  1.00 60.07  ? 431 LYS A CG    1 
ATOM   121  C CD    . LYS A 1 23  ? -5.689  -3.258  -4.227  1.00 57.02  ? 431 LYS A CD    1 
ATOM   122  C CE    . LYS A 1 23  ? -6.794  -4.034  -4.924  1.00 49.41  ? 431 LYS A CE    1 
ATOM   123  N NZ    . LYS A 1 23  ? -8.133  -3.744  -4.339  1.00 50.07  ? 431 LYS A NZ    1 
ATOM   124  N N     . SER A 1 24  ? -6.228  0.428   -8.335  1.00 66.38  ? 432 SER A N     1 
ATOM   125  C CA    . SER A 1 24  ? -5.903  0.737   -9.725  1.00 61.17  ? 432 SER A CA    1 
ATOM   126  C C     . SER A 1 24  ? -5.581  2.217   -9.894  1.00 70.81  ? 432 SER A C     1 
ATOM   127  O O     . SER A 1 24  ? -4.814  2.597   -10.777 1.00 64.19  ? 432 SER A O     1 
ATOM   128  C CB    . SER A 1 24  ? -7.051  0.337   -10.651 1.00 69.12  ? 432 SER A CB    1 
ATOM   129  O OG    . SER A 1 24  ? -7.269  -1.062  -10.623 1.00 76.52  ? 432 SER A OG    1 
ATOM   130  N N     . GLY A 1 25  ? -6.173  3.047   -9.041  1.00 53.01  ? 433 GLY A N     1 
ATOM   131  C CA    . GLY A 1 25  ? -5.903  4.472   -9.052  1.00 61.54  ? 433 GLY A CA    1 
ATOM   132  C C     . GLY A 1 25  ? -4.473  4.781   -8.657  1.00 62.53  ? 433 GLY A C     1 
ATOM   133  O O     . GLY A 1 25  ? -3.866  5.716   -9.177  1.00 76.80  ? 433 GLY A O     1 
ATOM   134  N N     . VAL A 1 26  ? -3.933  3.989   -7.733  1.00 60.82  ? 434 VAL A N     1 
ATOM   135  C CA    . VAL A 1 26  ? -2.555  4.154   -7.284  1.00 63.75  ? 434 VAL A CA    1 
ATOM   136  C C     . VAL A 1 26  ? -1.574  3.860   -8.415  1.00 60.70  ? 434 VAL A C     1 
ATOM   137  O O     . VAL A 1 26  ? -0.594  4.581   -8.603  1.00 77.80  ? 434 VAL A O     1 
ATOM   138  C CB    . VAL A 1 26  ? -2.239  3.237   -6.084  1.00 65.73  ? 434 VAL A CB    1 
ATOM   139  C CG1   . VAL A 1 26  ? -0.818  3.466   -5.596  1.00 66.79  ? 434 VAL A CG1   1 
ATOM   140  C CG2   . VAL A 1 26  ? -3.227  3.483   -4.957  1.00 71.38  ? 434 VAL A CG2   1 
ATOM   141  N N     . LEU A 1 27  ? -1.849  2.800   -9.168  1.00 72.69  ? 435 LEU A N     1 
ATOM   142  C CA    . LEU A 1 27  ? -0.995  2.413   -10.286 1.00 66.78  ? 435 LEU A CA    1 
ATOM   143  C C     . LEU A 1 27  ? -1.055  3.445   -11.410 1.00 67.07  ? 435 LEU A C     1 
ATOM   144  O O     . LEU A 1 27  ? -0.044  3.740   -12.046 1.00 73.42  ? 435 LEU A O     1 
ATOM   145  C CB    . LEU A 1 27  ? -1.390  1.031   -10.816 1.00 55.03  ? 435 LEU A CB    1 
ATOM   146  C CG    . LEU A 1 27  ? -0.736  -0.193  -10.163 1.00 67.36  ? 435 LEU A CG    1 
ATOM   147  C CD1   . LEU A 1 27  ? -1.077  -0.296  -8.683  1.00 59.12  ? 435 LEU A CD1   1 
ATOM   148  C CD2   . LEU A 1 27  ? -1.128  -1.468  -10.896 1.00 60.17  ? 435 LEU A CD2   1 
ATOM   149  N N     . GLN A 1 28  ? -2.244  3.992   -11.647 1.00 64.90  ? 436 GLN A N     1 
ATOM   150  C CA    . GLN A 1 28  ? -2.421  5.014   -12.672 1.00 75.86  ? 436 GLN A CA    1 
ATOM   151  C C     . GLN A 1 28  ? -1.803  6.338   -12.231 1.00 72.28  ? 436 GLN A C     1 
ATOM   152  O O     . GLN A 1 28  ? -1.306  7.104   -13.055 1.00 80.80  ? 436 GLN A O     1 
ATOM   153  C CB    . GLN A 1 28  ? -3.905  5.205   -12.995 1.00 59.62  ? 436 GLN A CB    1 
ATOM   154  C CG    . GLN A 1 28  ? -4.569  3.991   -13.626 1.00 43.78  ? 436 GLN A CG    1 
ATOM   155  C CD    . GLN A 1 28  ? -3.899  3.558   -14.916 1.00 77.33  ? 436 GLN A CD    1 
ATOM   156  O OE1   . GLN A 1 28  ? -4.114  4.155   -15.971 1.00 93.35  ? 436 GLN A OE1   1 
ATOM   157  N NE2   . GLN A 1 28  ? -3.084  2.512   -14.838 1.00 71.85  ? 436 GLN A NE2   1 
ATOM   158  N N     . ALA A 1 29  ? -1.835  6.597   -10.927 1.00 70.97  ? 437 ALA A N     1 
ATOM   159  C CA    . ALA A 1 29  ? -1.253  7.814   -10.370 1.00 72.69  ? 437 ALA A CA    1 
ATOM   160  C C     . ALA A 1 29  ? 0.259   7.842   -10.563 1.00 75.83  ? 437 ALA A C     1 
ATOM   161  O O     . ALA A 1 29  ? 0.838   8.897   -10.825 1.00 77.91  ? 437 ALA A O     1 
ATOM   162  C CB    . ALA A 1 29  ? -1.599  7.941   -8.899  1.00 68.97  ? 437 ALA A CB    1 
ATOM   163  N N     . LEU A 1 30  ? 0.893   6.682   -10.420 1.00 78.50  ? 438 LEU A N     1 
ATOM   164  C CA    . LEU A 1 30  ? 2.323   6.553   -10.685 1.00 70.07  ? 438 LEU A CA    1 
ATOM   165  C C     . LEU A 1 30  ? 2.617   6.862   -12.144 1.00 72.99  ? 438 LEU A C     1 
ATOM   166  O O     . LEU A 1 30  ? 3.666   7.412   -12.480 1.00 73.66  ? 438 LEU A O     1 
ATOM   167  C CB    . LEU A 1 30  ? 2.819   5.147   -10.335 1.00 53.71  ? 438 LEU A CB    1 
ATOM   168  C CG    . LEU A 1 30  ? 4.306   4.897   -10.606 1.00 55.20  ? 438 LEU A CG    1 
ATOM   169  C CD1   . LEU A 1 30  ? 5.170   5.745   -9.688  1.00 64.57  ? 438 LEU A CD1   1 
ATOM   170  C CD2   . LEU A 1 30  ? 4.654   3.424   -10.464 1.00 54.54  ? 438 LEU A CD2   1 
ATOM   171  N N     . LEU A 1 31  ? 1.673   6.495   -13.004 1.00 80.65  ? 439 LEU A N     1 
ATOM   172  C CA    . LEU A 1 31  ? 1.780   6.758   -14.431 1.00 69.29  ? 439 LEU A CA    1 
ATOM   173  C C     . LEU A 1 31  ? 1.254   8.157   -14.762 1.00 82.63  ? 439 LEU A C     1 
ATOM   174  O O     . LEU A 1 31  ? 1.281   8.578   -15.917 1.00 99.69  ? 439 LEU A O     1 
ATOM   175  C CB    . LEU A 1 31  ? 1.019   5.694   -15.230 1.00 78.42  ? 439 LEU A CB    1 
ATOM   176  C CG    . LEU A 1 31  ? 1.419   4.222   -15.074 1.00 74.80  ? 439 LEU A CG    1 
ATOM   177  C CD1   . LEU A 1 31  ? 0.558   3.343   -15.968 1.00 60.43  ? 439 LEU A CD1   1 
ATOM   178  C CD2   . LEU A 1 31  ? 2.894   3.992   -15.377 1.00 64.61  ? 439 LEU A CD2   1 
ATOM   179  N N     . GLY A 1 32  ? 0.756   8.862   -13.748 1.00 72.71  ? 440 GLY A N     1 
ATOM   180  C CA    . GLY A 1 32  ? 0.437   10.277  -13.874 1.00 72.23  ? 440 GLY A CA    1 
ATOM   181  C C     . GLY A 1 32  ? -0.989  10.642  -14.243 1.00 77.50  ? 440 GLY A C     1 
ATOM   182  O O     . GLY A 1 32  ? -1.223  11.587  -14.995 1.00 101.68 ? 440 GLY A O     1 
ATOM   183  N N     . ARG A 1 33  ? -1.955  9.914   -13.700 1.00 86.53  ? 441 ARG A N     1 
ATOM   184  C CA    . ARG A 1 33  ? -3.350  10.139  -14.066 1.00 86.30  ? 441 ARG A CA    1 
ATOM   185  C C     . ARG A 1 33  ? -4.183  10.507  -12.841 1.00 79.76  ? 441 ARG A C     1 
ATOM   186  O O     . ARG A 1 33  ? -3.858  10.097  -11.731 1.00 85.81  ? 441 ARG A O     1 
ATOM   187  C CB    . ARG A 1 33  ? -3.925  8.896   -14.741 1.00 89.46  ? 441 ARG A CB    1 
ATOM   188  C CG    . ARG A 1 33  ? -3.116  8.415   -15.934 1.00 86.58  ? 441 ARG A CG    1 
ATOM   189  C CD    . ARG A 1 33  ? -3.864  7.310   -16.684 1.00 94.22  ? 441 ARG A CD    1 
ATOM   190  N NE    . ARG A 1 33  ? -3.264  6.787   -17.918 1.00 91.48  ? 441 ARG A NE    1 
ATOM   191  C CZ    . ARG A 1 33  ? -1.970  6.624   -18.189 1.00 101.65 ? 441 ARG A CZ    1 
ATOM   192  N NH1   . ARG A 1 33  ? -1.021  6.954   -17.328 1.00 106.48 ? 441 ARG A NH1   1 
ATOM   193  N NH2   . ARG A 1 33  ? -1.629  6.108   -19.361 1.00 107.28 ? 441 ARG A NH2   1 
ATOM   194  N N     . ASN A 1 34  ? -5.255  11.272  -13.052 1.00 74.41  ? 442 ASN A N     1 
ATOM   195  C CA    . ASN A 1 34  ? -6.209  11.606  -11.992 1.00 77.67  ? 442 ASN A CA    1 
ATOM   196  C C     . ASN A 1 34  ? -7.450  10.731  -12.075 1.00 64.49  ? 442 ASN A C     1 
ATOM   197  O O     . ASN A 1 34  ? -7.648  10.030  -13.064 1.00 66.99  ? 442 ASN A O     1 
ATOM   198  C CB    . ASN A 1 34  ? -6.607  13.089  -12.050 1.00 82.92  ? 442 ASN A CB    1 
ATOM   199  C CG    . ASN A 1 34  ? -7.178  13.497  -13.402 1.00 90.77  ? 442 ASN A CG    1 
ATOM   200  O OD1   . ASN A 1 34  ? -7.682  12.666  -14.156 1.00 74.98  ? 442 ASN A OD1   1 
ATOM   201  N ND2   . ASN A 1 34  ? -7.094  14.788  -13.716 1.00 80.49  ? 442 ASN A ND2   1 
ATOM   202  N N     . SER A 1 47  ? -4.892  -3.520  -16.860 1.00 67.90  ? 455 SER A N     1 
ATOM   203  C CA    . SER A 1 47  ? -3.485  -3.785  -16.579 1.00 85.22  ? 455 SER A CA    1 
ATOM   204  C C     . SER A 1 47  ? -3.224  -3.778  -15.077 1.00 85.57  ? 455 SER A C     1 
ATOM   205  O O     . SER A 1 47  ? -3.497  -2.790  -14.397 1.00 77.92  ? 455 SER A O     1 
ATOM   206  C CB    . SER A 1 47  ? -2.595  -2.756  -17.278 1.00 72.58  ? 455 SER A CB    1 
ATOM   207  O OG    . SER A 1 47  ? -1.224  -3.016  -17.030 1.00 78.73  ? 455 SER A OG    1 
ATOM   208  N N     . TYR A 1 48  ? -2.691  -4.884  -14.566 1.00 67.99  ? 456 TYR A N     1 
ATOM   209  C CA    . TYR A 1 48  ? -2.504  -5.044  -13.128 1.00 72.19  ? 456 TYR A CA    1 
ATOM   210  C C     . TYR A 1 48  ? -1.058  -4.824  -12.691 1.00 71.70  ? 456 TYR A C     1 
ATOM   211  O O     . TYR A 1 48  ? -0.663  -5.234  -11.599 1.00 71.60  ? 456 TYR A O     1 
ATOM   212  C CB    . TYR A 1 48  ? -2.985  -6.427  -12.688 1.00 62.11  ? 456 TYR A CB    1 
ATOM   213  C CG    . TYR A 1 48  ? -4.487  -6.584  -12.773 1.00 55.15  ? 456 TYR A CG    1 
ATOM   214  C CD1   . TYR A 1 48  ? -5.104  -6.927  -13.969 1.00 70.04  ? 456 TYR A CD1   1 
ATOM   215  C CD2   . TYR A 1 48  ? -5.289  -6.371  -11.659 1.00 63.85  ? 456 TYR A CD2   1 
ATOM   216  C CE1   . TYR A 1 48  ? -6.477  -7.062  -14.052 1.00 64.95  ? 456 TYR A CE1   1 
ATOM   217  C CE2   . TYR A 1 48  ? -6.662  -6.505  -11.731 1.00 62.21  ? 456 TYR A CE2   1 
ATOM   218  C CZ    . TYR A 1 48  ? -7.251  -6.851  -12.930 1.00 82.23  ? 456 TYR A CZ    1 
ATOM   219  O OH    . TYR A 1 48  ? -8.617  -6.983  -13.005 1.00 77.68  ? 456 TYR A OH    1 
ATOM   220  N N     . TYR A 1 49  ? -0.274  -4.175  -13.546 1.00 63.53  ? 457 TYR A N     1 
ATOM   221  C CA    . TYR A 1 49  ? 1.057   -3.725  -13.159 1.00 59.60  ? 457 TYR A CA    1 
ATOM   222  C C     . TYR A 1 49  ? 1.380   -2.391  -13.826 1.00 57.95  ? 457 TYR A C     1 
ATOM   223  O O     . TYR A 1 49  ? 0.983   -2.140  -14.964 1.00 48.98  ? 457 TYR A O     1 
ATOM   224  C CB    . TYR A 1 49  ? 2.123   -4.774  -13.503 1.00 57.55  ? 457 TYR A CB    1 
ATOM   225  C CG    . TYR A 1 49  ? 2.253   -5.112  -14.973 1.00 69.94  ? 457 TYR A CG    1 
ATOM   226  C CD1   . TYR A 1 49  ? 3.039   -4.337  -15.820 1.00 57.67  ? 457 TYR A CD1   1 
ATOM   227  C CD2   . TYR A 1 49  ? 1.610   -6.221  -15.509 1.00 63.06  ? 457 TYR A CD2   1 
ATOM   228  C CE1   . TYR A 1 49  ? 3.165   -4.647  -17.159 1.00 61.49  ? 457 TYR A CE1   1 
ATOM   229  C CE2   . TYR A 1 49  ? 1.733   -6.538  -16.848 1.00 62.72  ? 457 TYR A CE2   1 
ATOM   230  C CZ    . TYR A 1 49  ? 2.510   -5.749  -17.668 1.00 75.29  ? 457 TYR A CZ    1 
ATOM   231  O OH    . TYR A 1 49  ? 2.634   -6.062  -19.001 1.00 82.76  ? 457 TYR A OH    1 
ATOM   232  N N     . ALA A 1 50  ? 2.094   -1.537  -13.103 1.00 58.38  ? 458 ALA A N     1 
ATOM   233  C CA    . ALA A 1 50  ? 2.482   -0.230  -13.617 1.00 49.44  ? 458 ALA A CA    1 
ATOM   234  C C     . ALA A 1 50  ? 3.885   0.128   -13.148 1.00 64.44  ? 458 ALA A C     1 
ATOM   235  O O     . ALA A 1 50  ? 4.216   -0.037  -11.974 1.00 57.82  ? 458 ALA A O     1 
ATOM   236  C CB    . ALA A 1 50  ? 1.486   0.831   -13.179 1.00 57.47  ? 458 ALA A CB    1 
ATOM   237  N N     . ILE A 1 51  ? 4.711   0.618   -14.068 1.00 56.89  ? 459 ILE A N     1 
ATOM   238  C CA    . ILE A 1 51  ? 6.076   0.997   -13.727 1.00 50.65  ? 459 ILE A CA    1 
ATOM   239  C C     . ILE A 1 51  ? 6.380   2.422   -14.188 1.00 65.94  ? 459 ILE A C     1 
ATOM   240  O O     . ILE A 1 51  ? 5.854   2.890   -15.198 1.00 57.82  ? 459 ILE A O     1 
ATOM   241  C CB    . ILE A 1 51  ? 7.107   0.019   -14.343 1.00 57.92  ? 459 ILE A CB    1 
ATOM   242  C CG1   . ILE A 1 51  ? 8.463   0.147   -13.641 1.00 44.66  ? 459 ILE A CG1   1 
ATOM   243  C CG2   . ILE A 1 51  ? 7.247   0.242   -15.843 1.00 55.78  ? 459 ILE A CG2   1 
ATOM   244  C CD1   . ILE A 1 51  ? 9.543   -0.736  -14.231 1.00 52.28  ? 459 ILE A CD1   1 
ATOM   245  N N     . ASN A 1 52  ? 7.220   3.110   -13.422 1.00 63.40  ? 460 ASN A N     1 
ATOM   246  C CA    . ASN A 1 52  ? 7.667   4.452   -13.766 1.00 64.41  ? 460 ASN A CA    1 
ATOM   247  C C     . ASN A 1 52  ? 8.898   4.808   -12.943 1.00 67.05  ? 460 ASN A C     1 
ATOM   248  O O     . ASN A 1 52  ? 9.187   4.157   -11.940 1.00 61.25  ? 460 ASN A O     1 
ATOM   249  C CB    . ASN A 1 52  ? 6.552   5.476   -13.540 1.00 61.63  ? 460 ASN A CB    1 
ATOM   250  C CG    . ASN A 1 52  ? 6.828   6.803   -14.226 1.00 74.28  ? 460 ASN A CG    1 
ATOM   251  O OD1   . ASN A 1 52  ? 7.534   6.858   -15.232 1.00 88.29  ? 460 ASN A OD1   1 
ATOM   252  N ND2   . ASN A 1 52  ? 6.268   7.878   -13.684 1.00 72.64  ? 460 ASN A ND2   1 
ATOM   253  N N     . THR A 1 53  ? 9.622   5.838   -13.368 1.00 64.18  ? 461 THR A N     1 
ATOM   254  C CA    . THR A 1 53  ? 10.840  6.242   -12.675 1.00 71.04  ? 461 THR A CA    1 
ATOM   255  C C     . THR A 1 53  ? 10.542  7.019   -11.394 1.00 58.29  ? 461 THR A C     1 
ATOM   256  O O     . THR A 1 53  ? 9.586   7.791   -11.329 1.00 55.53  ? 461 THR A O     1 
ATOM   257  C CB    . THR A 1 53  ? 11.746  7.096   -13.581 1.00 57.19  ? 461 THR A CB    1 
ATOM   258  O OG1   . THR A 1 53  ? 11.025  8.250   -14.031 1.00 71.91  ? 461 THR A OG1   1 
ATOM   259  C CG2   . THR A 1 53  ? 12.207  6.289   -14.784 1.00 54.53  ? 461 THR A CG2   1 
ATOM   260  N N     . VAL A 1 54  ? 11.369  6.793   -10.377 1.00 56.30  ? 462 VAL A N     1 
ATOM   261  C CA    . VAL A 1 54  ? 11.245  7.475   -9.092  1.00 49.93  ? 462 VAL A CA    1 
ATOM   262  C C     . VAL A 1 54  ? 12.626  7.922   -8.611  1.00 62.11  ? 462 VAL A C     1 
ATOM   263  O O     . VAL A 1 54  ? 13.604  7.194   -8.768  1.00 62.31  ? 462 VAL A O     1 
ATOM   264  C CB    . VAL A 1 54  ? 10.591  6.564   -8.023  1.00 62.29  ? 462 VAL A CB    1 
ATOM   265  C CG1   . VAL A 1 54  ? 10.545  7.261   -6.674  1.00 41.55  ? 462 VAL A CG1   1 
ATOM   266  C CG2   . VAL A 1 54  ? 9.190   6.147   -8.449  1.00 49.87  ? 462 VAL A CG2   1 
ATOM   267  N N     . TYR A 1 55  ? 12.709  9.119   -8.037  1.00 57.56  ? 463 TYR A N     1 
ATOM   268  C CA    . TYR A 1 55  ? 13.973  9.619   -7.506  1.00 48.55  ? 463 TYR A CA    1 
ATOM   269  C C     . TYR A 1 55  ? 13.948  9.706   -5.983  1.00 37.92  ? 463 TYR A C     1 
ATOM   270  O O     . TYR A 1 55  ? 13.253  10.546  -5.409  1.00 67.02  ? 463 TYR A O     1 
ATOM   271  C CB    . TYR A 1 55  ? 14.300  10.988  -8.107  1.00 65.05  ? 463 TYR A CB    1 
ATOM   272  C CG    . TYR A 1 55  ? 14.846  10.909  -9.514  1.00 60.14  ? 463 TYR A CG    1 
ATOM   273  C CD1   . TYR A 1 55  ? 13.995  10.761  -10.601 1.00 66.69  ? 463 TYR A CD1   1 
ATOM   274  C CD2   . TYR A 1 55  ? 16.212  10.980  -9.755  1.00 73.81  ? 463 TYR A CD2   1 
ATOM   275  C CE1   . TYR A 1 55  ? 14.487  10.685  -11.888 1.00 63.77  ? 463 TYR A CE1   1 
ATOM   276  C CE2   . TYR A 1 55  ? 16.713  10.906  -11.041 1.00 70.75  ? 463 TYR A CE2   1 
ATOM   277  C CZ    . TYR A 1 55  ? 15.845  10.759  -12.103 1.00 64.42  ? 463 TYR A CZ    1 
ATOM   278  O OH    . TYR A 1 55  ? 16.335  10.682  -13.385 1.00 78.04  ? 463 TYR A OH    1 
ATOM   279  N N     . GLU A 1 60  ? 17.980  7.970   -9.983  1.00 54.46  ? 468 GLU A N     1 
ATOM   280  C CA    . GLU A 1 60  ? 16.870  7.412   -10.747 1.00 64.93  ? 468 GLU A CA    1 
ATOM   281  C C     . GLU A 1 60  ? 16.595  5.963   -10.363 1.00 76.72  ? 468 GLU A C     1 
ATOM   282  O O     . GLU A 1 60  ? 17.478  5.109   -10.444 1.00 63.81  ? 468 GLU A O     1 
ATOM   283  C CB    . GLU A 1 60  ? 17.149  7.506   -12.247 1.00 60.87  ? 468 GLU A CB    1 
ATOM   284  C CG    . GLU A 1 60  ? 16.085  6.850   -13.113 1.00 70.44  ? 468 GLU A CG    1 
ATOM   285  C CD    . GLU A 1 60  ? 16.439  6.865   -14.585 1.00 80.30  ? 468 GLU A CD    1 
ATOM   286  O OE1   . GLU A 1 60  ? 17.043  5.882   -15.062 1.00 74.98  ? 468 GLU A OE1   1 
ATOM   287  O OE2   . GLU A 1 60  ? 16.108  7.858   -15.267 1.00 95.30  ? 468 GLU A OE2   1 
ATOM   288  N N     . LYS A 1 61  ? 15.362  5.692   -9.948  1.00 56.92  ? 469 LYS A N     1 
ATOM   289  C CA    . LYS A 1 61  ? 14.949  4.340   -9.592  1.00 60.03  ? 469 LYS A CA    1 
ATOM   290  C C     . LYS A 1 61  ? 13.712  3.938   -10.384 1.00 67.21  ? 469 LYS A C     1 
ATOM   291  O O     . LYS A 1 61  ? 12.959  4.793   -10.842 1.00 65.97  ? 469 LYS A O     1 
ATOM   292  C CB    . LYS A 1 61  ? 14.667  4.235   -8.092  1.00 57.58  ? 469 LYS A CB    1 
ATOM   293  C CG    . LYS A 1 61  ? 15.789  4.742   -7.206  1.00 60.23  ? 469 LYS A CG    1 
ATOM   294  C CD    . LYS A 1 61  ? 17.069  3.957   -7.434  1.00 67.61  ? 469 LYS A CD    1 
ATOM   295  C CE    . LYS A 1 61  ? 18.224  4.548   -6.646  1.00 67.18  ? 469 LYS A CE    1 
ATOM   296  N NZ    . LYS A 1 61  ? 19.501  3.831   -6.913  1.00 63.40  ? 469 LYS A NZ    1 
ATOM   297  N N     . TYR A 1 62  ? 13.511  2.635   -10.546 1.00 63.32  ? 470 TYR A N     1 
ATOM   298  C CA    . TYR A 1 62  ? 12.308  2.125   -11.191 1.00 64.96  ? 470 TYR A CA    1 
ATOM   299  C C     . TYR A 1 62  ? 11.427  1.407   -10.175 1.00 64.24  ? 470 TYR A C     1 
ATOM   300  O O     . TYR A 1 62  ? 11.839  0.410   -9.585  1.00 52.61  ? 470 TYR A O     1 
ATOM   301  C CB    . TYR A 1 62  ? 12.664  1.178   -12.340 1.00 67.06  ? 470 TYR A CB    1 
ATOM   302  C CG    . TYR A 1 62  ? 13.249  1.864   -13.554 1.00 62.89  ? 470 TYR A CG    1 
ATOM   303  C CD1   . TYR A 1 62  ? 14.616  2.084   -13.660 1.00 68.50  ? 470 TYR A CD1   1 
ATOM   304  C CD2   . TYR A 1 62  ? 12.435  2.284   -14.597 1.00 59.48  ? 470 TYR A CD2   1 
ATOM   305  C CE1   . TYR A 1 62  ? 15.156  2.708   -14.770 1.00 62.41  ? 470 TYR A CE1   1 
ATOM   306  C CE2   . TYR A 1 62  ? 12.965  2.910   -15.711 1.00 76.43  ? 470 TYR A CE2   1 
ATOM   307  C CZ    . TYR A 1 62  ? 14.326  3.119   -15.791 1.00 51.12  ? 470 TYR A CZ    1 
ATOM   308  O OH    . TYR A 1 62  ? 14.859  3.740   -16.897 1.00 67.37  ? 470 TYR A OH    1 
ATOM   309  N N     . LEU A 1 63  ? 10.220  1.920   -9.963  1.00 58.64  ? 471 LEU A N     1 
ATOM   310  C CA    . LEU A 1 63  ? 9.283   1.278   -9.050  1.00 51.55  ? 471 LEU A CA    1 
ATOM   311  C C     . LEU A 1 63  ? 8.212   0.521   -9.826  1.00 59.76  ? 471 LEU A C     1 
ATOM   312  O O     . LEU A 1 63  ? 7.466   1.109   -10.609 1.00 49.09  ? 471 LEU A O     1 
ATOM   313  C CB    . LEU A 1 63  ? 8.636   2.304   -8.118  1.00 48.36  ? 471 LEU A CB    1 
ATOM   314  C CG    . LEU A 1 63  ? 7.655   1.728   -7.092  1.00 54.57  ? 471 LEU A CG    1 
ATOM   315  C CD1   . LEU A 1 63  ? 8.356   0.734   -6.180  1.00 45.98  ? 471 LEU A CD1   1 
ATOM   316  C CD2   . LEU A 1 63  ? 7.003   2.835   -6.278  1.00 54.59  ? 471 LEU A CD2   1 
ATOM   317  N N     . LEU A 1 64  ? 8.146   -0.788  -9.606  1.00 65.75  ? 472 LEU A N     1 
ATOM   318  C CA    . LEU A 1 64  ? 7.164   -1.631  -10.276 1.00 49.29  ? 472 LEU A CA    1 
ATOM   319  C C     . LEU A 1 64  ? 6.046   -2.023  -9.317  1.00 56.23  ? 472 LEU A C     1 
ATOM   320  O O     . LEU A 1 64  ? 6.270   -2.745  -8.347  1.00 56.04  ? 472 LEU A O     1 
ATOM   321  C CB    . LEU A 1 64  ? 7.832   -2.881  -10.851 1.00 49.09  ? 472 LEU A CB    1 
ATOM   322  C CG    . LEU A 1 64  ? 6.919   -3.894  -11.544 1.00 57.07  ? 472 LEU A CG    1 
ATOM   323  C CD1   . LEU A 1 64  ? 6.148   -3.240  -12.678 1.00 54.18  ? 472 LEU A CD1   1 
ATOM   324  C CD2   . LEU A 1 64  ? 7.723   -5.080  -12.055 1.00 49.87  ? 472 LEU A CD2   1 
ATOM   325  N N     . LEU A 1 65  ? 4.839   -1.539  -9.593  1.00 52.41  ? 473 LEU A N     1 
ATOM   326  C CA    . LEU A 1 65  ? 3.688   -1.828  -8.747  1.00 51.42  ? 473 LEU A CA    1 
ATOM   327  C C     . LEU A 1 65  ? 2.930   -3.056  -9.240  1.00 50.07  ? 473 LEU A C     1 
ATOM   328  O O     . LEU A 1 65  ? 2.849   -3.306  -10.441 1.00 59.06  ? 473 LEU A O     1 
ATOM   329  C CB    . LEU A 1 65  ? 2.746   -0.623  -8.690  1.00 46.39  ? 473 LEU A CB    1 
ATOM   330  C CG    . LEU A 1 65  ? 3.319   0.688   -8.150  1.00 54.98  ? 473 LEU A CG    1 
ATOM   331  C CD1   . LEU A 1 65  ? 2.277   1.796   -8.213  1.00 51.77  ? 473 LEU A CD1   1 
ATOM   332  C CD2   . LEU A 1 65  ? 3.832   0.512   -6.731  1.00 49.26  ? 473 LEU A CD2   1 
ATOM   333  N N     . HIS A 1 66  ? 2.380   -3.820  -8.302  1.00 50.33  ? 474 HIS A N     1 
ATOM   334  C CA    . HIS A 1 66  ? 1.571   -4.986  -8.638  1.00 52.00  ? 474 HIS A CA    1 
ATOM   335  C C     . HIS A 1 66  ? 0.191   -4.887  -7.998  1.00 50.14  ? 474 HIS A C     1 
ATOM   336  O O     . HIS A 1 66  ? 0.068   -4.820  -6.774  1.00 50.77  ? 474 HIS A O     1 
ATOM   337  C CB    . HIS A 1 66  ? 2.267   -6.275  -8.195  1.00 52.10  ? 474 HIS A CB    1 
ATOM   338  C CG    . HIS A 1 66  ? 3.598   -6.496  -8.836  1.00 63.06  ? 474 HIS A CG    1 
ATOM   339  N ND1   . HIS A 1 66  ? 3.736   -6.892  -10.152 1.00 60.32  ? 474 HIS A ND1   1 
ATOM   340  C CD2   . HIS A 1 66  ? 4.857   -6.387  -8.349  1.00 47.52  ? 474 HIS A CD2   1 
ATOM   341  C CE1   . HIS A 1 66  ? 5.015   -7.011  -10.444 1.00 58.56  ? 474 HIS A CE1   1 
ATOM   342  N NE2   . HIS A 1 66  ? 5.720   -6.709  -9.364  1.00 63.16  ? 474 HIS A NE2   1 
ATOM   343  N N     . ASP A 1 67  ? -0.845  -4.872  -8.831  1.00 58.42  ? 475 ASP A N     1 
ATOM   344  C CA    . ASP A 1 67  ? -2.217  -4.805  -8.343  1.00 62.54  ? 475 ASP A CA    1 
ATOM   345  C C     . ASP A 1 67  ? -2.670  -6.182  -7.870  1.00 53.51  ? 475 ASP A C     1 
ATOM   346  O O     . ASP A 1 67  ? -2.961  -7.060  -8.680  1.00 55.58  ? 475 ASP A O     1 
ATOM   347  C CB    . ASP A 1 67  ? -3.154  -4.278  -9.436  1.00 64.51  ? 475 ASP A CB    1 
ATOM   348  C CG    . ASP A 1 67  ? -4.524  -3.884  -8.903  1.00 63.31  ? 475 ASP A CG    1 
ATOM   349  O OD1   . ASP A 1 67  ? -4.852  -4.235  -7.750  1.00 70.00  ? 475 ASP A OD1   1 
ATOM   350  O OD2   . ASP A 1 67  ? -5.276  -3.219  -9.644  1.00 73.25  ? 475 ASP A OD2   1 
ATOM   351  N N     . ILE A 1 68  ? -2.722  -6.366  -6.555  1.00 43.70  ? 476 ILE A N     1 
ATOM   352  C CA    . ILE A 1 68  ? -3.156  -7.635  -5.984  1.00 59.12  ? 476 ILE A CA    1 
ATOM   353  C C     . ILE A 1 68  ? -4.639  -7.589  -5.632  1.00 62.52  ? 476 ILE A C     1 
ATOM   354  O O     . ILE A 1 68  ? -5.025  -7.020  -4.609  1.00 56.23  ? 476 ILE A O     1 
ATOM   355  C CB    . ILE A 1 68  ? -2.346  -7.999  -4.725  1.00 61.24  ? 476 ILE A CB    1 
ATOM   356  C CG1   . ILE A 1 68  ? -0.845  -7.879  -5.001  1.00 65.45  ? 476 ILE A CG1   1 
ATOM   357  C CG2   . ILE A 1 68  ? -2.700  -9.399  -4.251  1.00 47.73  ? 476 ILE A CG2   1 
ATOM   358  C CD1   . ILE A 1 68  ? -0.342  -8.823  -6.073  1.00 54.20  ? 476 ILE A CD1   1 
ATOM   359  N N     . SER A 1 69  ? -5.465  -8.187  -6.488  1.00 52.10  ? 477 SER A N     1 
ATOM   360  C CA    . SER A 1 69  ? -6.910  -8.210  -6.284  1.00 61.23  ? 477 SER A CA    1 
ATOM   361  C C     . SER A 1 69  ? -7.277  -8.916  -4.987  1.00 44.07  ? 477 SER A C     1 
ATOM   362  O O     . SER A 1 69  ? -6.571  -9.819  -4.540  1.00 57.74  ? 477 SER A O     1 
ATOM   363  C CB    . SER A 1 69  ? -7.609  -8.895  -7.461  1.00 47.59  ? 477 SER A CB    1 
ATOM   364  O OG    . SER A 1 69  ? -7.390  -8.182  -8.664  1.00 69.17  ? 477 SER A OG    1 
ATOM   365  N N     . GLU A 1 70  ? -8.384  -8.497  -4.383  1.00 47.77  ? 478 GLU A N     1 
ATOM   366  C CA    . GLU A 1 70  ? -8.845  -9.104  -3.143  1.00 54.93  ? 478 GLU A CA    1 
ATOM   367  C C     . GLU A 1 70  ? -9.374  -10.509 -3.391  1.00 60.45  ? 478 GLU A C     1 
ATOM   368  O O     . GLU A 1 70  ? -10.219 -10.724 -4.261  1.00 59.42  ? 478 GLU A O     1 
ATOM   369  C CB    . GLU A 1 70  ? -9.928  -8.247  -2.481  1.00 60.99  ? 478 GLU A CB    1 
ATOM   370  C CG    . GLU A 1 70  ? -10.422 -8.812  -1.157  1.00 64.59  ? 478 GLU A CG    1 
ATOM   371  C CD    . GLU A 1 70  ? -11.563 -8.012  -0.563  1.00 60.96  ? 478 GLU A CD    1 
ATOM   372  O OE1   . GLU A 1 70  ? -12.071 -7.095  -1.242  1.00 72.33  ? 478 GLU A OE1   1 
ATOM   373  O OE2   . GLU A 1 70  ? -11.951 -8.299  0.589   1.00 51.13  ? 478 GLU A OE2   1 
ATOM   374  N N     . SER A 1 71  ? -8.867  -11.461 -2.618  1.00 71.67  ? 479 SER A N     1 
ATOM   375  C CA    . SER A 1 71  ? -9.303  -12.846 -2.708  1.00 60.51  ? 479 SER A CA    1 
ATOM   376  C C     . SER A 1 71  ? -9.435  -13.436 -1.311  1.00 69.38  ? 479 SER A C     1 
ATOM   377  O O     . SER A 1 71  ? -9.363  -12.712 -0.316  1.00 60.44  ? 479 SER A O     1 
ATOM   378  C CB    . SER A 1 71  ? -8.323  -13.668 -3.548  1.00 58.04  ? 479 SER A CB    1 
ATOM   379  O OG    . SER A 1 71  ? -7.028  -13.658 -2.974  1.00 81.17  ? 479 SER A OG    1 
ATOM   380  N N     . GLU A 1 72  ? -9.632  -14.746 -1.236  1.00 63.36  ? 480 GLU A N     1 
ATOM   381  C CA    . GLU A 1 72  ? -9.693  -15.428 0.050   1.00 75.60  ? 480 GLU A CA    1 
ATOM   382  C C     . GLU A 1 72  ? -8.318  -15.453 0.705   1.00 84.15  ? 480 GLU A C     1 
ATOM   383  O O     . GLU A 1 72  ? -8.151  -15.017 1.844   1.00 84.92  ? 480 GLU A O     1 
ATOM   384  C CB    . GLU A 1 72  ? -10.225 -16.852 -0.119  1.00 66.04  ? 480 GLU A CB    1 
ATOM   385  C CG    . GLU A 1 72  ? -11.690 -16.934 -0.519  1.00 79.78  ? 480 GLU A CG    1 
ATOM   386  C CD    . GLU A 1 72  ? -12.628 -16.528 0.604   1.00 81.97  ? 480 GLU A CD    1 
ATOM   387  O OE1   . GLU A 1 72  ? -13.241 -17.426 1.218   1.00 98.73  ? 480 GLU A OE1   1 
ATOM   388  O OE2   . GLU A 1 72  ? -12.763 -15.314 0.867   1.00 85.09  ? 480 GLU A OE2   1 
ATOM   389  N N     . PHE A 1 73  ? -7.337  -15.963 -0.031  1.00 73.16  ? 481 PHE A N     1 
ATOM   390  C CA    . PHE A 1 73  ? -5.970  -16.057 0.461   1.00 80.35  ? 481 PHE A CA    1 
ATOM   391  C C     . PHE A 1 73  ? -4.995  -15.457 -0.544  1.00 66.86  ? 481 PHE A C     1 
ATOM   392  O O     . PHE A 1 73  ? -5.359  -15.188 -1.689  1.00 65.73  ? 481 PHE A O     1 
ATOM   393  C CB    . PHE A 1 73  ? -5.599  -17.515 0.743   1.00 47.28  ? 481 PHE A CB    1 
ATOM   394  C CG    . PHE A 1 73  ? -5.558  -18.377 -0.488  1.00 67.70  ? 481 PHE A CG    1 
ATOM   395  C CD1   . PHE A 1 73  ? -6.720  -18.918 -1.012  1.00 64.73  ? 481 PHE A CD1   1 
ATOM   396  C CD2   . PHE A 1 73  ? -4.356  -18.649 -1.122  1.00 61.27  ? 481 PHE A CD2   1 
ATOM   397  C CE1   . PHE A 1 73  ? -6.685  -19.708 -2.144  1.00 62.74  ? 481 PHE A CE1   1 
ATOM   398  C CE2   . PHE A 1 73  ? -4.315  -19.439 -2.255  1.00 64.36  ? 481 PHE A CE2   1 
ATOM   399  C CZ    . PHE A 1 73  ? -5.481  -19.971 -2.765  1.00 66.50  ? 481 PHE A CZ    1 
ATOM   400  N N     . LEU A 1 74  ? -3.757  -15.251 -0.112  1.00 59.96  ? 482 LEU A N     1 
ATOM   401  C CA    . LEU A 1 74  ? -2.706  -14.778 -1.001  1.00 65.09  ? 482 LEU A CA    1 
ATOM   402  C C     . LEU A 1 74  ? -1.685  -15.883 -1.245  1.00 61.34  ? 482 LEU A C     1 
ATOM   403  O O     . LEU A 1 74  ? -1.263  -16.571 -0.316  1.00 56.31  ? 482 LEU A O     1 
ATOM   404  C CB    . LEU A 1 74  ? -2.018  -13.539 -0.424  1.00 71.77  ? 482 LEU A CB    1 
ATOM   405  C CG    . LEU A 1 74  ? -2.847  -12.257 -0.334  1.00 63.74  ? 482 LEU A CG    1 
ATOM   406  C CD1   . LEU A 1 74  ? -1.988  -11.100 0.157   1.00 71.49  ? 482 LEU A CD1   1 
ATOM   407  C CD2   . LEU A 1 74  ? -3.467  -11.931 -1.680  1.00 76.89  ? 482 LEU A CD2   1 
ATOM   408  N N     . THR A 1 75  ? -1.300  -16.058 -2.504  1.00 63.47  ? 483 THR A N     1 
ATOM   409  C CA    . THR A 1 75  ? -0.290  -17.048 -2.853  1.00 64.13  ? 483 THR A CA    1 
ATOM   410  C C     . THR A 1 75  ? 1.092   -16.533 -2.485  1.00 76.91  ? 483 THR A C     1 
ATOM   411  O O     . THR A 1 75  ? 1.289   -15.329 -2.333  1.00 66.82  ? 483 THR A O     1 
ATOM   412  C CB    . THR A 1 75  ? -0.322  -17.393 -4.353  1.00 56.30  ? 483 THR A CB    1 
ATOM   413  O OG1   . THR A 1 75  ? 0.021   -16.236 -5.125  1.00 82.00  ? 483 THR A OG1   1 
ATOM   414  C CG2   . THR A 1 75  ? -1.703  -17.882 -4.759  1.00 65.18  ? 483 THR A CG2   1 
ATOM   415  N N     . GLU A 1 76  ? 2.052   -17.441 -2.350  1.00 73.54  ? 484 GLU A N     1 
ATOM   416  C CA    . GLU A 1 76  ? 3.411   -17.058 -1.997  1.00 69.63  ? 484 GLU A CA    1 
ATOM   417  C C     . GLU A 1 76  ? 4.056   -16.216 -3.105  1.00 86.45  ? 484 GLU A C     1 
ATOM   418  O O     . GLU A 1 76  ? 5.088   -15.585 -2.891  1.00 80.49  ? 484 GLU A O     1 
ATOM   419  C CB    . GLU A 1 76  ? 4.250   -18.308 -1.699  1.00 72.62  ? 484 GLU A CB    1 
ATOM   420  C CG    . GLU A 1 76  ? 5.148   -18.757 -2.835  1.00 79.74  ? 484 GLU A CG    1 
ATOM   421  C CD    . GLU A 1 76  ? 6.022   -19.928 -2.447  1.00 102.89 ? 484 GLU A CD    1 
ATOM   422  O OE1   . GLU A 1 76  ? 6.529   -19.947 -1.303  1.00 92.64  ? 484 GLU A OE1   1 
ATOM   423  O OE2   . GLU A 1 76  ? 6.202   -20.834 -3.286  1.00 101.83 ? 484 GLU A OE2   1 
ATOM   424  N N     . ALA A 1 77  ? 3.446   -16.213 -4.290  1.00 78.74  ? 485 ALA A N     1 
ATOM   425  C CA    . ALA A 1 77  ? 3.916   -15.377 -5.395  1.00 78.12  ? 485 ALA A CA    1 
ATOM   426  C C     . ALA A 1 77  ? 3.387   -13.946 -5.284  1.00 79.93  ? 485 ALA A C     1 
ATOM   427  O O     . ALA A 1 77  ? 3.930   -13.024 -5.893  1.00 87.48  ? 485 ALA A O     1 
ATOM   428  C CB    . ALA A 1 77  ? 3.512   -15.984 -6.726  1.00 64.80  ? 485 ALA A CB    1 
ATOM   429  N N     . GLU A 1 78  ? 2.325   -13.769 -4.504  1.00 77.44  ? 486 GLU A N     1 
ATOM   430  C CA    . GLU A 1 78  ? 1.741   -12.446 -4.287  1.00 76.02  ? 486 GLU A CA    1 
ATOM   431  C C     . GLU A 1 78  ? 2.281   -11.813 -3.010  1.00 73.48  ? 486 GLU A C     1 
ATOM   432  O O     . GLU A 1 78  ? 2.005   -10.650 -2.714  1.00 64.75  ? 486 GLU A O     1 
ATOM   433  C CB    . GLU A 1 78  ? 0.212   -12.529 -4.217  1.00 70.75  ? 486 GLU A CB    1 
ATOM   434  C CG    . GLU A 1 78  ? -0.462  -12.909 -5.524  1.00 80.99  ? 486 GLU A CG    1 
ATOM   435  C CD    . GLU A 1 78  ? -1.962  -13.098 -5.372  1.00 79.51  ? 486 GLU A CD    1 
ATOM   436  O OE1   . GLU A 1 78  ? -2.389  -13.727 -4.380  1.00 76.11  ? 486 GLU A OE1   1 
ATOM   437  O OE2   . GLU A 1 78  ? -2.715  -12.613 -6.243  1.00 74.72  ? 486 GLU A OE2   1 
ATOM   438  N N     . ILE A 1 79  ? 3.050   -12.588 -2.253  1.00 65.73  ? 487 ILE A N     1 
ATOM   439  C CA    . ILE A 1 79  ? 3.607   -12.122 -0.990  1.00 66.39  ? 487 ILE A CA    1 
ATOM   440  C C     . ILE A 1 79  ? 4.996   -11.521 -1.189  1.00 61.55  ? 487 ILE A C     1 
ATOM   441  O O     . ILE A 1 79  ? 5.349   -10.528 -0.551  1.00 72.05  ? 487 ILE A O     1 
ATOM   442  C CB    . ILE A 1 79  ? 3.682   -13.266 0.046   1.00 63.30  ? 487 ILE A CB    1 
ATOM   443  C CG1   . ILE A 1 79  ? 2.286   -13.828 0.309   1.00 74.64  ? 487 ILE A CG1   1 
ATOM   444  C CG2   . ILE A 1 79  ? 4.311   -12.788 1.346   1.00 66.14  ? 487 ILE A CG2   1 
ATOM   445  C CD1   . ILE A 1 79  ? 1.294   -12.785 0.767   1.00 77.68  ? 487 ILE A CD1   1 
ATOM   446  N N     . ILE A 1 80  ? 5.779   -12.113 -2.087  1.00 67.93  ? 488 ILE A N     1 
ATOM   447  C CA    . ILE A 1 80  ? 7.138   -11.639 -2.322  1.00 70.14  ? 488 ILE A CA    1 
ATOM   448  C C     . ILE A 1 80  ? 7.151   -10.295 -3.050  1.00 64.06  ? 488 ILE A C     1 
ATOM   449  O O     . ILE A 1 80  ? 6.404   -10.073 -4.006  1.00 61.48  ? 488 ILE A O     1 
ATOM   450  C CB    . ILE A 1 80  ? 7.982   -12.675 -3.113  1.00 79.98  ? 488 ILE A CB    1 
ATOM   451  C CG1   . ILE A 1 80  ? 7.495   -12.819 -4.557  1.00 75.89  ? 488 ILE A CG1   1 
ATOM   452  C CG2   . ILE A 1 80  ? 7.979   -14.021 -2.401  1.00 86.46  ? 488 ILE A CG2   1 
ATOM   453  C CD1   . ILE A 1 80  ? 8.501   -13.481 -5.476  1.00 68.35  ? 488 ILE A CD1   1 
ATOM   454  N N     . CYS A 1 81  ? 8.001   -9.400  -2.554  1.00 59.65  ? 489 CYS A N     1 
ATOM   455  C CA    . CYS A 1 81  ? 8.215   -8.077  -3.130  1.00 68.39  ? 489 CYS A CA    1 
ATOM   456  C C     . CYS A 1 81  ? 9.331   -7.395  -2.352  1.00 53.72  ? 489 CYS A C     1 
ATOM   457  O O     . CYS A 1 81  ? 9.897   -7.982  -1.429  1.00 64.37  ? 489 CYS A O     1 
ATOM   458  C CB    . CYS A 1 81  ? 6.940   -7.229  -3.094  1.00 51.00  ? 489 CYS A CB    1 
ATOM   459  S SG    . CYS A 1 81  ? 6.183   -7.080  -1.463  1.00 48.47  ? 489 CYS A SG    1 
ATOM   460  N N     . ASP A 1 82  ? 9.646   -6.158  -2.715  1.00 53.28  ? 490 ASP A N     1 
ATOM   461  C CA    . ASP A 1 82  ? 10.670  -5.408  -2.003  1.00 61.97  ? 490 ASP A CA    1 
ATOM   462  C C     . ASP A 1 82  ? 10.043  -4.519  -0.935  1.00 54.89  ? 490 ASP A C     1 
ATOM   463  O O     . ASP A 1 82  ? 10.691  -4.168  0.051   1.00 53.22  ? 490 ASP A O     1 
ATOM   464  C CB    . ASP A 1 82  ? 11.500  -4.570  -2.978  1.00 52.75  ? 490 ASP A CB    1 
ATOM   465  C CG    . ASP A 1 82  ? 12.280  -5.423  -3.959  1.00 56.81  ? 490 ASP A CG    1 
ATOM   466  O OD1   . ASP A 1 82  ? 12.760  -6.505  -3.557  1.00 60.07  ? 490 ASP A OD1   1 
ATOM   467  O OD2   . ASP A 1 82  ? 12.414  -5.013  -5.131  1.00 60.14  ? 490 ASP A OD2   1 
ATOM   468  N N     . VAL A 1 83  ? 8.777   -4.167  -1.137  1.00 40.35  ? 491 VAL A N     1 
ATOM   469  C CA    . VAL A 1 83  ? 8.046   -3.326  -0.195  1.00 52.26  ? 491 VAL A CA    1 
ATOM   470  C C     . VAL A 1 83  ? 6.539   -3.488  -0.410  1.00 50.64  ? 491 VAL A C     1 
ATOM   471  O O     . VAL A 1 83  ? 6.076   -3.601  -1.544  1.00 51.34  ? 491 VAL A O     1 
ATOM   472  C CB    . VAL A 1 83  ? 8.456   -1.837  -0.332  1.00 48.06  ? 491 VAL A CB    1 
ATOM   473  C CG1   . VAL A 1 83  ? 8.238   -1.342  -1.758  1.00 37.69  ? 491 VAL A CG1   1 
ATOM   474  C CG2   . VAL A 1 83  ? 7.711   -0.967  0.671   1.00 39.37  ? 491 VAL A CG2   1 
ATOM   475  N N     . VAL A 1 84  ? 5.780   -3.523  0.681   1.00 50.78  ? 492 VAL A N     1 
ATOM   476  C CA    . VAL A 1 84  ? 4.333   -3.694  0.595   1.00 58.05  ? 492 VAL A CA    1 
ATOM   477  C C     . VAL A 1 84  ? 3.599   -2.371  0.772   1.00 57.37  ? 492 VAL A C     1 
ATOM   478  O O     . VAL A 1 84  ? 3.914   -1.592  1.673   1.00 49.93  ? 492 VAL A O     1 
ATOM   479  C CB    . VAL A 1 84  ? 3.817   -4.692  1.652   1.00 46.95  ? 492 VAL A CB    1 
ATOM   480  C CG1   . VAL A 1 84  ? 2.339   -4.982  1.436   1.00 41.64  ? 492 VAL A CG1   1 
ATOM   481  C CG2   . VAL A 1 84  ? 4.618   -5.974  1.598   1.00 51.06  ? 492 VAL A CG2   1 
ATOM   482  N N     . CYS A 1 85  ? 2.622   -2.121  -0.093  1.00 50.86  ? 493 CYS A N     1 
ATOM   483  C CA    . CYS A 1 85  ? 1.770   -0.946  0.029   1.00 42.29  ? 493 CYS A CA    1 
ATOM   484  C C     . CYS A 1 85  ? 0.359   -1.356  0.435   1.00 49.18  ? 493 CYS A C     1 
ATOM   485  O O     . CYS A 1 85  ? -0.467  -1.687  -0.415  1.00 45.12  ? 493 CYS A O     1 
ATOM   486  C CB    . CYS A 1 85  ? 1.736   -0.162  -1.285  1.00 41.76  ? 493 CYS A CB    1 
ATOM   487  S SG    . CYS A 1 85  ? 0.763   1.364   -1.234  1.00 46.92  ? 493 CYS A SG    1 
ATOM   488  N N     . LEU A 1 86  ? 0.089   -1.345  1.736   1.00 46.62  ? 494 LEU A N     1 
ATOM   489  C CA    . LEU A 1 86  ? -1.244  -1.663  2.234   1.00 44.30  ? 494 LEU A CA    1 
ATOM   490  C C     . LEU A 1 86  ? -2.177  -0.476  2.041   1.00 57.64  ? 494 LEU A C     1 
ATOM   491  O O     . LEU A 1 86  ? -2.002  0.574   2.659   1.00 46.13  ? 494 LEU A O     1 
ATOM   492  C CB    . LEU A 1 86  ? -1.198  -2.070  3.707   1.00 50.16  ? 494 LEU A CB    1 
ATOM   493  C CG    . LEU A 1 86  ? -0.524  -3.407  4.016   1.00 37.36  ? 494 LEU A CG    1 
ATOM   494  C CD1   . LEU A 1 86  ? -0.740  -3.791  5.470   1.00 41.66  ? 494 LEU A CD1   1 
ATOM   495  C CD2   . LEU A 1 86  ? -1.033  -4.499  3.089   1.00 43.49  ? 494 LEU A CD2   1 
ATOM   496  N N     . VAL A 1 87  ? -3.169  -0.655  1.178   1.00 49.30  ? 495 VAL A N     1 
ATOM   497  C CA    . VAL A 1 87  ? -4.093  0.417   0.837   1.00 61.56  ? 495 VAL A CA    1 
ATOM   498  C C     . VAL A 1 87  ? -5.481  0.170   1.417   1.00 60.57  ? 495 VAL A C     1 
ATOM   499  O O     . VAL A 1 87  ? -6.110  -0.846  1.124   1.00 54.87  ? 495 VAL A O     1 
ATOM   500  C CB    . VAL A 1 87  ? -4.206  0.580   -0.690  1.00 46.89  ? 495 VAL A CB    1 
ATOM   501  C CG1   . VAL A 1 87  ? -5.186  1.682   -1.033  1.00 54.04  ? 495 VAL A CG1   1 
ATOM   502  C CG2   . VAL A 1 87  ? -2.840  0.869   -1.292  1.00 59.21  ? 495 VAL A CG2   1 
ATOM   503  N N     . TYR A 1 88  ? -5.955  1.096   2.246   1.00 61.28  ? 496 TYR A N     1 
ATOM   504  C CA    . TYR A 1 88  ? -7.315  1.006   2.764   1.00 57.29  ? 496 TYR A CA    1 
ATOM   505  C C     . TYR A 1 88  ? -8.107  2.262   2.418   1.00 67.61  ? 496 TYR A C     1 
ATOM   506  O O     . TYR A 1 88  ? -7.535  3.318   2.146   1.00 59.09  ? 496 TYR A O     1 
ATOM   507  C CB    . TYR A 1 88  ? -7.315  0.762   4.279   1.00 58.51  ? 496 TYR A CB    1 
ATOM   508  C CG    . TYR A 1 88  ? -7.030  1.974   5.141   1.00 55.51  ? 496 TYR A CG    1 
ATOM   509  C CD1   . TYR A 1 88  ? -5.727  2.356   5.432   1.00 58.95  ? 496 TYR A CD1   1 
ATOM   510  C CD2   . TYR A 1 88  ? -8.068  2.717   5.693   1.00 63.31  ? 496 TYR A CD2   1 
ATOM   511  C CE1   . TYR A 1 88  ? -5.465  3.454   6.229   1.00 57.17  ? 496 TYR A CE1   1 
ATOM   512  C CE2   . TYR A 1 88  ? -7.815  3.818   6.491   1.00 55.28  ? 496 TYR A CE2   1 
ATOM   513  C CZ    . TYR A 1 88  ? -6.512  4.180   6.756   1.00 61.44  ? 496 TYR A CZ    1 
ATOM   514  O OH    . TYR A 1 88  ? -6.255  5.274   7.550   1.00 64.81  ? 496 TYR A OH    1 
ATOM   515  N N     . ASP A 1 89  ? -9.428  2.131   2.424   1.00 68.78  ? 497 ASP A N     1 
ATOM   516  C CA    . ASP A 1 89  ? -10.316 3.206   2.005   1.00 65.20  ? 497 ASP A CA    1 
ATOM   517  C C     . ASP A 1 89  ? -10.938 3.904   3.215   1.00 65.58  ? 497 ASP A C     1 
ATOM   518  O O     . ASP A 1 89  ? -11.614 3.274   4.026   1.00 73.05  ? 497 ASP A O     1 
ATOM   519  C CB    . ASP A 1 89  ? -11.403 2.650   1.081   1.00 69.28  ? 497 ASP A CB    1 
ATOM   520  C CG    . ASP A 1 89  ? -12.316 3.726   0.531   1.00 66.61  ? 497 ASP A CG    1 
ATOM   521  O OD1   . ASP A 1 89  ? -12.012 4.923   0.707   1.00 65.37  ? 497 ASP A OD1   1 
ATOM   522  O OD2   . ASP A 1 89  ? -13.340 3.368   -0.090  1.00 58.70  ? 497 ASP A OD2   1 
ATOM   523  N N     . VAL A 1 90  ? -10.710 5.210   3.325   1.00 65.50  ? 498 VAL A N     1 
ATOM   524  C CA    . VAL A 1 90  ? -11.189 5.986   4.469   1.00 69.26  ? 498 VAL A CA    1 
ATOM   525  C C     . VAL A 1 90  ? -12.705 6.163   4.450   1.00 63.78  ? 498 VAL A C     1 
ATOM   526  O O     . VAL A 1 90  ? -13.291 6.638   5.422   1.00 75.20  ? 498 VAL A O     1 
ATOM   527  C CB    . VAL A 1 90  ? -10.532 7.377   4.521   1.00 65.37  ? 498 VAL A CB    1 
ATOM   528  C CG1   . VAL A 1 90  ? -9.020  7.245   4.632   1.00 62.42  ? 498 VAL A CG1   1 
ATOM   529  C CG2   . VAL A 1 90  ? -10.913 8.189   3.296   1.00 66.31  ? 498 VAL A CG2   1 
ATOM   530  N N     . SER A 1 91  ? -13.335 5.789   3.341   1.00 70.60  ? 499 SER A N     1 
ATOM   531  C CA    . SER A 1 91  ? -14.789 5.840   3.242   1.00 66.32  ? 499 SER A CA    1 
ATOM   532  C C     . SER A 1 91  ? -15.383 4.461   3.512   1.00 76.08  ? 499 SER A C     1 
ATOM   533  O O     . SER A 1 91  ? -16.584 4.326   3.751   1.00 73.30  ? 499 SER A O     1 
ATOM   534  C CB    . SER A 1 91  ? -15.224 6.349   1.867   1.00 59.96  ? 499 SER A CB    1 
ATOM   535  O OG    . SER A 1 91  ? -14.752 5.506   0.831   1.00 68.34  ? 499 SER A OG    1 
ATOM   536  N N     . ASN A 1 92  ? -14.532 3.441   3.468   1.00 70.50  ? 500 ASN A N     1 
ATOM   537  C CA    . ASN A 1 92  ? -14.947 2.074   3.761   1.00 64.23  ? 500 ASN A CA    1 
ATOM   538  C C     . ASN A 1 92  ? -14.416 1.634   5.121   1.00 57.18  ? 500 ASN A C     1 
ATOM   539  O O     . ASN A 1 92  ? -13.231 1.335   5.261   1.00 66.91  ? 500 ASN A O     1 
ATOM   540  C CB    . ASN A 1 92  ? -14.466 1.120   2.665   1.00 62.07  ? 500 ASN A CB    1 
ATOM   541  C CG    . ASN A 1 92  ? -15.139 -0.241  2.730   1.00 66.82  ? 500 ASN A CG    1 
ATOM   542  O OD1   . ASN A 1 92  ? -15.663 -0.646  3.768   1.00 73.09  ? 500 ASN A OD1   1 
ATOM   543  N ND2   . ASN A 1 92  ? -15.123 -0.958  1.612   1.00 59.47  ? 500 ASN A ND2   1 
ATOM   544  N N     . PRO A 1 93  ? -15.299 1.586   6.128   1.00 71.17  ? 501 PRO A N     1 
ATOM   545  C CA    . PRO A 1 93  ? -14.921 1.246   7.505   1.00 68.01  ? 501 PRO A CA    1 
ATOM   546  C C     . PRO A 1 93  ? -14.476 -0.209  7.672   1.00 64.66  ? 501 PRO A C     1 
ATOM   547  O O     . PRO A 1 93  ? -13.987 -0.576  8.740   1.00 61.35  ? 501 PRO A O     1 
ATOM   548  C CB    . PRO A 1 93  ? -16.208 1.515   8.294   1.00 76.64  ? 501 PRO A CB    1 
ATOM   549  C CG    . PRO A 1 93  ? -17.300 1.354   7.296   1.00 70.43  ? 501 PRO A CG    1 
ATOM   550  C CD    . PRO A 1 93  ? -16.740 1.867   6.005   1.00 62.94  ? 501 PRO A CD    1 
ATOM   551  N N     . LYS A 1 94  ? -14.637 -1.016  6.630   1.00 67.33  ? 502 LYS A N     1 
ATOM   552  C CA    . LYS A 1 94  ? -14.258 -2.424  6.683   1.00 58.96  ? 502 LYS A CA    1 
ATOM   553  C C     . LYS A 1 94  ? -12.981 -2.708  5.895   1.00 64.83  ? 502 LYS A C     1 
ATOM   554  O O     . LYS A 1 94  ? -12.592 -3.864  5.728   1.00 68.68  ? 502 LYS A O     1 
ATOM   555  C CB    . LYS A 1 94  ? -15.396 -3.298  6.153   1.00 67.79  ? 502 LYS A CB    1 
ATOM   556  C CG    . LYS A 1 94  ? -16.675 -3.200  6.964   1.00 75.24  ? 502 LYS A CG    1 
ATOM   557  C CD    . LYS A 1 94  ? -17.802 -4.001  6.337   1.00 79.42  ? 502 LYS A CD    1 
ATOM   558  C CE    . LYS A 1 94  ? -19.069 -3.894  7.166   1.00 89.91  ? 502 LYS A CE    1 
ATOM   559  N NZ    . LYS A 1 94  ? -19.484 -2.474  7.338   1.00 93.77  ? 502 LYS A NZ    1 
ATOM   560  N N     . SER A 1 95  ? -12.326 -1.652  5.425   1.00 63.26  ? 503 SER A N     1 
ATOM   561  C CA    . SER A 1 95  ? -11.193 -1.804  4.518   1.00 63.97  ? 503 SER A CA    1 
ATOM   562  C C     . SER A 1 95  ? -9.852  -1.964  5.234   1.00 59.63  ? 503 SER A C     1 
ATOM   563  O O     . SER A 1 95  ? -8.960  -2.648  4.734   1.00 48.54  ? 503 SER A O     1 
ATOM   564  C CB    . SER A 1 95  ? -11.127 -0.611  3.563   1.00 55.69  ? 503 SER A CB    1 
ATOM   565  O OG    . SER A 1 95  ? -10.889 0.594   4.266   1.00 63.40  ? 503 SER A OG    1 
ATOM   566  N N     . PHE A 1 96  ? -9.705  -1.333  6.395   1.00 52.83  ? 504 PHE A N     1 
ATOM   567  C CA    . PHE A 1 96  ? -8.437  -1.390  7.118   1.00 56.87  ? 504 PHE A CA    1 
ATOM   568  C C     . PHE A 1 96  ? -8.224  -2.739  7.799   1.00 63.50  ? 504 PHE A C     1 
ATOM   569  O O     . PHE A 1 96  ? -7.086  -3.181  7.964   1.00 66.38  ? 504 PHE A O     1 
ATOM   570  C CB    . PHE A 1 96  ? -8.351  -0.269  8.157   1.00 49.19  ? 504 PHE A CB    1 
ATOM   571  C CG    . PHE A 1 96  ? -7.098  -0.314  8.987   1.00 60.62  ? 504 PHE A CG    1 
ATOM   572  C CD1   . PHE A 1 96  ? -5.899  0.158   8.479   1.00 56.33  ? 504 PHE A CD1   1 
ATOM   573  C CD2   . PHE A 1 96  ? -7.118  -0.835  10.271  1.00 49.39  ? 504 PHE A CD2   1 
ATOM   574  C CE1   . PHE A 1 96  ? -4.744  0.112   9.235   1.00 55.78  ? 504 PHE A CE1   1 
ATOM   575  C CE2   . PHE A 1 96  ? -5.964  -0.882  11.033  1.00 63.51  ? 504 PHE A CE2   1 
ATOM   576  C CZ    . PHE A 1 96  ? -4.776  -0.409  10.513  1.00 59.14  ? 504 PHE A CZ    1 
ATOM   577  N N     . GLU A 1 97  ? -9.318  -3.380  8.201   1.00 55.68  ? 505 GLU A N     1 
ATOM   578  C CA    . GLU A 1 97  ? -9.249  -4.683  8.856   1.00 57.61  ? 505 GLU A CA    1 
ATOM   579  C C     . GLU A 1 97  ? -8.549  -5.697  7.958   1.00 53.05  ? 505 GLU A C     1 
ATOM   580  O O     . GLU A 1 97  ? -7.796  -6.547  8.430   1.00 50.43  ? 505 GLU A O     1 
ATOM   581  C CB    . GLU A 1 97  ? -10.654 -5.171  9.228   1.00 60.17  ? 505 GLU A CB    1 
ATOM   582  C CG    . GLU A 1 97  ? -10.690 -6.452  10.056  1.00 62.75  ? 505 GLU A CG    1 
ATOM   583  C CD    . GLU A 1 97  ? -10.634 -7.710  9.206   1.00 67.60  ? 505 GLU A CD    1 
ATOM   584  O OE1   . GLU A 1 97  ? -11.045 -7.651  8.029   1.00 69.10  ? 505 GLU A OE1   1 
ATOM   585  O OE2   . GLU A 1 97  ? -10.178 -8.755  9.717   1.00 55.98  ? 505 GLU A OE2   1 
ATOM   586  N N     . TYR A 1 98  ? -8.805  -5.593  6.658   1.00 50.87  ? 506 TYR A N     1 
ATOM   587  C CA    . TYR A 1 98  ? -8.181  -6.465  5.674   1.00 48.47  ? 506 TYR A CA    1 
ATOM   588  C C     . TYR A 1 98  ? -6.674  -6.234  5.609   1.00 57.85  ? 506 TYR A C     1 
ATOM   589  O O     . TYR A 1 98  ? -5.895  -7.185  5.561   1.00 53.53  ? 506 TYR A O     1 
ATOM   590  C CB    . TYR A 1 98  ? -8.818  -6.248  4.298   1.00 45.92  ? 506 TYR A CB    1 
ATOM   591  C CG    . TYR A 1 98  ? -8.152  -7.005  3.173   1.00 61.54  ? 506 TYR A CG    1 
ATOM   592  C CD1   . TYR A 1 98  ? -8.423  -8.349  2.957   1.00 46.16  ? 506 TYR A CD1   1 
ATOM   593  C CD2   . TYR A 1 98  ? -7.262  -6.371  2.316   1.00 51.18  ? 506 TYR A CD2   1 
ATOM   594  C CE1   . TYR A 1 98  ? -7.819  -9.044  1.926   1.00 59.92  ? 506 TYR A CE1   1 
ATOM   595  C CE2   . TYR A 1 98  ? -6.653  -7.057  1.283   1.00 48.68  ? 506 TYR A CE2   1 
ATOM   596  C CZ    . TYR A 1 98  ? -6.934  -8.392  1.093   1.00 60.09  ? 506 TYR A CZ    1 
ATOM   597  O OH    . TYR A 1 98  ? -6.330  -9.077  0.064   1.00 68.75  ? 506 TYR A OH    1 
ATOM   598  N N     . CYS A 1 99  ? -6.268  -4.966  5.614   1.00 41.98  ? 507 CYS A N     1 
ATOM   599  C CA    . CYS A 1 99  ? -4.853  -4.613  5.578   1.00 50.01  ? 507 CYS A CA    1 
ATOM   600  C C     . CYS A 1 99  ? -4.118  -5.136  6.807   1.00 42.79  ? 507 CYS A C     1 
ATOM   601  O O     . CYS A 1 99  ? -3.038  -5.716  6.696   1.00 38.05  ? 507 CYS A O     1 
ATOM   602  C CB    . CYS A 1 99  ? -4.678  -3.096  5.475   1.00 49.73  ? 507 CYS A CB    1 
ATOM   603  S SG    . CYS A 1 99  ? -5.233  -2.376  3.914   1.00 49.06  ? 507 CYS A SG    1 
ATOM   604  N N     . ALA A 1 100 ? -4.715  -4.928  7.976   1.00 51.78  ? 508 ALA A N     1 
ATOM   605  C CA    . ALA A 1 100 ? -4.119  -5.368  9.232   1.00 53.03  ? 508 ALA A CA    1 
ATOM   606  C C     . ALA A 1 100 ? -4.004  -6.888  9.294   1.00 59.81  ? 508 ALA A C     1 
ATOM   607  O O     . ALA A 1 100 ? -2.999  -7.424  9.761   1.00 57.05  ? 508 ALA A O     1 
ATOM   608  C CB    . ALA A 1 100 ? -4.931  -4.852  10.409  1.00 66.79  ? 508 ALA A CB    1 
ATOM   609  N N     . ARG A 1 101 ? -5.034  -7.580  8.816   1.00 46.74  ? 509 ARG A N     1 
ATOM   610  C CA    . ARG A 1 101 ? -5.054  -9.039  8.839   1.00 48.16  ? 509 ARG A CA    1 
ATOM   611  C C     . ARG A 1 101 ? -4.002  -9.630  7.903   1.00 46.30  ? 509 ARG A C     1 
ATOM   612  O O     . ARG A 1 101 ? -3.307  -10.580 8.262   1.00 58.64  ? 509 ARG A O     1 
ATOM   613  C CB    . ARG A 1 101 ? -6.445  -9.560  8.466   1.00 64.69  ? 509 ARG A CB    1 
ATOM   614  C CG    . ARG A 1 101 ? -6.566  -11.075 8.481   1.00 53.69  ? 509 ARG A CG    1 
ATOM   615  C CD    . ARG A 1 101 ? -7.999  -11.519 8.224   1.00 68.83  ? 509 ARG A CD    1 
ATOM   616  N NE    . ARG A 1 101 ? -8.491  -11.068 6.925   1.00 69.57  ? 509 ARG A NE    1 
ATOM   617  C CZ    . ARG A 1 101 ? -8.284  -11.713 5.782   1.00 64.57  ? 509 ARG A CZ    1 
ATOM   618  N NH1   . ARG A 1 101 ? -7.592  -12.843 5.771   1.00 66.10  ? 509 ARG A NH1   1 
ATOM   619  N NH2   . ARG A 1 101 ? -8.769  -11.227 4.648   1.00 67.19  ? 509 ARG A NH2   1 
ATOM   620  N N     . ILE A 1 102 ? -3.890  -9.062  6.707   1.00 54.92  ? 510 ILE A N     1 
ATOM   621  C CA    . ILE A 1 102 ? -2.902  -9.515  5.733   1.00 56.94  ? 510 ILE A CA    1 
ATOM   622  C C     . ILE A 1 102 ? -1.483  -9.245  6.233   1.00 44.84  ? 510 ILE A C     1 
ATOM   623  O O     . ILE A 1 102 ? -0.580  -10.063 6.048   1.00 50.11  ? 510 ILE A O     1 
ATOM   624  C CB    . ILE A 1 102 ? -3.112  -8.834  4.360   1.00 47.49  ? 510 ILE A CB    1 
ATOM   625  C CG1   . ILE A 1 102 ? -4.424  -9.304  3.729   1.00 49.92  ? 510 ILE A CG1   1 
ATOM   626  C CG2   . ILE A 1 102 ? -1.949  -9.124  3.423   1.00 57.67  ? 510 ILE A CG2   1 
ATOM   627  C CD1   . ILE A 1 102 ? -4.516  -10.805 3.542   1.00 41.99  ? 510 ILE A CD1   1 
ATOM   628  N N     . PHE A 1 103 ? -1.300  -8.097  6.882   1.00 40.18  ? 511 PHE A N     1 
ATOM   629  C CA    . PHE A 1 103 ? -0.004  -7.721  7.440   1.00 58.17  ? 511 PHE A CA    1 
ATOM   630  C C     . PHE A 1 103 ? 0.502   -8.746  8.449   1.00 46.61  ? 511 PHE A C     1 
ATOM   631  O O     . PHE A 1 103 ? 1.628   -9.231  8.347   1.00 49.31  ? 511 PHE A O     1 
ATOM   632  C CB    . PHE A 1 103 ? -0.088  -6.343  8.103   1.00 38.02  ? 511 PHE A CB    1 
ATOM   633  C CG    . PHE A 1 103 ? 1.152   -5.955  8.861   1.00 51.33  ? 511 PHE A CG    1 
ATOM   634  C CD1   . PHE A 1 103 ? 2.237   -5.401  8.202   1.00 58.84  ? 511 PHE A CD1   1 
ATOM   635  C CD2   . PHE A 1 103 ? 1.228   -6.131  10.235  1.00 58.05  ? 511 PHE A CD2   1 
ATOM   636  C CE1   . PHE A 1 103 ? 3.379   -5.041  8.895   1.00 61.12  ? 511 PHE A CE1   1 
ATOM   637  C CE2   . PHE A 1 103 ? 2.366   -5.774  10.933  1.00 57.61  ? 511 PHE A CE2   1 
ATOM   638  C CZ    . PHE A 1 103 ? 3.442   -5.227  10.262  1.00 68.21  ? 511 PHE A CZ    1 
ATOM   639  N N     . LYS A 1 104 ? -0.341  -9.072  9.422   1.00 46.67  ? 512 LYS A N     1 
ATOM   640  C CA    . LYS A 1 104 ? 0.041   -9.975  10.502  1.00 67.50  ? 512 LYS A CA    1 
ATOM   641  C C     . LYS A 1 104 ? 0.220   -11.412 10.020  1.00 61.65  ? 512 LYS A C     1 
ATOM   642  O O     . LYS A 1 104 ? 0.945   -12.194 10.633  1.00 57.04  ? 512 LYS A O     1 
ATOM   643  C CB    . LYS A 1 104 ? -1.000  -9.922  11.621  1.00 60.28  ? 512 LYS A CB    1 
ATOM   644  C CG    . LYS A 1 104 ? -1.233  -8.527  12.179  1.00 65.18  ? 512 LYS A CG    1 
ATOM   645  C CD    . LYS A 1 104 ? -2.394  -8.506  13.162  1.00 51.77  ? 512 LYS A CD    1 
ATOM   646  C CE    . LYS A 1 104 ? -2.019  -9.188  14.464  1.00 55.79  ? 512 LYS A CE    1 
ATOM   647  N NZ    . LYS A 1 104 ? -3.088  -9.066  15.496  1.00 72.04  ? 512 LYS A NZ    1 
ATOM   648  N N     . GLN A 1 105 ? -0.436  -11.753 8.915   1.00 58.04  ? 513 GLN A N     1 
ATOM   649  C CA    . GLN A 1 105 ? -0.408  -13.117 8.401   1.00 56.24  ? 513 GLN A CA    1 
ATOM   650  C C     . GLN A 1 105 ? 0.802   -13.378 7.505   1.00 62.74  ? 513 GLN A C     1 
ATOM   651  O O     . GLN A 1 105 ? 1.332   -14.489 7.475   1.00 63.37  ? 513 GLN A O     1 
ATOM   652  C CB    . GLN A 1 105 ? -1.700  -13.418 7.632   1.00 47.49  ? 513 GLN A CB    1 
ATOM   653  C CG    . GLN A 1 105 ? -1.771  -14.820 7.040   1.00 81.40  ? 513 GLN A CG    1 
ATOM   654  C CD    . GLN A 1 105 ? -3.152  -15.171 6.519   1.00 87.47  ? 513 GLN A CD    1 
ATOM   655  O OE1   . GLN A 1 105 ? -4.126  -14.463 6.778   1.00 84.65  ? 513 GLN A OE1   1 
ATOM   656  N NE2   . GLN A 1 105 ? -3.243  -16.269 5.777   1.00 74.73  ? 513 GLN A NE2   1 
ATOM   657  N N     . HIS A 1 106 ? 1.249   -12.353 6.786   1.00 55.25  ? 514 HIS A N     1 
ATOM   658  C CA    . HIS A 1 106 ? 2.281   -12.548 5.772   1.00 53.73  ? 514 HIS A CA    1 
ATOM   659  C C     . HIS A 1 106 ? 3.495   -11.631 5.907   1.00 57.04  ? 514 HIS A C     1 
ATOM   660  O O     . HIS A 1 106 ? 4.564   -11.941 5.381   1.00 54.81  ? 514 HIS A O     1 
ATOM   661  C CB    . HIS A 1 106 ? 1.674   -12.365 4.378   1.00 56.13  ? 514 HIS A CB    1 
ATOM   662  C CG    . HIS A 1 106 ? 0.573   -13.328 4.064   1.00 68.03  ? 514 HIS A CG    1 
ATOM   663  N ND1   . HIS A 1 106 ? 0.808   -14.655 3.763   1.00 68.61  ? 514 HIS A ND1   1 
ATOM   664  C CD2   . HIS A 1 106 ? -0.766  -13.163 3.994   1.00 65.70  ? 514 HIS A CD2   1 
ATOM   665  C CE1   . HIS A 1 106 ? -0.336  -15.261 3.525   1.00 48.08  ? 514 HIS A CE1   1 
ATOM   666  N NE2   . HIS A 1 106 ? -1.316  -14.373 3.660   1.00 73.46  ? 514 HIS A NE2   1 
ATOM   667  N N     . PHE A 1 107 ? 3.343   -10.508 6.603   1.00 55.53  ? 515 PHE A N     1 
ATOM   668  C CA    . PHE A 1 107 ? 4.386   -9.487  6.578   1.00 61.94  ? 515 PHE A CA    1 
ATOM   669  C C     . PHE A 1 107 ? 4.903   -9.047  7.949   1.00 53.52  ? 515 PHE A C     1 
ATOM   670  O O     . PHE A 1 107 ? 5.967   -8.433  8.039   1.00 64.36  ? 515 PHE A O     1 
ATOM   671  C CB    . PHE A 1 107 ? 3.883   -8.263  5.814   1.00 47.30  ? 515 PHE A CB    1 
ATOM   672  C CG    . PHE A 1 107 ? 3.445   -8.566  4.410   1.00 49.79  ? 515 PHE A CG    1 
ATOM   673  C CD1   . PHE A 1 107 ? 4.347   -9.058  3.482   1.00 49.69  ? 515 PHE A CD1   1 
ATOM   674  C CD2   . PHE A 1 107 ? 2.134   -8.357  4.017   1.00 53.37  ? 515 PHE A CD2   1 
ATOM   675  C CE1   . PHE A 1 107 ? 3.949   -9.341  2.189   1.00 51.11  ? 515 PHE A CE1   1 
ATOM   676  C CE2   . PHE A 1 107 ? 1.730   -8.635  2.725   1.00 56.12  ? 515 PHE A CE2   1 
ATOM   677  C CZ    . PHE A 1 107 ? 2.639   -9.128  1.810   1.00 53.91  ? 515 PHE A CZ    1 
ATOM   678  N N     . MET A 1 108 ? 4.161   -9.349  9.009   1.00 67.73  ? 516 MET A N     1 
ATOM   679  C CA    . MET A 1 108 ? 4.584   -8.962  10.354  1.00 72.47  ? 516 MET A CA    1 
ATOM   680  C C     . MET A 1 108 ? 5.856   -9.705  10.753  1.00 86.92  ? 516 MET A C     1 
ATOM   681  O O     . MET A 1 108 ? 6.721   -9.157  11.437  1.00 90.44  ? 516 MET A O     1 
ATOM   682  C CB    . MET A 1 108 ? 3.472   -9.227  11.370  1.00 67.63  ? 516 MET A CB    1 
ATOM   683  C CG    . MET A 1 108 ? 3.822   -8.823  12.795  1.00 53.26  ? 516 MET A CG    1 
ATOM   684  S SD    . MET A 1 108 ? 2.450   -9.039  13.947  1.00 65.31  ? 516 MET A SD    1 
ATOM   685  C CE    . MET A 1 108 ? 2.225   -10.815 13.884  1.00 57.25  ? 516 MET A CE    1 
ATOM   686  N N     . ASP A 1 109 ? 5.964   -10.953 10.312  1.00 79.39  ? 517 ASP A N     1 
ATOM   687  C CA    . ASP A 1 109 ? 7.141   -11.771 10.578  1.00 87.72  ? 517 ASP A CA    1 
ATOM   688  C C     . ASP A 1 109 ? 7.979   -11.929 9.311   1.00 93.20  ? 517 ASP A C     1 
ATOM   689  O O     . ASP A 1 109 ? 8.213   -13.045 8.844   1.00 102.39 ? 517 ASP A O     1 
ATOM   690  C CB    . ASP A 1 109 ? 6.727   -13.141 11.120  1.00 84.23  ? 517 ASP A CB    1 
ATOM   691  C CG    . ASP A 1 109 ? 7.897   -13.931 11.677  1.00 109.28 ? 517 ASP A CG    1 
ATOM   692  O OD1   . ASP A 1 109 ? 8.770   -13.324 12.331  1.00 106.97 ? 517 ASP A OD1   1 
ATOM   693  O OD2   . ASP A 1 109 ? 7.942   -15.159 11.454  1.00 106.10 ? 517 ASP A OD2   1 
ATOM   694  N N     . SER A 1 110 ? 8.429   -10.808 8.754   1.00 65.10  ? 518 SER A N     1 
ATOM   695  C CA    . SER A 1 110 ? 9.150   -10.832 7.486   1.00 82.03  ? 518 SER A CA    1 
ATOM   696  C C     . SER A 1 110 ? 10.197  -9.726  7.368   1.00 77.72  ? 518 SER A C     1 
ATOM   697  O O     . SER A 1 110 ? 10.154  -8.728  8.089   1.00 72.97  ? 518 SER A O     1 
ATOM   698  C CB    . SER A 1 110 ? 8.165   -10.723 6.320   1.00 76.58  ? 518 SER A CB    1 
ATOM   699  O OG    . SER A 1 110 ? 7.634   -9.412  6.226   1.00 72.26  ? 518 SER A OG    1 
ATOM   700  N N     . ARG A 1 111 ? 11.132  -9.920  6.442   1.00 78.77  ? 519 ARG A N     1 
ATOM   701  C CA    . ARG A 1 111 ? 12.149  -8.925  6.120   1.00 69.32  ? 519 ARG A CA    1 
ATOM   702  C C     . ARG A 1 111 ? 11.630  -7.933  5.085   1.00 83.04  ? 519 ARG A C     1 
ATOM   703  O O     . ARG A 1 111 ? 12.410  -7.259  4.410   1.00 86.39  ? 519 ARG A O     1 
ATOM   704  C CB    . ARG A 1 111 ? 13.417  -9.605  5.598   1.00 62.94  ? 519 ARG A CB    1 
ATOM   705  C CG    . ARG A 1 111 ? 14.450  -9.932  6.662   1.00 96.22  ? 519 ARG A CG    1 
ATOM   706  C CD    . ARG A 1 111 ? 15.740  -10.432 6.024   1.00 98.13  ? 519 ARG A CD    1 
ATOM   707  N NE    . ARG A 1 111 ? 16.938  -9.884  6.658   1.00 111.08 ? 519 ARG A NE    1 
ATOM   708  C CZ    . ARG A 1 111 ? 17.363  -10.200 7.877   1.00 111.81 ? 519 ARG A CZ    1 
ATOM   709  N NH1   . ARG A 1 111 ? 16.699  -11.081 8.614   1.00 109.46 ? 519 ARG A NH1   1 
ATOM   710  N NH2   . ARG A 1 111 ? 18.462  -9.638  8.360   1.00 98.39  ? 519 ARG A NH2   1 
ATOM   711  N N     . ILE A 1 112 ? 10.311  -7.853  4.958   1.00 65.60  ? 520 ILE A N     1 
ATOM   712  C CA    . ILE A 1 112 ? 9.688   -6.988  3.966   1.00 67.82  ? 520 ILE A CA    1 
ATOM   713  C C     . ILE A 1 112 ? 9.062   -5.759  4.616   1.00 61.93  ? 520 ILE A C     1 
ATOM   714  O O     . ILE A 1 112 ? 8.129   -5.882  5.411   1.00 67.06  ? 520 ILE A O     1 
ATOM   715  C CB    . ILE A 1 112 ? 8.608   -7.739  3.165   1.00 60.67  ? 520 ILE A CB    1 
ATOM   716  C CG1   . ILE A 1 112 ? 9.163   -9.059  2.626   1.00 61.07  ? 520 ILE A CG1   1 
ATOM   717  C CG2   . ILE A 1 112 ? 8.092   -6.871  2.030   1.00 66.10  ? 520 ILE A CG2   1 
ATOM   718  C CD1   . ILE A 1 112 ? 8.158   -9.864  1.833   1.00 56.48  ? 520 ILE A CD1   1 
ATOM   719  N N     . PRO A 1 113 ? 9.577   -4.568  4.279   1.00 56.03  ? 521 PRO A N     1 
ATOM   720  C CA    . PRO A 1 113 ? 9.024   -3.306  4.784   1.00 53.38  ? 521 PRO A CA    1 
ATOM   721  C C     . PRO A 1 113 ? 7.590   -3.102  4.308   1.00 49.98  ? 521 PRO A C     1 
ATOM   722  O O     . PRO A 1 113 ? 7.240   -3.540  3.213   1.00 53.97  ? 521 PRO A O     1 
ATOM   723  C CB    . PRO A 1 113 ? 9.959   -2.248  4.192   1.00 44.63  ? 521 PRO A CB    1 
ATOM   724  C CG    . PRO A 1 113 ? 10.565  -2.900  2.997   1.00 52.84  ? 521 PRO A CG    1 
ATOM   725  C CD    . PRO A 1 113 ? 10.707  -4.347  3.361   1.00 49.55  ? 521 PRO A CD    1 
ATOM   726  N N     . CYS A 1 114 ? 6.774   -2.444  5.124   1.00 54.80  ? 522 CYS A N     1 
ATOM   727  C CA    A CYS A 1 114 ? 5.366   -2.254  4.803   0.50 56.38  ? 522 CYS A CA    1 
ATOM   728  C CA    B CYS A 1 114 ? 5.369   -2.246  4.789   0.50 56.02  ? 522 CYS A CA    1 
ATOM   729  C C     . CYS A 1 114 ? 4.932   -0.801  4.987   1.00 41.02  ? 522 CYS A C     1 
ATOM   730  O O     . CYS A 1 114 ? 5.331   -0.143  5.948   1.00 56.47  ? 522 CYS A O     1 
ATOM   731  C CB    A CYS A 1 114 ? 4.505   -3.172  5.670   0.50 44.80  ? 522 CYS A CB    1 
ATOM   732  C CB    B CYS A 1 114 ? 4.485   -3.174  5.623   0.50 44.82  ? 522 CYS A CB    1 
ATOM   733  S SG    A CYS A 1 114 ? 2.760   -3.173  5.240   0.50 56.59  ? 522 CYS A SG    1 
ATOM   734  S SG    B CYS A 1 114 ? 4.647   -4.918  5.200   0.50 56.45  ? 522 CYS A SG    1 
ATOM   735  N N     . LEU A 1 115 ? 4.110   -0.313  4.064   1.00 48.26  ? 523 LEU A N     1 
ATOM   736  C CA    . LEU A 1 115 ? 3.589   1.045   4.142   1.00 48.92  ? 523 LEU A CA    1 
ATOM   737  C C     . LEU A 1 115 ? 2.067   1.037   4.034   1.00 55.11  ? 523 LEU A C     1 
ATOM   738  O O     . LEU A 1 115 ? 1.506   0.439   3.116   1.00 56.63  ? 523 LEU A O     1 
ATOM   739  C CB    . LEU A 1 115 ? 4.192   1.922   3.043   1.00 42.14  ? 523 LEU A CB    1 
ATOM   740  C CG    . LEU A 1 115 ? 3.798   3.402   3.073   1.00 49.74  ? 523 LEU A CG    1 
ATOM   741  C CD1   . LEU A 1 115 ? 4.319   4.064   4.339   1.00 45.44  ? 523 LEU A CD1   1 
ATOM   742  C CD2   . LEU A 1 115 ? 4.301   4.133   1.835   1.00 45.03  ? 523 LEU A CD2   1 
ATOM   743  N N     . ILE A 1 116 ? 1.404   1.699   4.976   1.00 53.48  ? 524 ILE A N     1 
ATOM   744  C CA    . ILE A 1 116 ? -0.052  1.771   4.974   1.00 60.15  ? 524 ILE A CA    1 
ATOM   745  C C     . ILE A 1 116 ? -0.529  3.106   4.407   1.00 50.30  ? 524 ILE A C     1 
ATOM   746  O O     . ILE A 1 116 ? -0.138  4.170   4.884   1.00 57.02  ? 524 ILE A O     1 
ATOM   747  C CB    . ILE A 1 116 ? -0.631  1.569   6.388   1.00 42.81  ? 524 ILE A CB    1 
ATOM   748  C CG1   . ILE A 1 116 ? -0.400  0.127   6.847   1.00 48.54  ? 524 ILE A CG1   1 
ATOM   749  C CG2   . ILE A 1 116 ? -2.115  1.896   6.413   1.00 45.99  ? 524 ILE A CG2   1 
ATOM   750  C CD1   . ILE A 1 116 ? -1.032  -0.204  8.180   1.00 58.83  ? 524 ILE A CD1   1 
ATOM   751  N N     . VAL A 1 117 ? -1.372  3.035   3.383   1.00 54.29  ? 525 VAL A N     1 
ATOM   752  C CA    . VAL A 1 117 ? -1.859  4.228   2.701   1.00 47.23  ? 525 VAL A CA    1 
ATOM   753  C C     . VAL A 1 117 ? -3.358  4.435   2.899   1.00 50.55  ? 525 VAL A C     1 
ATOM   754  O O     . VAL A 1 117 ? -4.165  3.569   2.557   1.00 58.53  ? 525 VAL A O     1 
ATOM   755  C CB    . VAL A 1 117 ? -1.562  4.166   1.189   1.00 44.70  ? 525 VAL A CB    1 
ATOM   756  C CG1   . VAL A 1 117 ? -2.237  5.320   0.464   1.00 56.95  ? 525 VAL A CG1   1 
ATOM   757  C CG2   . VAL A 1 117 ? -0.062  4.176   0.944   1.00 54.83  ? 525 VAL A CG2   1 
ATOM   758  N N     . ALA A 1 118 ? -3.723  5.585   3.455   1.00 56.15  ? 526 ALA A N     1 
ATOM   759  C CA    . ALA A 1 118 ? -5.123  5.963   3.587   1.00 60.85  ? 526 ALA A CA    1 
ATOM   760  C C     . ALA A 1 118 ? -5.626  6.546   2.271   1.00 66.22  ? 526 ALA A C     1 
ATOM   761  O O     . ALA A 1 118 ? -5.466  7.738   2.010   1.00 65.30  ? 526 ALA A O     1 
ATOM   762  C CB    . ALA A 1 118 ? -5.306  6.958   4.721   1.00 69.35  ? 526 ALA A CB    1 
ATOM   763  N N     . ALA A 1 119 ? -6.232  5.698   1.445   1.00 67.31  ? 527 ALA A N     1 
ATOM   764  C CA    . ALA A 1 119 ? -6.649  6.102   0.105   1.00 54.69  ? 527 ALA A CA    1 
ATOM   765  C C     . ALA A 1 119 ? -7.994  6.819   0.103   1.00 69.76  ? 527 ALA A C     1 
ATOM   766  O O     . ALA A 1 119 ? -8.703  6.832   1.111   1.00 67.60  ? 527 ALA A O     1 
ATOM   767  C CB    . ALA A 1 119 ? -6.702  4.896   -0.812  1.00 60.86  ? 527 ALA A CB    1 
ATOM   768  N N     . LYS A 1 120 ? -8.331  7.398   -1.049  1.00 66.88  ? 528 LYS A N     1 
ATOM   769  C CA    . LYS A 1 120 ? -9.543  8.196   -1.223  1.00 77.17  ? 528 LYS A CA    1 
ATOM   770  C C     . LYS A 1 120 ? -9.628  9.279   -0.154  1.00 74.16  ? 528 LYS A C     1 
ATOM   771  O O     . LYS A 1 120 ? -10.694 9.535   0.402   1.00 74.91  ? 528 LYS A O     1 
ATOM   772  C CB    . LYS A 1 120 ? -10.792 7.311   -1.187  1.00 66.98  ? 528 LYS A CB    1 
ATOM   773  C CG    . LYS A 1 120 ? -10.775 6.169   -2.192  1.00 62.82  ? 528 LYS A CG    1 
ATOM   774  C CD    . LYS A 1 120 ? -12.167 5.588   -2.393  1.00 57.40  ? 528 LYS A CD    1 
ATOM   775  C CE    . LYS A 1 120 ? -12.118 4.303   -3.203  1.00 73.27  ? 528 LYS A CE    1 
ATOM   776  N NZ    . LYS A 1 120 ? -13.482 3.774   -3.491  1.00 81.60  ? 528 LYS A NZ    1 
ATOM   777  N N     . SER A 1 121 ? -8.491  9.914   0.116   1.00 59.59  ? 529 SER A N     1 
ATOM   778  C CA    . SER A 1 121 ? -8.376  10.894  1.190   1.00 85.33  ? 529 SER A CA    1 
ATOM   779  C C     . SER A 1 121 ? -9.317  12.086  1.025   1.00 82.40  ? 529 SER A C     1 
ATOM   780  O O     . SER A 1 121 ? -9.717  12.708  2.010   1.00 81.80  ? 529 SER A O     1 
ATOM   781  C CB    . SER A 1 121 ? -6.934  11.396  1.290   1.00 78.01  ? 529 SER A CB    1 
ATOM   782  O OG    . SER A 1 121 ? -6.524  12.027  0.089   1.00 72.97  ? 529 SER A OG    1 
ATOM   783  N N     . ASP A 1 122 ? -9.675  12.395  -0.218  1.00 85.45  ? 530 ASP A N     1 
ATOM   784  C CA    . ASP A 1 122 ? -10.512 13.557  -0.501  1.00 86.42  ? 530 ASP A CA    1 
ATOM   785  C C     . ASP A 1 122 ? -11.955 13.339  -0.043  1.00 89.89  ? 530 ASP A C     1 
ATOM   786  O O     . ASP A 1 122 ? -12.722 14.293  0.090   1.00 101.65 ? 530 ASP A O     1 
ATOM   787  C CB    . ASP A 1 122 ? -10.475 13.897  -1.994  1.00 71.47  ? 530 ASP A CB    1 
ATOM   788  C CG    . ASP A 1 122 ? -11.055 12.799  -2.858  1.00 87.57  ? 530 ASP A CG    1 
ATOM   789  O OD1   . ASP A 1 122 ? -10.902 11.613  -2.497  1.00 92.65  ? 530 ASP A OD1   1 
ATOM   790  O OD2   . ASP A 1 122 ? -11.664 13.122  -3.900  1.00 100.25 ? 530 ASP A OD2   1 
ATOM   791  N N     . LEU A 1 123 ? -12.317 12.082  0.203   1.00 86.96  ? 531 LEU A N     1 
ATOM   792  C CA    . LEU A 1 123 ? -13.625 11.748  0.766   1.00 87.12  ? 531 LEU A CA    1 
ATOM   793  C C     . LEU A 1 123 ? -13.572 11.744  2.297   1.00 79.55  ? 531 LEU A C     1 
ATOM   794  O O     . LEU A 1 123 ? -12.492 11.727  2.891   1.00 84.45  ? 531 LEU A O     1 
ATOM   795  C CB    . LEU A 1 123 ? -14.116 10.383  0.253   1.00 78.77  ? 531 LEU A CB    1 
ATOM   796  C CG    . LEU A 1 123 ? -14.625 10.365  -1.188  1.00 92.45  ? 531 LEU A CG    1 
ATOM   797  C CD1   . LEU A 1 123 ? -15.202 9.008   -1.564  1.00 73.86  ? 531 LEU A CD1   1 
ATOM   798  C CD2   . LEU A 1 123 ? -15.666 11.463  -1.348  1.00 92.56  ? 531 LEU A CD2   1 
ATOM   799  N N     . HIS A 1 124 ? -14.742 11.722  2.928   1.00 78.85  ? 532 HIS A N     1 
ATOM   800  C CA    . HIS A 1 124 ? -14.842 11.827  4.384   1.00 83.10  ? 532 HIS A CA    1 
ATOM   801  C C     . HIS A 1 124 ? -14.314 10.582  5.094   1.00 86.30  ? 532 HIS A C     1 
ATOM   802  O O     . HIS A 1 124 ? -14.571 9.454   4.671   1.00 84.85  ? 532 HIS A O     1 
ATOM   803  C CB    . HIS A 1 124 ? -16.293 12.095  4.798   1.00 94.84  ? 532 HIS A CB    1 
ATOM   804  C CG    . HIS A 1 124 ? -16.517 12.085  6.281   1.00 110.37 ? 532 HIS A CG    1 
ATOM   805  N ND1   . HIS A 1 124 ? -17.141 11.048  6.932   1.00 103.72 ? 532 HIS A ND1   1 
ATOM   806  C CD2   . HIS A 1 124 ? -16.189 12.992  7.236   1.00 104.20 ? 532 HIS A CD2   1 
ATOM   807  C CE1   . HIS A 1 124 ? -17.195 11.314  8.229   1.00 95.04  ? 532 HIS A CE1   1 
ATOM   808  N NE2   . HIS A 1 124 ? -16.628 12.479  8.438   1.00 109.58 ? 532 HIS A NE2   1 
ATOM   809  N N     . GLU A 1 125 ? -13.568 10.802  6.172   1.00 78.20  ? 533 GLU A N     1 
ATOM   810  C CA    . GLU A 1 125 ? -12.947 9.714   6.919   1.00 70.75  ? 533 GLU A CA    1 
ATOM   811  C C     . GLU A 1 125 ? -13.875 9.145   7.991   1.00 78.13  ? 533 GLU A C     1 
ATOM   812  O O     . GLU A 1 125 ? -13.957 9.674   9.100   1.00 92.79  ? 533 GLU A O     1 
ATOM   813  C CB    . GLU A 1 125 ? -11.643 10.192  7.563   1.00 68.30  ? 533 GLU A CB    1 
ATOM   814  C CG    . GLU A 1 125 ? -10.853 9.100   8.282   1.00 81.12  ? 533 GLU A CG    1 
ATOM   815  C CD    . GLU A 1 125 ? -9.607  9.634   8.966   1.00 100.20 ? 533 GLU A CD    1 
ATOM   816  O OE1   . GLU A 1 125 ? -9.481  10.871  9.089   1.00 99.43  ? 533 GLU A OE1   1 
ATOM   817  O OE2   . GLU A 1 125 ? -8.754  8.820   9.381   1.00 115.67 ? 533 GLU A OE2   1 
ATOM   818  N N     . VAL A 1 126 ? -14.569 8.063   7.654   1.00 87.54  ? 534 VAL A N     1 
ATOM   819  C CA    . VAL A 1 126 ? -15.403 7.356   8.618   1.00 81.39  ? 534 VAL A CA    1 
ATOM   820  C C     . VAL A 1 126 ? -14.517 6.447   9.463   1.00 79.09  ? 534 VAL A C     1 
ATOM   821  O O     . VAL A 1 126 ? -13.525 5.911   8.968   1.00 79.49  ? 534 VAL A O     1 
ATOM   822  C CB    . VAL A 1 126 ? -16.502 6.526   7.920   1.00 66.99  ? 534 VAL A CB    1 
ATOM   823  C CG1   . VAL A 1 126 ? -17.502 5.989   8.936   1.00 81.65  ? 534 VAL A CG1   1 
ATOM   824  C CG2   . VAL A 1 126 ? -17.212 7.367   6.872   1.00 80.31  ? 534 VAL A CG2   1 
ATOM   825  N N     . LYS A 1 127 ? -14.865 6.284   10.737  1.00 74.63  ? 535 LYS A N     1 
ATOM   826  C CA    . LYS A 1 127 ? -14.074 5.458   11.646  1.00 74.27  ? 535 LYS A CA    1 
ATOM   827  C C     . LYS A 1 127 ? -13.986 4.012   11.172  1.00 63.91  ? 535 LYS A C     1 
ATOM   828  O O     . LYS A 1 127 ? -15.000 3.379   10.880  1.00 77.81  ? 535 LYS A O     1 
ATOM   829  C CB    . LYS A 1 127 ? -14.655 5.493   13.061  1.00 75.31  ? 535 LYS A CB    1 
ATOM   830  C CG    . LYS A 1 127 ? -13.860 4.659   14.058  1.00 66.44  ? 535 LYS A CG    1 
ATOM   831  C CD    . LYS A 1 127 ? -14.592 4.498   15.378  1.00 70.09  ? 535 LYS A CD    1 
ATOM   832  C CE    . LYS A 1 127 ? -13.816 3.594   16.325  1.00 72.11  ? 535 LYS A CE    1 
ATOM   833  N NZ    . LYS A 1 127 ? -13.507 2.277   15.703  1.00 80.91  ? 535 LYS A NZ    1 
ATOM   834  N N     . GLN A 1 128 ? -12.763 3.498   11.096  1.00 63.83  ? 536 GLN A N     1 
ATOM   835  C CA    . GLN A 1 128 ? -12.536 2.109   10.712  1.00 74.62  ? 536 GLN A CA    1 
ATOM   836  C C     . GLN A 1 128 ? -13.006 1.165   11.810  1.00 67.78  ? 536 GLN A C     1 
ATOM   837  O O     . GLN A 1 128 ? -12.817 1.444   12.995  1.00 76.53  ? 536 GLN A O     1 
ATOM   838  C CB    . GLN A 1 128 ? -11.054 1.872   10.415  1.00 59.87  ? 536 GLN A CB    1 
ATOM   839  C CG    . GLN A 1 128 ? -10.537 2.598   9.188   1.00 54.55  ? 536 GLN A CG    1 
ATOM   840  C CD    . GLN A 1 128 ? -11.144 2.072   7.903   1.00 61.19  ? 536 GLN A CD    1 
ATOM   841  O OE1   . GLN A 1 128 ? -11.580 0.923   7.831   1.00 57.68  ? 536 GLN A OE1   1 
ATOM   842  N NE2   . GLN A 1 128 ? -11.176 2.916   6.877   1.00 61.73  ? 536 GLN A NE2   1 
ATOM   843  N N     . GLU A 1 129 ? -13.622 0.053   11.424  1.00 55.91  ? 537 GLU A N     1 
ATOM   844  C CA    . GLU A 1 129 ? -14.069 -0.915  12.418  1.00 73.07  ? 537 GLU A CA    1 
ATOM   845  C C     . GLU A 1 129 ? -13.016 -1.984  12.655  1.00 67.43  ? 537 GLU A C     1 
ATOM   846  O O     . GLU A 1 129 ? -13.145 -3.122  12.201  1.00 60.85  ? 537 GLU A O     1 
ATOM   847  C CB    . GLU A 1 129 ? -15.396 -1.554  12.007  1.00 69.33  ? 537 GLU A CB    1 
ATOM   848  C CG    . GLU A 1 129 ? -16.208 -0.728  11.039  1.00 89.73  ? 537 GLU A CG    1 
ATOM   849  C CD    . GLU A 1 129 ? -17.487 -1.420  10.619  1.00 83.37  ? 537 GLU A CD    1 
ATOM   850  O OE1   . GLU A 1 129 ? -18.572 -0.932  11.000  1.00 79.75  ? 537 GLU A OE1   1 
ATOM   851  O OE2   . GLU A 1 129 ? -17.410 -2.460  9.934   1.00 89.19  ? 537 GLU A OE2   1 
ATOM   852  N N     . TYR A 1 130 ? -11.971 -1.589  13.373  1.00 57.61  ? 538 TYR A N     1 
ATOM   853  C CA    . TYR A 1 130 ? -10.925 -2.500  13.811  1.00 62.39  ? 538 TYR A CA    1 
ATOM   854  C C     . TYR A 1 130 ? -10.647 -2.234  15.287  1.00 49.69  ? 538 TYR A C     1 
ATOM   855  O O     . TYR A 1 130 ? -10.882 -1.128  15.776  1.00 54.53  ? 538 TYR A O     1 
ATOM   856  C CB    . TYR A 1 130 ? -9.658  -2.325  12.968  1.00 59.31  ? 538 TYR A CB    1 
ATOM   857  C CG    . TYR A 1 130 ? -8.616  -3.399  13.178  1.00 67.30  ? 538 TYR A CG    1 
ATOM   858  C CD1   . TYR A 1 130 ? -8.871  -4.720  12.833  1.00 51.12  ? 538 TYR A CD1   1 
ATOM   859  C CD2   . TYR A 1 130 ? -7.372  -3.088  13.708  1.00 50.50  ? 538 TYR A CD2   1 
ATOM   860  C CE1   . TYR A 1 130 ? -7.916  -5.702  13.020  1.00 64.23  ? 538 TYR A CE1   1 
ATOM   861  C CE2   . TYR A 1 130 ? -6.412  -4.062  13.898  1.00 52.15  ? 538 TYR A CE2   1 
ATOM   862  C CZ    . TYR A 1 130 ? -6.689  -5.366  13.553  1.00 62.17  ? 538 TYR A CZ    1 
ATOM   863  O OH    . TYR A 1 130 ? -5.734  -6.337  13.742  1.00 56.34  ? 538 TYR A OH    1 
ATOM   864  N N     . SER A 1 131 ? -10.159 -3.246  15.996  1.00 61.08  ? 539 SER A N     1 
ATOM   865  C CA    . SER A 1 131 ? -9.902  -3.121  17.428  1.00 62.80  ? 539 SER A CA    1 
ATOM   866  C C     . SER A 1 131 ? -8.812  -2.093  17.716  1.00 71.15  ? 539 SER A C     1 
ATOM   867  O O     . SER A 1 131 ? -8.764  -1.511  18.800  1.00 72.48  ? 539 SER A O     1 
ATOM   868  C CB    . SER A 1 131 ? -9.512  -4.478  18.017  1.00 68.31  ? 539 SER A CB    1 
ATOM   869  O OG    . SER A 1 131 ? -8.447  -5.062  17.289  1.00 75.24  ? 539 SER A OG    1 
ATOM   870  N N     . ILE A 1 132 ? -7.937  -1.876  16.739  1.00 72.02  ? 540 ILE A N     1 
ATOM   871  C CA    . ILE A 1 132 ? -6.819  -0.953  16.896  1.00 69.28  ? 540 ILE A CA    1 
ATOM   872  C C     . ILE A 1 132 ? -6.863  0.155   15.847  1.00 62.06  ? 540 ILE A C     1 
ATOM   873  O O     . ILE A 1 132 ? -7.120  -0.101  14.672  1.00 74.51  ? 540 ILE A O     1 
ATOM   874  C CB    . ILE A 1 132 ? -5.466  -1.691  16.796  1.00 70.00  ? 540 ILE A CB    1 
ATOM   875  C CG1   . ILE A 1 132 ? -5.440  -2.897  17.740  1.00 74.86  ? 540 ILE A CG1   1 
ATOM   876  C CG2   . ILE A 1 132 ? -4.310  -0.747  17.096  1.00 51.20  ? 540 ILE A CG2   1 
ATOM   877  C CD1   . ILE A 1 132 ? -4.218  -3.773  17.577  1.00 69.35  ? 540 ILE A CD1   1 
ATOM   878  N N     . SER A 1 133 ? -6.619  1.388   16.283  1.00 52.05  ? 541 SER A N     1 
ATOM   879  C CA    . SER A 1 133 ? -6.528  2.522   15.370  1.00 73.19  ? 541 SER A CA    1 
ATOM   880  C C     . SER A 1 133 ? -5.379  2.330   14.384  1.00 61.92  ? 541 SER A C     1 
ATOM   881  O O     . SER A 1 133 ? -4.342  1.772   14.743  1.00 61.45  ? 541 SER A O     1 
ATOM   882  C CB    . SER A 1 133 ? -6.341  3.825   16.153  1.00 62.17  ? 541 SER A CB    1 
ATOM   883  O OG    . SER A 1 133 ? -6.009  4.898   15.290  1.00 80.00  ? 541 SER A OG    1 
ATOM   884  N N     . PRO A 1 134 ? -5.570  2.780   13.132  1.00 54.96  ? 542 PRO A N     1 
ATOM   885  C CA    . PRO A 1 134 ? -4.529  2.719   12.100  1.00 45.88  ? 542 PRO A CA    1 
ATOM   886  C C     . PRO A 1 134 ? -3.214  3.348   12.548  1.00 56.44  ? 542 PRO A C     1 
ATOM   887  O O     . PRO A 1 134 ? -2.156  2.745   12.366  1.00 52.85  ? 542 PRO A O     1 
ATOM   888  C CB    . PRO A 1 134 ? -5.143  3.509   10.942  1.00 61.64  ? 542 PRO A CB    1 
ATOM   889  C CG    . PRO A 1 134 ? -6.608  3.317   11.108  1.00 59.83  ? 542 PRO A CG    1 
ATOM   890  C CD    . PRO A 1 134 ? -6.847  3.285   12.596  1.00 41.97  ? 542 PRO A CD    1 
ATOM   891  N N     . THR A 1 135 ? -3.285  4.542   13.130  1.00 58.04  ? 543 THR A N     1 
ATOM   892  C CA    . THR A 1 135 ? -2.099  5.224   13.637  1.00 56.81  ? 543 THR A CA    1 
ATOM   893  C C     . THR A 1 135 ? -1.429  4.408   14.735  1.00 61.85  ? 543 THR A C     1 
ATOM   894  O O     . THR A 1 135 ? -0.208  4.250   14.748  1.00 60.07  ? 543 THR A O     1 
ATOM   895  C CB    . THR A 1 135 ? -2.437  6.621   14.186  1.00 68.47  ? 543 THR A CB    1 
ATOM   896  O OG1   . THR A 1 135 ? -3.372  6.500   15.264  1.00 80.95  ? 543 THR A OG1   1 
ATOM   897  C CG2   . THR A 1 135 ? -3.036  7.493   13.092  1.00 49.59  ? 543 THR A CG2   1 
ATOM   898  N N     . ASP A 1 136 ? -2.239  3.894   15.657  1.00 61.95  ? 544 ASP A N     1 
ATOM   899  C CA    . ASP A 1 136 ? -1.738  3.044   16.728  1.00 55.70  ? 544 ASP A CA    1 
ATOM   900  C C     . ASP A 1 136 ? -1.143  1.761   16.161  1.00 52.49  ? 544 ASP A C     1 
ATOM   901  O O     . ASP A 1 136 ? -0.043  1.361   16.537  1.00 57.99  ? 544 ASP A O     1 
ATOM   902  C CB    . ASP A 1 136 ? -2.850  2.715   17.726  1.00 69.69  ? 544 ASP A CB    1 
ATOM   903  C CG    . ASP A 1 136 ? -3.242  3.906   18.579  1.00 71.01  ? 544 ASP A CG    1 
ATOM   904  O OD1   . ASP A 1 136 ? -3.152  5.050   18.085  1.00 84.87  ? 544 ASP A OD1   1 
ATOM   905  O OD2   . ASP A 1 136 ? -3.639  3.697   19.745  1.00 69.98  ? 544 ASP A OD2   1 
ATOM   906  N N     . PHE A 1 137 ? -1.876  1.128   15.247  1.00 50.56  ? 545 PHE A N     1 
ATOM   907  C CA    . PHE A 1 137 ? -1.435  -0.113  14.618  1.00 46.54  ? 545 PHE A CA    1 
ATOM   908  C C     . PHE A 1 137 ? -0.093  0.062   13.914  1.00 60.38  ? 545 PHE A C     1 
ATOM   909  O O     . PHE A 1 137 ? 0.786   -0.795  14.012  1.00 55.83  ? 545 PHE A O     1 
ATOM   910  C CB    . PHE A 1 137 ? -2.489  -0.613  13.625  1.00 49.22  ? 545 PHE A CB    1 
ATOM   911  C CG    . PHE A 1 137 ? -2.184  -1.964  13.040  1.00 54.99  ? 545 PHE A CG    1 
ATOM   912  C CD1   . PHE A 1 137 ? -2.586  -3.120  13.688  1.00 56.63  ? 545 PHE A CD1   1 
ATOM   913  C CD2   . PHE A 1 137 ? -1.505  -2.077  11.838  1.00 54.95  ? 545 PHE A CD2   1 
ATOM   914  C CE1   . PHE A 1 137 ? -2.311  -4.364  13.152  1.00 63.06  ? 545 PHE A CE1   1 
ATOM   915  C CE2   . PHE A 1 137 ? -1.226  -3.318  11.296  1.00 58.43  ? 545 PHE A CE2   1 
ATOM   916  C CZ    . PHE A 1 137 ? -1.631  -4.463  11.954  1.00 60.99  ? 545 PHE A CZ    1 
ATOM   917  N N     . CYS A 1 138 ? 0.058   1.176   13.205  1.00 53.90  ? 546 CYS A N     1 
ATOM   918  C CA    . CYS A 1 138 ? 1.309   1.488   12.522  1.00 54.56  ? 546 CYS A CA    1 
ATOM   919  C C     . CYS A 1 138 ? 2.445   1.673   13.521  1.00 57.20  ? 546 CYS A C     1 
ATOM   920  O O     . CYS A 1 138 ? 3.531   1.120   13.348  1.00 59.55  ? 546 CYS A O     1 
ATOM   921  C CB    . CYS A 1 138 ? 1.158   2.745   11.662  1.00 52.42  ? 546 CYS A CB    1 
ATOM   922  S SG    . CYS A 1 138 ? 0.132   2.536   10.191  1.00 59.24  ? 546 CYS A SG    1 
ATOM   923  N N     . ARG A 1 139 ? 2.186   2.451   14.567  1.00 57.19  ? 547 ARG A N     1 
ATOM   924  C CA    . ARG A 1 139 ? 3.183   2.709   15.600  1.00 65.51  ? 547 ARG A CA    1 
ATOM   925  C C     . ARG A 1 139 ? 3.507   1.437   16.380  1.00 64.22  ? 547 ARG A C     1 
ATOM   926  O O     . ARG A 1 139 ? 4.639   1.240   16.824  1.00 71.98  ? 547 ARG A O     1 
ATOM   927  C CB    . ARG A 1 139 ? 2.699   3.812   16.548  1.00 57.65  ? 547 ARG A CB    1 
ATOM   928  C CG    . ARG A 1 139 ? 3.631   4.087   17.718  1.00 82.48  ? 547 ARG A CG    1 
ATOM   929  C CD    . ARG A 1 139 ? 3.238   5.349   18.471  1.00 73.19  ? 547 ARG A CD    1 
ATOM   930  N NE    . ARG A 1 139 ? 3.957   5.470   19.737  1.00 75.35  ? 547 ARG A NE    1 
ATOM   931  C CZ    . ARG A 1 139 ? 3.402   5.306   20.933  1.00 81.03  ? 547 ARG A CZ    1 
ATOM   932  N NH1   . ARG A 1 139 ? 2.110   5.027   21.033  1.00 75.63  ? 547 ARG A NH1   1 
ATOM   933  N NH2   . ARG A 1 139 ? 4.135   5.431   22.031  1.00 78.72  ? 547 ARG A NH2   1 
ATOM   934  N N     . LYS A 1 140 ? 2.510   0.571   16.534  1.00 59.80  ? 548 LYS A N     1 
ATOM   935  C CA    . LYS A 1 140 ? 2.692   -0.695  17.236  1.00 60.01  ? 548 LYS A CA    1 
ATOM   936  C C     . LYS A 1 140 ? 3.673   -1.612  16.509  1.00 57.19  ? 548 LYS A C     1 
ATOM   937  O O     . LYS A 1 140 ? 4.439   -2.336  17.142  1.00 65.65  ? 548 LYS A O     1 
ATOM   938  C CB    . LYS A 1 140 ? 1.349   -1.410  17.414  1.00 58.58  ? 548 LYS A CB    1 
ATOM   939  C CG    . LYS A 1 140 ? 0.531   -0.925  18.601  1.00 54.17  ? 548 LYS A CG    1 
ATOM   940  C CD    . LYS A 1 140 ? -0.867  -1.526  18.593  1.00 62.82  ? 548 LYS A CD    1 
ATOM   941  C CE    . LYS A 1 140 ? -0.818  -3.040  18.698  1.00 42.94  ? 548 LYS A CE    1 
ATOM   942  N NZ    . LYS A 1 140 ? -0.238  -3.490  19.991  1.00 69.96  ? 548 LYS A NZ    1 
ATOM   943  N N     . HIS A 1 141 ? 3.652   -1.572  15.181  1.00 61.85  ? 549 HIS A N     1 
ATOM   944  C CA    . HIS A 1 141 ? 4.483   -2.471  14.386  1.00 71.18  ? 549 HIS A CA    1 
ATOM   945  C C     . HIS A 1 141 ? 5.584   -1.736  13.625  1.00 72.94  ? 549 HIS A C     1 
ATOM   946  O O     . HIS A 1 141 ? 6.017   -2.180  12.560  1.00 66.19  ? 549 HIS A O     1 
ATOM   947  C CB    . HIS A 1 141 ? 3.612   -3.264  13.410  1.00 61.23  ? 549 HIS A CB    1 
ATOM   948  C CG    . HIS A 1 141 ? 2.623   -4.162  14.084  1.00 63.53  ? 549 HIS A CG    1 
ATOM   949  N ND1   . HIS A 1 141 ? 1.431   -3.702  14.602  1.00 64.51  ? 549 HIS A ND1   1 
ATOM   950  C CD2   . HIS A 1 141 ? 2.651   -5.492  14.334  1.00 62.18  ? 549 HIS A CD2   1 
ATOM   951  C CE1   . HIS A 1 141 ? 0.766   -4.710  15.136  1.00 77.22  ? 549 HIS A CE1   1 
ATOM   952  N NE2   . HIS A 1 141 ? 1.485   -5.809  14.986  1.00 69.71  ? 549 HIS A NE2   1 
ATOM   953  N N     . LYS A 1 142 ? 6.028   -0.612  14.185  1.00 68.70  ? 550 LYS A N     1 
ATOM   954  C CA    . LYS A 1 142 ? 7.149   0.165   13.652  1.00 58.86  ? 550 LYS A CA    1 
ATOM   955  C C     . LYS A 1 142 ? 6.997   0.548   12.182  1.00 58.84  ? 550 LYS A C     1 
ATOM   956  O O     . LYS A 1 142 ? 7.987   0.655   11.457  1.00 70.42  ? 550 LYS A O     1 
ATOM   957  C CB    . LYS A 1 142 ? 8.462   -0.600  13.839  1.00 54.67  ? 550 LYS A CB    1 
ATOM   958  C CG    . LYS A 1 142 ? 8.765   -0.977  15.278  1.00 63.37  ? 550 LYS A CG    1 
ATOM   959  C CD    . LYS A 1 142 ? 10.205  -1.438  15.428  1.00 71.49  ? 550 LYS A CD    1 
ATOM   960  C CE    . LYS A 1 142 ? 10.297  -2.695  16.274  1.00 77.06  ? 550 LYS A CE    1 
ATOM   961  N NZ    . LYS A 1 142 ? 9.596   -3.839  15.632  1.00 84.47  ? 550 LYS A NZ    1 
ATOM   962  N N     . MET A 1 143 ? 5.761   0.750   11.744  1.00 49.38  ? 551 MET A N     1 
ATOM   963  C CA    . MET A 1 143 ? 5.509   1.267   10.407  1.00 53.77  ? 551 MET A CA    1 
ATOM   964  C C     . MET A 1 143 ? 5.379   2.780   10.472  1.00 55.62  ? 551 MET A C     1 
ATOM   965  O O     . MET A 1 143 ? 5.016   3.326   11.514  1.00 55.47  ? 551 MET A O     1 
ATOM   966  C CB    . MET A 1 143 ? 4.244   0.649   9.804   1.00 39.83  ? 551 MET A CB    1 
ATOM   967  C CG    . MET A 1 143 ? 4.447   -0.726  9.194   1.00 57.16  ? 551 MET A CG    1 
ATOM   968  S SD    . MET A 1 143 ? 2.928   -1.389  8.487   1.00 65.51  ? 551 MET A SD    1 
ATOM   969  C CE    . MET A 1 143 ? 1.928   -1.589  9.958   1.00 47.81  ? 551 MET A CE    1 
ATOM   970  N N     . PRO A 1 144 ? 5.691   3.468   9.363   1.00 59.44  ? 552 PRO A N     1 
ATOM   971  C CA    . PRO A 1 144 ? 5.426   4.908   9.296   1.00 64.37  ? 552 PRO A CA    1 
ATOM   972  C C     . PRO A 1 144 ? 3.940   5.189   9.494   1.00 64.70  ? 552 PRO A C     1 
ATOM   973  O O     . PRO A 1 144 ? 3.125   4.301   9.239   1.00 62.55  ? 552 PRO A O     1 
ATOM   974  C CB    . PRO A 1 144 ? 5.879   5.285   7.882   1.00 44.34  ? 552 PRO A CB    1 
ATOM   975  C CG    . PRO A 1 144 ? 6.876   4.239   7.514   1.00 59.02  ? 552 PRO A CG    1 
ATOM   976  C CD    . PRO A 1 144 ? 6.389   2.976   8.163   1.00 53.92  ? 552 PRO A CD    1 
ATOM   977  N N     . PRO A 1 145 ? 3.592   6.399   9.957   1.00 72.50  ? 553 PRO A N     1 
ATOM   978  C CA    . PRO A 1 145 ? 2.181   6.771   10.110  1.00 59.02  ? 553 PRO A CA    1 
ATOM   979  C C     . PRO A 1 145 ? 1.412   6.607   8.801   1.00 69.96  ? 553 PRO A C     1 
ATOM   980  O O     . PRO A 1 145 ? 2.022   6.698   7.735   1.00 67.12  ? 553 PRO A O     1 
ATOM   981  C CB    . PRO A 1 145 ? 2.248   8.243   10.529  1.00 58.22  ? 553 PRO A CB    1 
ATOM   982  C CG    . PRO A 1 145 ? 3.589   8.392   11.164  1.00 74.04  ? 553 PRO A CG    1 
ATOM   983  C CD    . PRO A 1 145 ? 4.499   7.470   10.405  1.00 66.91  ? 553 PRO A CD    1 
ATOM   984  N N     . PRO A 1 146 ? 0.096   6.351   8.881   1.00 68.02  ? 554 PRO A N     1 
ATOM   985  C CA    . PRO A 1 146 ? -0.737  6.180   7.684   1.00 66.80  ? 554 PRO A CA    1 
ATOM   986  C C     . PRO A 1 146 ? -0.605  7.349   6.711   1.00 67.85  ? 554 PRO A C     1 
ATOM   987  O O     . PRO A 1 146 ? -0.715  8.505   7.116   1.00 67.92  ? 554 PRO A O     1 
ATOM   988  C CB    . PRO A 1 146 ? -2.155  6.102   8.255   1.00 69.09  ? 554 PRO A CB    1 
ATOM   989  C CG    . PRO A 1 146 ? -1.969  5.566   9.630   1.00 52.01  ? 554 PRO A CG    1 
ATOM   990  C CD    . PRO A 1 146 ? -0.676  6.154   10.121  1.00 55.00  ? 554 PRO A CD    1 
ATOM   991  N N     . GLN A 1 147 ? -0.363  7.039   5.441   1.00 64.62  ? 555 GLN A N     1 
ATOM   992  C CA    . GLN A 1 147 ? -0.176  8.066   4.423   1.00 61.51  ? 555 GLN A CA    1 
ATOM   993  C C     . GLN A 1 147 ? -1.478  8.350   3.682   1.00 59.45  ? 555 GLN A C     1 
ATOM   994  O O     . GLN A 1 147 ? -2.067  7.452   3.083   1.00 60.46  ? 555 GLN A O     1 
ATOM   995  C CB    . GLN A 1 147 ? 0.911   7.643   3.431   1.00 49.49  ? 555 GLN A CB    1 
ATOM   996  C CG    . GLN A 1 147 ? 2.202   7.161   4.078   1.00 50.99  ? 555 GLN A CG    1 
ATOM   997  C CD    . GLN A 1 147 ? 3.069   8.302   4.575   1.00 69.92  ? 555 GLN A CD    1 
ATOM   998  O OE1   . GLN A 1 147 ? 3.397   9.221   3.825   1.00 60.96  ? 555 GLN A OE1   1 
ATOM   999  N NE2   . GLN A 1 147 ? 3.447   8.246   5.847   1.00 46.26  ? 555 GLN A NE2   1 
ATOM   1000 N N     . ALA A 1 148 ? -1.925  9.601   3.729   1.00 52.71  ? 556 ALA A N     1 
ATOM   1001 C CA    . ALA A 1 148 ? -3.134  10.007  3.020   1.00 66.24  ? 556 ALA A CA    1 
ATOM   1002 C C     . ALA A 1 148 ? -2.855  10.143  1.525   1.00 64.10  ? 556 ALA A C     1 
ATOM   1003 O O     . ALA A 1 148 ? -1.783  10.600  1.129   1.00 52.76  ? 556 ALA A O     1 
ATOM   1004 C CB    . ALA A 1 148 ? -3.670  11.312  3.583   1.00 47.32  ? 556 ALA A CB    1 
ATOM   1005 N N     . PHE A 1 149 ? -3.817  9.745   0.698   1.00 67.60  ? 557 PHE A N     1 
ATOM   1006 C CA    . PHE A 1 149 ? -3.623  9.766   -0.747  1.00 63.19  ? 557 PHE A CA    1 
ATOM   1007 C C     . PHE A 1 149 ? -4.943  9.861   -1.507  1.00 64.76  ? 557 PHE A C     1 
ATOM   1008 O O     . PHE A 1 149 ? -5.964  9.333   -1.070  1.00 78.26  ? 557 PHE A O     1 
ATOM   1009 C CB    . PHE A 1 149 ? -2.855  8.518   -1.194  1.00 60.69  ? 557 PHE A CB    1 
ATOM   1010 C CG    . PHE A 1 149 ? -2.654  8.424   -2.681  1.00 73.47  ? 557 PHE A CG    1 
ATOM   1011 C CD1   . PHE A 1 149 ? -1.602  9.084   -3.294  1.00 56.64  ? 557 PHE A CD1   1 
ATOM   1012 C CD2   . PHE A 1 149 ? -3.511  7.666   -3.465  1.00 76.14  ? 557 PHE A CD2   1 
ATOM   1013 C CE1   . PHE A 1 149 ? -1.413  8.999   -4.660  1.00 60.19  ? 557 PHE A CE1   1 
ATOM   1014 C CE2   . PHE A 1 149 ? -3.326  7.577   -4.832  1.00 76.22  ? 557 PHE A CE2   1 
ATOM   1015 C CZ    . PHE A 1 149 ? -2.275  8.243   -5.428  1.00 58.44  ? 557 PHE A CZ    1 
ATOM   1016 N N     . THR A 1 150 ? -4.907  10.537  -2.651  1.00 65.54  ? 558 THR A N     1 
ATOM   1017 C CA    . THR A 1 150 ? -6.071  10.643  -3.520  1.00 76.81  ? 558 THR A CA    1 
ATOM   1018 C C     . THR A 1 150 ? -5.652  10.759  -4.979  1.00 80.34  ? 558 THR A C     1 
ATOM   1019 O O     . THR A 1 150 ? -4.522  11.145  -5.283  1.00 79.36  ? 558 THR A O     1 
ATOM   1020 C CB    . THR A 1 150 ? -6.948  11.853  -3.152  1.00 76.82  ? 558 THR A CB    1 
ATOM   1021 O OG1   . THR A 1 150 ? -8.021  11.970  -4.095  1.00 77.41  ? 558 THR A OG1   1 
ATOM   1022 C CG2   . THR A 1 150 ? -6.125  13.131  -3.169  1.00 68.52  ? 558 THR A CG2   1 
ATOM   1023 N N     . CYS A 1 151 ? -6.566  10.418  -5.881  1.00 82.62  ? 559 CYS A N     1 
ATOM   1024 C CA    . CYS A 1 151 ? -6.305  10.534  -7.309  1.00 76.49  ? 559 CYS A CA    1 
ATOM   1025 C C     . CYS A 1 151 ? -6.716  11.906  -7.826  1.00 93.65  ? 559 CYS A C     1 
ATOM   1026 O O     . CYS A 1 151 ? -6.407  12.269  -8.956  1.00 91.67  ? 559 CYS A O     1 
ATOM   1027 C CB    . CYS A 1 151 ? -7.036  9.435   -8.082  1.00 83.97  ? 559 CYS A CB    1 
ATOM   1028 S SG    . CYS A 1 151 ? -6.543  7.757   -7.634  1.00 82.69  ? 559 CYS A SG    1 
ATOM   1029 N N     . ASN A 1 152 ? -7.412  12.669  -6.991  1.00 90.37  ? 560 ASN A N     1 
ATOM   1030 C CA    . ASN A 1 152 ? -7.859  14.000  -7.383  1.00 88.75  ? 560 ASN A CA    1 
ATOM   1031 C C     . ASN A 1 152 ? -7.028  15.099  -6.730  1.00 94.37  ? 560 ASN A C     1 
ATOM   1032 O O     . ASN A 1 152 ? -7.568  16.062  -6.186  1.00 86.60  ? 560 ASN A O     1 
ATOM   1033 C CB    . ASN A 1 152 ? -9.339  14.184  -7.040  1.00 74.73  ? 560 ASN A CB    1 
ATOM   1034 C CG    . ASN A 1 152 ? -10.189 13.011  -7.490  1.00 87.71  ? 560 ASN A CG    1 
ATOM   1035 O OD1   . ASN A 1 152 ? -9.886  12.357  -8.489  1.00 95.45  ? 560 ASN A OD1   1 
ATOM   1036 N ND2   . ASN A 1 152 ? -11.260 12.739  -6.755  1.00 80.27  ? 560 ASN A ND2   1 
ATOM   1037 N N     . PRO A 1 157 ? -1.496  14.033  -9.428  1.00 93.74  ? 565 PRO A N     1 
ATOM   1038 C CA    . PRO A 1 157 ? -1.413  13.309  -8.157  1.00 70.90  ? 565 PRO A CA    1 
ATOM   1039 C C     . PRO A 1 157 ? -0.003  13.303  -7.585  1.00 75.45  ? 565 PRO A C     1 
ATOM   1040 O O     . PRO A 1 157 ? 0.967   13.147  -8.328  1.00 67.74  ? 565 PRO A O     1 
ATOM   1041 C CB    . PRO A 1 157 ? -1.856  11.896  -8.535  1.00 79.25  ? 565 PRO A CB    1 
ATOM   1042 C CG    . PRO A 1 157 ? -2.801  12.113  -9.650  1.00 81.31  ? 565 PRO A CG    1 
ATOM   1043 C CD    . PRO A 1 157 ? -2.232  13.261  -10.443 1.00 85.45  ? 565 PRO A CD    1 
ATOM   1044 N N     . SER A 1 158 ? 0.097   13.468  -6.270  1.00 69.24  ? 566 SER A N     1 
ATOM   1045 C CA    . SER A 1 158 ? 1.384   13.566  -5.596  1.00 58.59  ? 566 SER A CA    1 
ATOM   1046 C C     . SER A 1 158 ? 2.202   12.286  -5.738  1.00 75.49  ? 566 SER A C     1 
ATOM   1047 O O     . SER A 1 158 ? 1.654   11.187  -5.843  1.00 71.14  ? 566 SER A O     1 
ATOM   1048 C CB    . SER A 1 158 ? 1.180   13.900  -4.117  1.00 56.12  ? 566 SER A CB    1 
ATOM   1049 O OG    . SER A 1 158 ? 2.421   14.010  -3.446  1.00 63.15  ? 566 SER A OG    1 
ATOM   1050 N N     . LYS A 1 159 ? 3.521   12.447  -5.743  1.00 78.08  ? 567 LYS A N     1 
ATOM   1051 C CA    . LYS A 1 159 ? 4.456   11.341  -5.914  1.00 71.48  ? 567 LYS A CA    1 
ATOM   1052 C C     . LYS A 1 159 ? 5.081   10.902  -4.595  1.00 57.27  ? 567 LYS A C     1 
ATOM   1053 O O     . LYS A 1 159 ? 6.004   10.088  -4.581  1.00 60.44  ? 567 LYS A O     1 
ATOM   1054 C CB    . LYS A 1 159 ? 5.558   11.739  -6.898  1.00 89.74  ? 567 LYS A CB    1 
ATOM   1055 C CG    . LYS A 1 159 ? 6.027   13.181  -6.732  1.00 81.92  ? 567 LYS A CG    1 
ATOM   1056 C CD    . LYS A 1 159 ? 7.533   13.319  -6.844  1.00 104.91 ? 567 LYS A CD    1 
ATOM   1057 C CE    . LYS A 1 159 ? 8.191   13.027  -5.510  1.00 97.30  ? 567 LYS A CE    1 
ATOM   1058 N NZ    . LYS A 1 159 ? 9.612   13.467  -5.484  1.00 88.94  ? 567 LYS A NZ    1 
ATOM   1059 N N     . ASP A 1 160 ? 4.565   11.443  -3.496  1.00 68.49  ? 568 ASP A N     1 
ATOM   1060 C CA    . ASP A 1 160 ? 5.156   11.250  -2.173  1.00 60.26  ? 568 ASP A CA    1 
ATOM   1061 C C     . ASP A 1 160 ? 5.263   9.787   -1.743  1.00 67.36  ? 568 ASP A C     1 
ATOM   1062 O O     . ASP A 1 160 ? 6.319   9.349   -1.286  1.00 67.61  ? 568 ASP A O     1 
ATOM   1063 C CB    . ASP A 1 160 ? 4.357   12.027  -1.123  1.00 62.51  ? 568 ASP A CB    1 
ATOM   1064 C CG    . ASP A 1 160 ? 4.450   13.528  -1.314  1.00 92.83  ? 568 ASP A CG    1 
ATOM   1065 O OD1   . ASP A 1 160 ? 4.753   13.966  -2.445  1.00 91.51  ? 568 ASP A OD1   1 
ATOM   1066 O OD2   . ASP A 1 160 ? 4.222   14.271  -0.336  1.00 75.59  ? 568 ASP A OD2   1 
ATOM   1067 N N     . ILE A 1 161 ? 4.173   9.036   -1.879  1.00 51.85  ? 569 ILE A N     1 
ATOM   1068 C CA    . ILE A 1 161 ? 4.156   7.653   -1.410  1.00 59.17  ? 569 ILE A CA    1 
ATOM   1069 C C     . ILE A 1 161 ? 5.091   6.763   -2.227  1.00 57.64  ? 569 ILE A C     1 
ATOM   1070 O O     . ILE A 1 161 ? 5.681   5.825   -1.694  1.00 55.82  ? 569 ILE A O     1 
ATOM   1071 C CB    . ILE A 1 161 ? 2.728   7.054   -1.437  1.00 56.33  ? 569 ILE A CB    1 
ATOM   1072 C CG1   . ILE A 1 161 ? 2.173   7.003   -2.862  1.00 59.09  ? 569 ILE A CG1   1 
ATOM   1073 C CG2   . ILE A 1 161 ? 1.803   7.842   -0.523  1.00 53.30  ? 569 ILE A CG2   1 
ATOM   1074 C CD1   . ILE A 1 161 ? 0.855   6.267   -2.978  1.00 56.54  ? 569 ILE A CD1   1 
ATOM   1075 N N     . PHE A 1 162 ? 5.237   7.073   -3.511  1.00 57.11  ? 570 PHE A N     1 
ATOM   1076 C CA    . PHE A 1 162 ? 6.038   6.254   -4.411  1.00 48.62  ? 570 PHE A CA    1 
ATOM   1077 C C     . PHE A 1 162 ? 7.528   6.414   -4.133  1.00 63.40  ? 570 PHE A C     1 
ATOM   1078 O O     . PHE A 1 162 ? 8.302   5.472   -4.305  1.00 65.63  ? 570 PHE A O     1 
ATOM   1079 C CB    . PHE A 1 162 ? 5.724   6.608   -5.864  1.00 59.72  ? 570 PHE A CB    1 
ATOM   1080 C CG    . PHE A 1 162 ? 4.288   6.383   -6.238  1.00 64.70  ? 570 PHE A CG    1 
ATOM   1081 C CD1   . PHE A 1 162 ? 3.647   5.207   -5.887  1.00 53.43  ? 570 PHE A CD1   1 
ATOM   1082 C CD2   . PHE A 1 162 ? 3.574   7.352   -6.920  1.00 72.58  ? 570 PHE A CD2   1 
ATOM   1083 C CE1   . PHE A 1 162 ? 2.325   4.995   -6.223  1.00 50.09  ? 570 PHE A CE1   1 
ATOM   1084 C CE2   . PHE A 1 162 ? 2.251   7.147   -7.256  1.00 76.63  ? 570 PHE A CE2   1 
ATOM   1085 C CZ    . PHE A 1 162 ? 1.626   5.966   -6.908  1.00 56.40  ? 570 PHE A CZ    1 
ATOM   1086 N N     . VAL A 1 163 ? 7.923   7.609   -3.705  1.00 60.23  ? 571 VAL A N     1 
ATOM   1087 C CA    . VAL A 1 163 ? 9.299   7.851   -3.291  1.00 49.70  ? 571 VAL A CA    1 
ATOM   1088 C C     . VAL A 1 163 ? 9.580   7.135   -1.978  1.00 57.98  ? 571 VAL A C     1 
ATOM   1089 O O     . VAL A 1 163 ? 10.633  6.522   -1.813  1.00 52.46  ? 571 VAL A O     1 
ATOM   1090 C CB    . VAL A 1 163 ? 9.598   9.363   -3.146  1.00 61.42  ? 571 VAL A CB    1 
ATOM   1091 C CG1   . VAL A 1 163 ? 10.924  9.585   -2.445  1.00 39.20  ? 571 VAL A CG1   1 
ATOM   1092 C CG2   . VAL A 1 163 ? 9.625   10.026  -4.511  1.00 66.99  ? 571 VAL A CG2   1 
ATOM   1093 N N     . LYS A 1 164 ? 8.629   7.198   -1.052  1.00 52.08  ? 572 LYS A N     1 
ATOM   1094 C CA    . LYS A 1 164 ? 8.784   6.531   0.233   1.00 53.53  ? 572 LYS A CA    1 
ATOM   1095 C C     . LYS A 1 164 ? 8.774   5.014   0.053   1.00 50.16  ? 572 LYS A C     1 
ATOM   1096 O O     . LYS A 1 164 ? 9.572   4.310   0.667   1.00 56.66  ? 572 LYS A O     1 
ATOM   1097 C CB    . LYS A 1 164 ? 7.687   6.969   1.208   1.00 47.45  ? 572 LYS A CB    1 
ATOM   1098 C CG    . LYS A 1 164 ? 8.052   6.742   2.665   1.00 62.40  ? 572 LYS A CG    1 
ATOM   1099 C CD    . LYS A 1 164 ? 7.185   7.563   3.602   1.00 67.25  ? 572 LYS A CD    1 
ATOM   1100 C CE    . LYS A 1 164 ? 7.855   7.714   4.956   1.00 82.87  ? 572 LYS A CE    1 
ATOM   1101 N NZ    . LYS A 1 164 ? 9.172   8.405   4.854   1.00 82.41  ? 572 LYS A NZ    1 
ATOM   1102 N N     . LEU A 1 165 ? 7.877   4.519   -0.796  1.00 50.43  ? 573 LEU A N     1 
ATOM   1103 C CA    . LEU A 1 165 ? 7.847   3.098   -1.136  1.00 55.77  ? 573 LEU A CA    1 
ATOM   1104 C C     . LEU A 1 165 ? 9.181   2.651   -1.722  1.00 39.98  ? 573 LEU A C     1 
ATOM   1105 O O     . LEU A 1 165 ? 9.715   1.603   -1.355  1.00 53.57  ? 573 LEU A O     1 
ATOM   1106 C CB    . LEU A 1 165 ? 6.717   2.793   -2.123  1.00 48.97  ? 573 LEU A CB    1 
ATOM   1107 C CG    . LEU A 1 165 ? 5.295   2.681   -1.567  1.00 45.71  ? 573 LEU A CG    1 
ATOM   1108 C CD1   . LEU A 1 165 ? 4.293   2.512   -2.698  1.00 43.14  ? 573 LEU A CD1   1 
ATOM   1109 C CD2   . LEU A 1 165 ? 5.194   1.522   -0.587  1.00 52.38  ? 573 LEU A CD2   1 
ATOM   1110 N N     . THR A 1 166 ? 9.717   3.457   -2.632  1.00 57.07  ? 574 THR A N     1 
ATOM   1111 C CA    . THR A 1 166 ? 11.009  3.175   -3.243  1.00 55.08  ? 574 THR A CA    1 
ATOM   1112 C C     . THR A 1 166 ? 12.129  3.297   -2.214  1.00 48.61  ? 574 THR A C     1 
ATOM   1113 O O     . THR A 1 166 ? 13.028  2.458   -2.164  1.00 48.80  ? 574 THR A O     1 
ATOM   1114 C CB    . THR A 1 166 ? 11.290  4.120   -4.427  1.00 60.21  ? 574 THR A CB    1 
ATOM   1115 O OG1   . THR A 1 166 ? 10.250  3.987   -5.404  1.00 45.81  ? 574 THR A OG1   1 
ATOM   1116 C CG2   . THR A 1 166 ? 12.628  3.792   -5.072  1.00 51.06  ? 574 THR A CG2   1 
ATOM   1117 N N     . THR A 1 167 ? 12.063  4.339   -1.390  1.00 55.66  ? 575 THR A N     1 
ATOM   1118 C CA    . THR A 1 167 ? 13.063  4.568   -0.350  1.00 55.58  ? 575 THR A CA    1 
ATOM   1119 C C     . THR A 1 167 ? 13.086  3.424   0.659   1.00 53.40  ? 575 THR A C     1 
ATOM   1120 O O     . THR A 1 167 ? 14.154  2.942   1.038   1.00 63.06  ? 575 THR A O     1 
ATOM   1121 C CB    . THR A 1 167 ? 12.809  5.893   0.398   1.00 56.72  ? 575 THR A CB    1 
ATOM   1122 O OG1   . THR A 1 167 ? 12.802  6.979   -0.537  1.00 64.11  ? 575 THR A OG1   1 
ATOM   1123 C CG2   . THR A 1 167 ? 13.889  6.137   1.441   1.00 46.00  ? 575 THR A CG2   1 
ATOM   1124 N N     . MET A 1 168 ? 11.903  2.994   1.089   1.00 58.32  ? 576 MET A N     1 
ATOM   1125 C CA    . MET A 1 168 ? 11.782  1.873   2.018   1.00 48.52  ? 576 MET A CA    1 
ATOM   1126 C C     . MET A 1 168 ? 12.300  0.584   1.390   1.00 59.54  ? 576 MET A C     1 
ATOM   1127 O O     . MET A 1 168 ? 12.822  -0.289  2.083   1.00 53.11  ? 576 MET A O     1 
ATOM   1128 C CB    . MET A 1 168 ? 10.328  1.695   2.462   1.00 53.89  ? 576 MET A CB    1 
ATOM   1129 C CG    . MET A 1 168 ? 9.808   2.798   3.369   1.00 51.90  ? 576 MET A CG    1 
ATOM   1130 S SD    . MET A 1 168 ? 8.010   2.780   3.511   1.00 70.80  ? 576 MET A SD    1 
ATOM   1131 C CE    . MET A 1 168 ? 7.735   1.095   4.051   1.00 51.10  ? 576 MET A CE    1 
ATOM   1132 N N     . ALA A 1 169 ? 12.151  0.472   0.075   1.00 58.19  ? 577 ALA A N     1 
ATOM   1133 C CA    . ALA A 1 169 ? 12.665  -0.679  -0.658  1.00 54.30  ? 577 ALA A CA    1 
ATOM   1134 C C     . ALA A 1 169 ? 14.189  -0.655  -0.691  1.00 64.47  ? 577 ALA A C     1 
ATOM   1135 O O     . ALA A 1 169 ? 14.835  -1.697  -0.809  1.00 55.41  ? 577 ALA A O     1 
ATOM   1136 C CB    . ALA A 1 169 ? 12.100  -0.705  -2.069  1.00 45.71  ? 577 ALA A CB    1 
ATOM   1137 N N     . MET A 1 170 ? 14.755  0.545   -0.586  1.00 61.01  ? 578 MET A N     1 
ATOM   1138 C CA    . MET A 1 170 ? 16.204  0.715   -0.539  1.00 63.54  ? 578 MET A CA    1 
ATOM   1139 C C     . MET A 1 170 ? 16.712  0.680   0.898   1.00 65.77  ? 578 MET A C     1 
ATOM   1140 O O     . MET A 1 170 ? 17.248  1.669   1.398   1.00 95.77  ? 578 MET A O     1 
ATOM   1141 C CB    . MET A 1 170 ? 16.616  2.031   -1.203  1.00 61.56  ? 578 MET A CB    1 
ATOM   1142 C CG    . MET A 1 170 ? 16.170  2.172   -2.645  1.00 79.30  ? 578 MET A CG    1 
ATOM   1143 S SD    . MET A 1 170 ? 16.461  3.825   -3.304  1.00 86.15  ? 578 MET A SD    1 
ATOM   1144 C CE    . MET A 1 170 ? 18.224  3.986   -3.031  1.00 54.26  ? 578 MET A CE    1 
ATOM   1145 N N     . TYR A 1 171 ? 16.540  -0.460  1.556   1.00 62.36  ? 579 TYR A N     1 
ATOM   1146 C CA    . TYR A 1 171 ? 16.966  -0.611  2.943   1.00 73.22  ? 579 TYR A CA    1 
ATOM   1147 C C     . TYR A 1 171 ? 17.357  -2.053  3.246   1.00 51.18  ? 579 TYR A C     1 
ATOM   1148 O O     . TYR A 1 171 ? 18.255  -2.306  4.049   1.00 75.17  ? 579 TYR A O     1 
ATOM   1149 C CB    . TYR A 1 171 ? 15.864  -0.150  3.886   1.00 67.29  ? 579 TYR A CB    1 
HETATM 1150 P PB    A GDP B 2 .   ? -9.603  -1.405  -7.088  0.70 61.46  ? 701 GDP A PB    1 
HETATM 1151 P PB    B GDP B 2 .   ? -11.642 -0.359  -10.342 0.30 76.61  ? 701 GDP A PB    1 
HETATM 1152 O O1B   A GDP B 2 .   ? -8.504  -1.526  -8.116  0.70 59.23  ? 701 GDP A O1B   1 
HETATM 1153 O O1B   B GDP B 2 .   ? -10.255 -0.163  -10.904 0.30 68.20  ? 701 GDP A O1B   1 
HETATM 1154 O O2B   A GDP B 2 .   ? -9.141  -1.989  -5.775  0.70 65.72  ? 701 GDP A O2B   1 
HETATM 1155 O O2B   B GDP B 2 .   ? -12.011 -1.823  -10.393 0.30 67.11  ? 701 GDP A O2B   1 
HETATM 1156 O O3B   A GDP B 2 .   ? -10.825 -2.156  -7.563  0.70 55.71  ? 701 GDP A O3B   1 
HETATM 1157 O O3B   B GDP B 2 .   ? -12.635 0.412   -11.179 0.30 63.82  ? 701 GDP A O3B   1 
HETATM 1158 O O3A   A GDP B 2 .   ? -9.975  0.146   -6.873  0.70 79.11  ? 701 GDP A O3A   1 
HETATM 1159 O O3A   B GDP B 2 .   ? -11.744 0.152   -8.815  0.30 76.01  ? 701 GDP A O3A   1 
HETATM 1160 P PA    A GDP B 2 .   ? -10.485 1.045   -8.107  0.70 80.94  ? 701 GDP A PA    1 
HETATM 1161 P PA    B GDP B 2 .   ? -10.580 0.950   -8.032  0.30 80.32  ? 701 GDP A PA    1 
HETATM 1162 O O1A   A GDP B 2 .   ? -9.319  1.754   -8.755  0.70 60.63  ? 701 GDP A O1A   1 
HETATM 1163 O O1A   B GDP B 2 .   ? -9.905  0.046   -7.027  0.30 78.19  ? 701 GDP A O1A   1 
HETATM 1164 O O2A   A GDP B 2 .   ? -11.233 0.211   -9.120  0.70 77.28  ? 701 GDP A O2A   1 
HETATM 1165 O O2A   B GDP B 2 .   ? -9.568  1.573   -8.962  0.30 64.94  ? 701 GDP A O2A   1 
HETATM 1166 O "O5'" A GDP B 2 .   ? -11.468 2.103   -7.399  0.70 77.54  ? 701 GDP A "O5'" 1 
HETATM 1167 O "O5'" B GDP B 2 .   ? -11.421 2.101   -7.290  0.30 77.39  ? 701 GDP A "O5'" 1 
HETATM 1168 C "C5'" A GDP B 2 .   ? -12.866 1.826   -7.345  0.70 80.05  ? 701 GDP A "C5'" 1 
HETATM 1169 C "C5'" B GDP B 2 .   ? -12.776 1.858   -6.928  0.30 78.85  ? 701 GDP A "C5'" 1 
HETATM 1170 C "C4'" A GDP B 2 .   ? -13.663 3.122   -7.332  0.70 82.71  ? 701 GDP A "C4'" 1 
HETATM 1171 C "C4'" B GDP B 2 .   ? -13.573 3.143   -7.084  0.30 82.04  ? 701 GDP A "C4'" 1 
HETATM 1172 O "O4'" A GDP B 2 .   ? -13.082 4.041   -6.407  0.70 80.98  ? 701 GDP A "O4'" 1 
HETATM 1173 O "O4'" B GDP B 2 .   ? -13.020 4.141   -6.231  0.30 80.73  ? 701 GDP A "O4'" 1 
HETATM 1174 C "C3'" A GDP B 2 .   ? -13.645 3.778   -8.702  0.70 82.98  ? 701 GDP A "C3'" 1 
HETATM 1175 C "C3'" B GDP B 2 .   ? -13.480 3.669   -8.507  0.30 82.67  ? 701 GDP A "C3'" 1 
HETATM 1176 O "O3'" A GDP B 2 .   ? -14.965 3.790   -9.254  0.70 83.89  ? 701 GDP A "O3'" 1 
HETATM 1177 O "O3'" B GDP B 2 .   ? -14.760 3.586   -9.145  0.30 83.71  ? 701 GDP A "O3'" 1 
HETATM 1178 C "C2'" A GDP B 2 .   ? -13.154 5.194   -8.474  0.70 80.57  ? 701 GDP A "C2'" 1 
HETATM 1179 C "C2'" B GDP B 2 .   ? -13.041 5.114   -8.389  0.30 80.65  ? 701 GDP A "C2'" 1 
HETATM 1180 O "O2'" A GDP B 2 .   ? -14.084 6.133   -9.018  0.70 93.21  ? 701 GDP A "O2'" 1 
HETATM 1181 O "O2'" B GDP B 2 .   ? -14.000 5.975   -9.009  0.30 92.01  ? 701 GDP A "O2'" 1 
HETATM 1182 C "C1'" A GDP B 2 .   ? -13.045 5.356   -6.966  0.70 81.08  ? 701 GDP A "C1'" 1 
HETATM 1183 C "C1'" B GDP B 2 .   ? -12.962 5.400   -6.898  0.30 81.00  ? 701 GDP A "C1'" 1 
HETATM 1184 N N9    A GDP B 2 .   ? -11.764 6.017   -6.609  0.70 76.48  ? 701 GDP A N9    1 
HETATM 1185 N N9    B GDP B 2 .   ? -11.686 6.081   -6.566  0.30 76.71  ? 701 GDP A N9    1 
HETATM 1186 C C8    A GDP B 2 .   ? -10.533 5.553   -6.892  0.70 76.78  ? 701 GDP A C8    1 
HETATM 1187 C C8    B GDP B 2 .   ? -10.449 5.637   -6.862  0.30 76.87  ? 701 GDP A C8    1 
HETATM 1188 N N7    A GDP B 2 .   ? -9.574  6.391   -6.422  0.70 75.15  ? 701 GDP A N7    1 
HETATM 1189 N N7    B GDP B 2 .   ? -9.501  6.496   -6.408  0.30 75.32  ? 701 GDP A N7    1 
HETATM 1190 C C5    A GDP B 2 .   ? -10.196 7.417   -5.814  0.70 78.59  ? 701 GDP A C5    1 
HETATM 1191 C C5    B GDP B 2 .   ? -10.137 7.513   -5.795  0.30 78.61  ? 701 GDP A C5    1 
HETATM 1192 C C6    A GDP B 2 .   ? -9.780  8.649   -5.102  0.70 79.58  ? 701 GDP A C6    1 
HETATM 1193 C C6    B GDP B 2 .   ? -9.741  8.755   -5.093  0.30 79.59  ? 701 GDP A C6    1 
HETATM 1194 O O6    A GDP B 2 .   ? -8.572  8.933   -4.957  0.70 80.40  ? 701 GDP A O6    1 
HETATM 1195 O O6    B GDP B 2 .   ? -8.537  9.064   -4.964  0.30 80.25  ? 701 GDP A O6    1 
HETATM 1196 N N1    A GDP B 2 .   ? -10.739 9.448   -4.619  0.70 79.73  ? 701 GDP A N1    1 
HETATM 1197 N N1    B GDP B 2 .   ? -10.711 9.537   -4.604  0.30 79.73  ? 701 GDP A N1    1 
HETATM 1198 C C2    A GDP B 2 .   ? -12.050 9.168   -4.760  0.70 82.71  ? 701 GDP A C2    1 
HETATM 1199 C C2    B GDP B 2 .   ? -12.016 9.229   -4.729  0.30 82.60  ? 701 GDP A C2    1 
HETATM 1200 N N2    A GDP B 2 .   ? -12.955 10.032  -4.241  0.70 82.82  ? 701 GDP A N2    1 
HETATM 1201 N N2    B GDP B 2 .   ? -12.936 10.074  -4.204  0.30 82.76  ? 701 GDP A N2    1 
HETATM 1202 N N3    A GDP B 2 .   ? -12.502 8.059   -5.400  0.70 80.31  ? 701 GDP A N3    1 
HETATM 1203 N N3    B GDP B 2 .   ? -12.451 8.108   -5.358  0.30 80.30  ? 701 GDP A N3    1 
HETATM 1204 C C4    A GDP B 2 .   ? -11.640 7.163   -5.936  0.70 80.68  ? 701 GDP A C4    1 
HETATM 1205 C C4    B GDP B 2 .   ? -11.575 7.230   -5.900  0.30 80.61  ? 701 GDP A C4    1 
HETATM 1206 O O     . HOH C 3 .   ? -8.481  -2.406  1.728   1.00 47.09  ? 801 HOH A O     1 
HETATM 1207 O O     . HOH C 3 .   ? -7.739  -5.755  -8.356  1.00 51.85  ? 802 HOH A O     1 
HETATM 1208 O O     . HOH C 3 .   ? -3.466  -9.007  17.937  1.00 46.30  ? 803 HOH A O     1 
HETATM 1209 O O     . HOH C 3 .   ? 3.876   5.075   13.398  1.00 50.45  ? 804 HOH A O     1 
HETATM 1210 O O     . HOH C 3 .   ? -6.069  6.320   12.821  1.00 61.64  ? 805 HOH A O     1 
HETATM 1211 O O     . HOH C 3 .   ? -6.211  9.941   8.131   1.00 68.76  ? 806 HOH A O     1 
HETATM 1212 O O     . HOH C 3 .   ? -5.593  -18.198 5.282   1.00 59.41  ? 807 HOH A O     1 
HETATM 1213 O O     . HOH C 3 .   ? -8.531  -3.011  -12.671 1.00 55.62  ? 808 HOH A O     1 
# 
loop_
_pdbx_poly_seq_scheme.asym_id 
_pdbx_poly_seq_scheme.entity_id 
_pdbx_poly_seq_scheme.seq_id 
_pdbx_poly_seq_scheme.mon_id 
_pdbx_poly_seq_scheme.ndb_seq_num 
_pdbx_poly_seq_scheme.pdb_seq_num 
_pdbx_poly_seq_scheme.auth_seq_num 
_pdbx_poly_seq_scheme.pdb_mon_id 
_pdbx_poly_seq_scheme.auth_mon_id 
_pdbx_poly_seq_scheme.pdb_strand_id 
_pdbx_poly_seq_scheme.pdb_ins_code 
_pdbx_poly_seq_scheme.hetero 
A 1 1   MET 1   409 ?   ?   ?   A . n 
A 1 2   GLY 2   410 ?   ?   ?   A . n 
A 1 3   LYS 3   411 ?   ?   ?   A . n 
A 1 4   LYS 4   412 ?   ?   ?   A . n 
A 1 5   GLN 5   413 ?   ?   ?   A . n 
A 1 6   THR 6   414 ?   ?   ?   A . n 
A 1 7   GLN 7   415 415 GLN GLN A . n 
A 1 8   ARG 8   416 416 ARG ARG A . n 
A 1 9   ASN 9   417 417 ASN ASN A . n 
A 1 10  VAL 10  418 418 VAL VAL A . n 
A 1 11  PHE 11  419 419 PHE PHE A . n 
A 1 12  ARG 12  420 420 ARG ARG A . n 
A 1 13  CYS 13  421 421 CYS CYS A . n 
A 1 14  ASN 14  422 422 ASN ASN A . n 
A 1 15  VAL 15  423 423 VAL VAL A . n 
A 1 16  ILE 16  424 424 ILE ILE A . n 
A 1 17  GLY 17  425 425 GLY GLY A . n 
A 1 18  VAL 18  426 426 VAL VAL A . n 
A 1 19  LYS 19  427 427 LYS LYS A . n 
A 1 20  ASN 20  428 428 ASN ASN A . n 
A 1 21  CYS 21  429 429 CYS CYS A . n 
A 1 22  GLY 22  430 430 GLY GLY A . n 
A 1 23  LYS 23  431 431 LYS LYS A . n 
A 1 24  SER 24  432 432 SER SER A . n 
A 1 25  GLY 25  433 433 GLY GLY A . n 
A 1 26  VAL 26  434 434 VAL VAL A . n 
A 1 27  LEU 27  435 435 LEU LEU A . n 
A 1 28  GLN 28  436 436 GLN GLN A . n 
A 1 29  ALA 29  437 437 ALA ALA A . n 
A 1 30  LEU 30  438 438 LEU LEU A . n 
A 1 31  LEU 31  439 439 LEU LEU A . n 
A 1 32  GLY 32  440 440 GLY GLY A . n 
A 1 33  ARG 33  441 441 ARG ARG A . n 
A 1 34  ASN 34  442 442 ASN ASN A . n 
A 1 35  LEU 35  443 ?   ?   ?   A . n 
A 1 36  MET 36  444 ?   ?   ?   A . n 
A 1 37  ARG 37  445 ?   ?   ?   A . n 
A 1 38  GLN 38  446 ?   ?   ?   A . n 
A 1 39  LYS 39  447 ?   ?   ?   A . n 
A 1 40  LYS 40  448 ?   ?   ?   A . n 
A 1 41  ILE 41  449 ?   ?   ?   A . n 
A 1 42  ARG 42  450 ?   ?   ?   A . n 
A 1 43  GLU 43  451 ?   ?   ?   A . n 
A 1 44  ASP 44  452 ?   ?   ?   A . n 
A 1 45  HIS 45  453 ?   ?   ?   A . n 
A 1 46  LYS 46  454 ?   ?   ?   A . n 
A 1 47  SER 47  455 455 SER SER A . n 
A 1 48  TYR 48  456 456 TYR TYR A . n 
A 1 49  TYR 49  457 457 TYR TYR A . n 
A 1 50  ALA 50  458 458 ALA ALA A . n 
A 1 51  ILE 51  459 459 ILE ILE A . n 
A 1 52  ASN 52  460 460 ASN ASN A . n 
A 1 53  THR 53  461 461 THR THR A . n 
A 1 54  VAL 54  462 462 VAL VAL A . n 
A 1 55  TYR 55  463 463 TYR TYR A . n 
A 1 56  VAL 56  464 ?   ?   ?   A . n 
A 1 57  TYR 57  465 ?   ?   ?   A . n 
A 1 58  GLY 58  466 ?   ?   ?   A . n 
A 1 59  GLN 59  467 ?   ?   ?   A . n 
A 1 60  GLU 60  468 468 GLU GLU A . n 
A 1 61  LYS 61  469 469 LYS LYS A . n 
A 1 62  TYR 62  470 470 TYR TYR A . n 
A 1 63  LEU 63  471 471 LEU LEU A . n 
A 1 64  LEU 64  472 472 LEU LEU A . n 
A 1 65  LEU 65  473 473 LEU LEU A . n 
A 1 66  HIS 66  474 474 HIS HIS A . n 
A 1 67  ASP 67  475 475 ASP ASP A . n 
A 1 68  ILE 68  476 476 ILE ILE A . n 
A 1 69  SER 69  477 477 SER SER A . n 
A 1 70  GLU 70  478 478 GLU GLU A . n 
A 1 71  SER 71  479 479 SER SER A . n 
A 1 72  GLU 72  480 480 GLU GLU A . n 
A 1 73  PHE 73  481 481 PHE PHE A . n 
A 1 74  LEU 74  482 482 LEU LEU A . n 
A 1 75  THR 75  483 483 THR THR A . n 
A 1 76  GLU 76  484 484 GLU GLU A . n 
A 1 77  ALA 77  485 485 ALA ALA A . n 
A 1 78  GLU 78  486 486 GLU GLU A . n 
A 1 79  ILE 79  487 487 ILE ILE A . n 
A 1 80  ILE 80  488 488 ILE ILE A . n 
A 1 81  CYS 81  489 489 CYS CYS A . n 
A 1 82  ASP 82  490 490 ASP ASP A . n 
A 1 83  VAL 83  491 491 VAL VAL A . n 
A 1 84  VAL 84  492 492 VAL VAL A . n 
A 1 85  CYS 85  493 493 CYS CYS A . n 
A 1 86  LEU 86  494 494 LEU LEU A . n 
A 1 87  VAL 87  495 495 VAL VAL A . n 
A 1 88  TYR 88  496 496 TYR TYR A . n 
A 1 89  ASP 89  497 497 ASP ASP A . n 
A 1 90  VAL 90  498 498 VAL VAL A . n 
A 1 91  SER 91  499 499 SER SER A . n 
A 1 92  ASN 92  500 500 ASN ASN A . n 
A 1 93  PRO 93  501 501 PRO PRO A . n 
A 1 94  LYS 94  502 502 LYS LYS A . n 
A 1 95  SER 95  503 503 SER SER A . n 
A 1 96  PHE 96  504 504 PHE PHE A . n 
A 1 97  GLU 97  505 505 GLU GLU A . n 
A 1 98  TYR 98  506 506 TYR TYR A . n 
A 1 99  CYS 99  507 507 CYS CYS A . n 
A 1 100 ALA 100 508 508 ALA ALA A . n 
A 1 101 ARG 101 509 509 ARG ARG A . n 
A 1 102 ILE 102 510 510 ILE ILE A . n 
A 1 103 PHE 103 511 511 PHE PHE A . n 
A 1 104 LYS 104 512 512 LYS LYS A . n 
A 1 105 GLN 105 513 513 GLN GLN A . n 
A 1 106 HIS 106 514 514 HIS HIS A . n 
A 1 107 PHE 107 515 515 PHE PHE A . n 
A 1 108 MET 108 516 516 MET MET A . n 
A 1 109 ASP 109 517 517 ASP ASP A . n 
A 1 110 SER 110 518 518 SER SER A . n 
A 1 111 ARG 111 519 519 ARG ARG A . n 
A 1 112 ILE 112 520 520 ILE ILE A . n 
A 1 113 PRO 113 521 521 PRO PRO A . n 
A 1 114 CYS 114 522 522 CYS CYS A . n 
A 1 115 LEU 115 523 523 LEU LEU A . n 
A 1 116 ILE 116 524 524 ILE ILE A . n 
A 1 117 VAL 117 525 525 VAL VAL A . n 
A 1 118 ALA 118 526 526 ALA ALA A . n 
A 1 119 ALA 119 527 527 ALA ALA A . n 
A 1 120 LYS 120 528 528 LYS LYS A . n 
A 1 121 SER 121 529 529 SER SER A . n 
A 1 122 ASP 122 530 530 ASP ASP A . n 
A 1 123 LEU 123 531 531 LEU LEU A . n 
A 1 124 HIS 124 532 532 HIS HIS A . n 
A 1 125 GLU 125 533 533 GLU GLU A . n 
A 1 126 VAL 126 534 534 VAL VAL A . n 
A 1 127 LYS 127 535 535 LYS LYS A . n 
A 1 128 GLN 128 536 536 GLN GLN A . n 
A 1 129 GLU 129 537 537 GLU GLU A . n 
A 1 130 TYR 130 538 538 TYR TYR A . n 
A 1 131 SER 131 539 539 SER SER A . n 
A 1 132 ILE 132 540 540 ILE ILE A . n 
A 1 133 SER 133 541 541 SER SER A . n 
A 1 134 PRO 134 542 542 PRO PRO A . n 
A 1 135 THR 135 543 543 THR THR A . n 
A 1 136 ASP 136 544 544 ASP ASP A . n 
A 1 137 PHE 137 545 545 PHE PHE A . n 
A 1 138 CYS 138 546 546 CYS CYS A . n 
A 1 139 ARG 139 547 547 ARG ARG A . n 
A 1 140 LYS 140 548 548 LYS LYS A . n 
A 1 141 HIS 141 549 549 HIS HIS A . n 
A 1 142 LYS 142 550 550 LYS LYS A . n 
A 1 143 MET 143 551 551 MET MET A . n 
A 1 144 PRO 144 552 552 PRO PRO A . n 
A 1 145 PRO 145 553 553 PRO PRO A . n 
A 1 146 PRO 146 554 554 PRO PRO A . n 
A 1 147 GLN 147 555 555 GLN GLN A . n 
A 1 148 ALA 148 556 556 ALA ALA A . n 
A 1 149 PHE 149 557 557 PHE PHE A . n 
A 1 150 THR 150 558 558 THR THR A . n 
A 1 151 CYS 151 559 559 CYS CYS A . n 
A 1 152 ASN 152 560 560 ASN ASN A . n 
A 1 153 THR 153 561 ?   ?   ?   A . n 
A 1 154 ALA 154 562 ?   ?   ?   A . n 
A 1 155 ASP 155 563 ?   ?   ?   A . n 
A 1 156 ALA 156 564 ?   ?   ?   A . n 
A 1 157 PRO 157 565 565 PRO PRO A . n 
A 1 158 SER 158 566 566 SER SER A . n 
A 1 159 LYS 159 567 567 LYS LYS A . n 
A 1 160 ASP 160 568 568 ASP ASP A . n 
A 1 161 ILE 161 569 569 ILE ILE A . n 
A 1 162 PHE 162 570 570 PHE PHE A . n 
A 1 163 VAL 163 571 571 VAL VAL A . n 
A 1 164 LYS 164 572 572 LYS LYS A . n 
A 1 165 LEU 165 573 573 LEU LEU A . n 
A 1 166 THR 166 574 574 THR THR A . n 
A 1 167 THR 167 575 575 THR THR A . n 
A 1 168 MET 168 576 576 MET MET A . n 
A 1 169 ALA 169 577 577 ALA ALA A . n 
A 1 170 MET 170 578 578 MET MET A . n 
A 1 171 TYR 171 579 579 TYR TYR A . n 
A 1 172 PRO 172 580 ?   ?   ?   A . n 
A 1 173 HIS 173 581 ?   ?   ?   A . n 
A 1 174 VAL 174 582 ?   ?   ?   A . n 
A 1 175 THR 175 583 ?   ?   ?   A . n 
A 1 176 GLN 176 584 ?   ?   ?   A . n 
A 1 177 ALA 177 585 ?   ?   ?   A . n 
A 1 178 ASP 178 586 ?   ?   ?   A . n 
A 1 179 LEU 179 587 ?   ?   ?   A . n 
A 1 180 LYS 180 588 ?   ?   ?   A . n 
A 1 181 SER 181 589 ?   ?   ?   A . n 
A 1 182 SER 182 590 ?   ?   ?   A . n 
A 1 183 THR 183 591 ?   ?   ?   A . n 
A 1 184 PHE 184 592 ?   ?   ?   A . n 
A 1 185 LEU 185 593 ?   ?   ?   A . n 
A 1 186 GLU 186 594 ?   ?   ?   A . n 
A 1 187 HIS 187 595 ?   ?   ?   A . n 
A 1 188 HIS 188 596 ?   ?   ?   A . n 
A 1 189 HIS 189 597 ?   ?   ?   A . n 
A 1 190 HIS 190 598 ?   ?   ?   A . n 
A 1 191 HIS 191 599 ?   ?   ?   A . n 
A 1 192 HIS 192 600 ?   ?   ?   A . n 
# 
loop_
_pdbx_nonpoly_scheme.asym_id 
_pdbx_nonpoly_scheme.entity_id 
_pdbx_nonpoly_scheme.mon_id 
_pdbx_nonpoly_scheme.ndb_seq_num 
_pdbx_nonpoly_scheme.pdb_seq_num 
_pdbx_nonpoly_scheme.auth_seq_num 
_pdbx_nonpoly_scheme.pdb_mon_id 
_pdbx_nonpoly_scheme.auth_mon_id 
_pdbx_nonpoly_scheme.pdb_strand_id 
_pdbx_nonpoly_scheme.pdb_ins_code 
B 2 GDP 1 701 1 GDP GDP A . 
C 3 HOH 1 801 1 HOH HOH A . 
C 3 HOH 2 802 4 HOH HOH A . 
C 3 HOH 3 803 2 HOH HOH A . 
C 3 HOH 4 804 5 HOH HOH A . 
C 3 HOH 5 805 3 HOH HOH A . 
C 3 HOH 6 806 8 HOH HOH A . 
C 3 HOH 7 807 7 HOH HOH A . 
C 3 HOH 8 808 6 HOH HOH A . 
# 
_pdbx_struct_assembly.id                   1 
_pdbx_struct_assembly.details              author_and_software_defined_assembly 
_pdbx_struct_assembly.method_details       PISA 
_pdbx_struct_assembly.oligomeric_details   monomeric 
_pdbx_struct_assembly.oligomeric_count     1 
# 
_pdbx_struct_assembly_gen.assembly_id       1 
_pdbx_struct_assembly_gen.oper_expression   1 
_pdbx_struct_assembly_gen.asym_id_list      A,B,C 
# 
loop_
_pdbx_struct_assembly_prop.biol_id 
_pdbx_struct_assembly_prop.type 
_pdbx_struct_assembly_prop.value 
_pdbx_struct_assembly_prop.details 
1 'ABSA (A^2)' 600  ? 
1 MORE         -5   ? 
1 'SSA (A^2)'  8010 ? 
# 
_pdbx_struct_oper_list.id                   1 
_pdbx_struct_oper_list.type                 'identity operation' 
_pdbx_struct_oper_list.name                 1_555 
_pdbx_struct_oper_list.symmetry_operation   x,y,z 
_pdbx_struct_oper_list.matrix[1][1]         1.0000000000 
_pdbx_struct_oper_list.matrix[1][2]         0.0000000000 
_pdbx_struct_oper_list.matrix[1][3]         0.0000000000 
_pdbx_struct_oper_list.vector[1]            0.0000000000 
_pdbx_struct_oper_list.matrix[2][1]         0.0000000000 
_pdbx_struct_oper_list.matrix[2][2]         1.0000000000 
_pdbx_struct_oper_list.matrix[2][3]         0.0000000000 
_pdbx_struct_oper_list.vector[2]            0.0000000000 
_pdbx_struct_oper_list.matrix[3][1]         0.0000000000 
_pdbx_struct_oper_list.matrix[3][2]         0.0000000000 
_pdbx_struct_oper_list.matrix[3][3]         1.0000000000 
_pdbx_struct_oper_list.vector[3]            0.0000000000 
# 
loop_
_pdbx_audit_revision_history.ordinal 
_pdbx_audit_revision_history.data_content_type 
_pdbx_audit_revision_history.major_revision 
_pdbx_audit_revision_history.minor_revision 
_pdbx_audit_revision_history.revision_date 
1 'Structure model' 1 0 2016-09-21 
2 'Structure model' 1 1 2017-11-22 
3 'Structure model' 1 2 2023-10-04 
# 
_pdbx_audit_revision_details.ordinal             1 
_pdbx_audit_revision_details.revision_ordinal    1 
_pdbx_audit_revision_details.data_content_type   'Structure model' 
_pdbx_audit_revision_details.provider            repository 
_pdbx_audit_revision_details.type                'Initial release' 
_pdbx_audit_revision_details.description         ? 
_pdbx_audit_revision_details.details             ? 
# 
loop_
_pdbx_audit_revision_group.ordinal 
_pdbx_audit_revision_group.revision_ordinal 
_pdbx_audit_revision_group.data_content_type 
_pdbx_audit_revision_group.group 
1 2 'Structure model' 'Derived calculations'   
2 2 'Structure model' 'Refinement description' 
3 3 'Structure model' 'Data collection'        
4 3 'Structure model' 'Database references'    
5 3 'Structure model' 'Refinement description' 
# 
loop_
_pdbx_audit_revision_category.ordinal 
_pdbx_audit_revision_category.revision_ordinal 
_pdbx_audit_revision_category.data_content_type 
_pdbx_audit_revision_category.category 
1 2 'Structure model' pdbx_struct_oper_list         
2 2 'Structure model' software                      
3 3 'Structure model' chem_comp_atom                
4 3 'Structure model' chem_comp_bond                
5 3 'Structure model' database_2                    
6 3 'Structure model' pdbx_initial_refinement_model 
# 
loop_
_pdbx_audit_revision_item.ordinal 
_pdbx_audit_revision_item.revision_ordinal 
_pdbx_audit_revision_item.data_content_type 
_pdbx_audit_revision_item.item 
1 2 'Structure model' '_pdbx_struct_oper_list.symmetry_operation' 
2 2 'Structure model' '_software.classification'                  
3 3 'Structure model' '_database_2.pdbx_DOI'                      
4 3 'Structure model' '_database_2.pdbx_database_accession'       
# 
loop_
_software.citation_id 
_software.classification 
_software.compiler_name 
_software.compiler_version 
_software.contact_author 
_software.contact_author_email 
_software.date 
_software.description 
_software.dependencies 
_software.hardware 
_software.language 
_software.location 
_software.mods 
_software.name 
_software.os 
_software.os_version 
_software.type 
_software.version 
_software.pdbx_ordinal 
? refinement       ? ? ? ? ? ? ? ? ? ? ? PHENIX  ? ? ? 1.9_1692 1 
? 'data reduction' ? ? ? ? ? ? ? ? ? ? ? MOSFLM  ? ? ? 7.1.0    2 
? 'data scaling'   ? ? ? ? ? ? ? ? ? ? ? Aimless ? ? ? 0.3.8    3 
? phasing          ? ? ? ? ? ? ? ? ? ? ? PHENIX  ? ? ? 2.5.6    4 
# 
loop_
_pdbx_validate_torsion.id 
_pdbx_validate_torsion.PDB_model_num 
_pdbx_validate_torsion.auth_comp_id 
_pdbx_validate_torsion.auth_asym_id 
_pdbx_validate_torsion.auth_seq_id 
_pdbx_validate_torsion.PDB_ins_code 
_pdbx_validate_torsion.label_alt_id 
_pdbx_validate_torsion.phi 
_pdbx_validate_torsion.psi 
1 1 CYS A 489 ? ? -175.66 -178.38 
2 1 ASP A 517 ? ? -106.99 59.09   
# 
loop_
_pdbx_unobs_or_zero_occ_atoms.id 
_pdbx_unobs_or_zero_occ_atoms.PDB_model_num 
_pdbx_unobs_or_zero_occ_atoms.polymer_flag 
_pdbx_unobs_or_zero_occ_atoms.occupancy_flag 
_pdbx_unobs_or_zero_occ_atoms.auth_asym_id 
_pdbx_unobs_or_zero_occ_atoms.auth_comp_id 
_pdbx_unobs_or_zero_occ_atoms.auth_seq_id 
_pdbx_unobs_or_zero_occ_atoms.PDB_ins_code 
_pdbx_unobs_or_zero_occ_atoms.auth_atom_id 
_pdbx_unobs_or_zero_occ_atoms.label_alt_id 
_pdbx_unobs_or_zero_occ_atoms.label_asym_id 
_pdbx_unobs_or_zero_occ_atoms.label_comp_id 
_pdbx_unobs_or_zero_occ_atoms.label_seq_id 
_pdbx_unobs_or_zero_occ_atoms.label_atom_id 
1  1 Y 1 A GLN 415 ? CG  ? A GLN 7   CG  
2  1 Y 1 A GLN 415 ? CD  ? A GLN 7   CD  
3  1 Y 1 A GLN 415 ? OE1 ? A GLN 7   OE1 
4  1 Y 1 A GLN 415 ? NE2 ? A GLN 7   NE2 
5  1 Y 1 A ARG 416 ? CG  ? A ARG 8   CG  
6  1 Y 1 A ARG 416 ? CD  ? A ARG 8   CD  
7  1 Y 1 A ARG 416 ? NE  ? A ARG 8   NE  
8  1 Y 1 A ARG 416 ? CZ  ? A ARG 8   CZ  
9  1 Y 1 A ARG 416 ? NH1 ? A ARG 8   NH1 
10 1 Y 1 A ARG 416 ? NH2 ? A ARG 8   NH2 
11 1 Y 1 A TYR 579 ? CG  ? A TYR 171 CG  
12 1 Y 1 A TYR 579 ? CD1 ? A TYR 171 CD1 
13 1 Y 1 A TYR 579 ? CD2 ? A TYR 171 CD2 
14 1 Y 1 A TYR 579 ? CE1 ? A TYR 171 CE1 
15 1 Y 1 A TYR 579 ? CE2 ? A TYR 171 CE2 
16 1 Y 1 A TYR 579 ? CZ  ? A TYR 171 CZ  
17 1 Y 1 A TYR 579 ? OH  ? A TYR 171 OH  
# 
loop_
_pdbx_unobs_or_zero_occ_residues.id 
_pdbx_unobs_or_zero_occ_residues.PDB_model_num 
_pdbx_unobs_or_zero_occ_residues.polymer_flag 
_pdbx_unobs_or_zero_occ_residues.occupancy_flag 
_pdbx_unobs_or_zero_occ_residues.auth_asym_id 
_pdbx_unobs_or_zero_occ_residues.auth_comp_id 
_pdbx_unobs_or_zero_occ_residues.auth_seq_id 
_pdbx_unobs_or_zero_occ_residues.PDB_ins_code 
_pdbx_unobs_or_zero_occ_residues.label_asym_id 
_pdbx_unobs_or_zero_occ_residues.label_comp_id 
_pdbx_unobs_or_zero_occ_residues.label_seq_id 
1  1 Y 1 A MET 409 ? A MET 1   
2  1 Y 1 A GLY 410 ? A GLY 2   
3  1 Y 1 A LYS 411 ? A LYS 3   
4  1 Y 1 A LYS 412 ? A LYS 4   
5  1 Y 1 A GLN 413 ? A GLN 5   
6  1 Y 1 A THR 414 ? A THR 6   
7  1 Y 1 A LEU 443 ? A LEU 35  
8  1 Y 1 A MET 444 ? A MET 36  
9  1 Y 1 A ARG 445 ? A ARG 37  
10 1 Y 1 A GLN 446 ? A GLN 38  
11 1 Y 1 A LYS 447 ? A LYS 39  
12 1 Y 1 A LYS 448 ? A LYS 40  
13 1 Y 1 A ILE 449 ? A ILE 41  
14 1 Y 1 A ARG 450 ? A ARG 42  
15 1 Y 1 A GLU 451 ? A GLU 43  
16 1 Y 1 A ASP 452 ? A ASP 44  
17 1 Y 1 A HIS 453 ? A HIS 45  
18 1 Y 1 A LYS 454 ? A LYS 46  
19 1 Y 1 A VAL 464 ? A VAL 56  
20 1 Y 1 A TYR 465 ? A TYR 57  
21 1 Y 1 A GLY 466 ? A GLY 58  
22 1 Y 1 A GLN 467 ? A GLN 59  
23 1 Y 1 A THR 561 ? A THR 153 
24 1 Y 1 A ALA 562 ? A ALA 154 
25 1 Y 1 A ASP 563 ? A ASP 155 
26 1 Y 1 A ALA 564 ? A ALA 156 
27 1 Y 1 A PRO 580 ? A PRO 172 
28 1 Y 1 A HIS 581 ? A HIS 173 
29 1 Y 1 A VAL 582 ? A VAL 174 
30 1 Y 1 A THR 583 ? A THR 175 
31 1 Y 1 A GLN 584 ? A GLN 176 
32 1 Y 1 A ALA 585 ? A ALA 177 
33 1 Y 1 A ASP 586 ? A ASP 178 
34 1 Y 1 A LEU 587 ? A LEU 179 
35 1 Y 1 A LYS 588 ? A LYS 180 
36 1 Y 1 A SER 589 ? A SER 181 
37 1 Y 1 A SER 590 ? A SER 182 
38 1 Y 1 A THR 591 ? A THR 183 
39 1 Y 1 A PHE 592 ? A PHE 184 
40 1 Y 1 A LEU 593 ? A LEU 185 
41 1 Y 1 A GLU 594 ? A GLU 186 
42 1 Y 1 A HIS 595 ? A HIS 187 
43 1 Y 1 A HIS 596 ? A HIS 188 
44 1 Y 1 A HIS 597 ? A HIS 189 
45 1 Y 1 A HIS 598 ? A HIS 190 
46 1 Y 1 A HIS 599 ? A HIS 191 
47 1 Y 1 A HIS 600 ? A HIS 192 
# 
loop_
_chem_comp_atom.comp_id 
_chem_comp_atom.atom_id 
_chem_comp_atom.type_symbol 
_chem_comp_atom.pdbx_aromatic_flag 
_chem_comp_atom.pdbx_stereo_config 
_chem_comp_atom.pdbx_ordinal 
ALA N      N N N 1   
ALA CA     C N S 2   
ALA C      C N N 3   
ALA O      O N N 4   
ALA CB     C N N 5   
ALA OXT    O N N 6   
ALA H      H N N 7   
ALA H2     H N N 8   
ALA HA     H N N 9   
ALA HB1    H N N 10  
ALA HB2    H N N 11  
ALA HB3    H N N 12  
ALA HXT    H N N 13  
ARG N      N N N 14  
ARG CA     C N S 15  
ARG C      C N N 16  
ARG O      O N N 17  
ARG CB     C N N 18  
ARG CG     C N N 19  
ARG CD     C N N 20  
ARG NE     N N N 21  
ARG CZ     C N N 22  
ARG NH1    N N N 23  
ARG NH2    N N N 24  
ARG OXT    O N N 25  
ARG H      H N N 26  
ARG H2     H N N 27  
ARG HA     H N N 28  
ARG HB2    H N N 29  
ARG HB3    H N N 30  
ARG HG2    H N N 31  
ARG HG3    H N N 32  
ARG HD2    H N N 33  
ARG HD3    H N N 34  
ARG HE     H N N 35  
ARG HH11   H N N 36  
ARG HH12   H N N 37  
ARG HH21   H N N 38  
ARG HH22   H N N 39  
ARG HXT    H N N 40  
ASN N      N N N 41  
ASN CA     C N S 42  
ASN C      C N N 43  
ASN O      O N N 44  
ASN CB     C N N 45  
ASN CG     C N N 46  
ASN OD1    O N N 47  
ASN ND2    N N N 48  
ASN OXT    O N N 49  
ASN H      H N N 50  
ASN H2     H N N 51  
ASN HA     H N N 52  
ASN HB2    H N N 53  
ASN HB3    H N N 54  
ASN HD21   H N N 55  
ASN HD22   H N N 56  
ASN HXT    H N N 57  
ASP N      N N N 58  
ASP CA     C N S 59  
ASP C      C N N 60  
ASP O      O N N 61  
ASP CB     C N N 62  
ASP CG     C N N 63  
ASP OD1    O N N 64  
ASP OD2    O N N 65  
ASP OXT    O N N 66  
ASP H      H N N 67  
ASP H2     H N N 68  
ASP HA     H N N 69  
ASP HB2    H N N 70  
ASP HB3    H N N 71  
ASP HD2    H N N 72  
ASP HXT    H N N 73  
CYS N      N N N 74  
CYS CA     C N R 75  
CYS C      C N N 76  
CYS O      O N N 77  
CYS CB     C N N 78  
CYS SG     S N N 79  
CYS OXT    O N N 80  
CYS H      H N N 81  
CYS H2     H N N 82  
CYS HA     H N N 83  
CYS HB2    H N N 84  
CYS HB3    H N N 85  
CYS HG     H N N 86  
CYS HXT    H N N 87  
GDP PB     P N N 88  
GDP O1B    O N N 89  
GDP O2B    O N N 90  
GDP O3B    O N N 91  
GDP O3A    O N N 92  
GDP PA     P N N 93  
GDP O1A    O N N 94  
GDP O2A    O N N 95  
GDP "O5'"  O N N 96  
GDP "C5'"  C N N 97  
GDP "C4'"  C N R 98  
GDP "O4'"  O N N 99  
GDP "C3'"  C N S 100 
GDP "O3'"  O N N 101 
GDP "C2'"  C N R 102 
GDP "O2'"  O N N 103 
GDP "C1'"  C N R 104 
GDP N9     N Y N 105 
GDP C8     C Y N 106 
GDP N7     N Y N 107 
GDP C5     C Y N 108 
GDP C6     C N N 109 
GDP O6     O N N 110 
GDP N1     N N N 111 
GDP C2     C N N 112 
GDP N2     N N N 113 
GDP N3     N N N 114 
GDP C4     C Y N 115 
GDP HOB2   H N N 116 
GDP HOB3   H N N 117 
GDP HOA2   H N N 118 
GDP "H5'"  H N N 119 
GDP "H5''" H N N 120 
GDP "H4'"  H N N 121 
GDP "H3'"  H N N 122 
GDP "HO3'" H N N 123 
GDP "H2'"  H N N 124 
GDP "HO2'" H N N 125 
GDP "H1'"  H N N 126 
GDP H8     H N N 127 
GDP HN1    H N N 128 
GDP HN21   H N N 129 
GDP HN22   H N N 130 
GLN N      N N N 131 
GLN CA     C N S 132 
GLN C      C N N 133 
GLN O      O N N 134 
GLN CB     C N N 135 
GLN CG     C N N 136 
GLN CD     C N N 137 
GLN OE1    O N N 138 
GLN NE2    N N N 139 
GLN OXT    O N N 140 
GLN H      H N N 141 
GLN H2     H N N 142 
GLN HA     H N N 143 
GLN HB2    H N N 144 
GLN HB3    H N N 145 
GLN HG2    H N N 146 
GLN HG3    H N N 147 
GLN HE21   H N N 148 
GLN HE22   H N N 149 
GLN HXT    H N N 150 
GLU N      N N N 151 
GLU CA     C N S 152 
GLU C      C N N 153 
GLU O      O N N 154 
GLU CB     C N N 155 
GLU CG     C N N 156 
GLU CD     C N N 157 
GLU OE1    O N N 158 
GLU OE2    O N N 159 
GLU OXT    O N N 160 
GLU H      H N N 161 
GLU H2     H N N 162 
GLU HA     H N N 163 
GLU HB2    H N N 164 
GLU HB3    H N N 165 
GLU HG2    H N N 166 
GLU HG3    H N N 167 
GLU HE2    H N N 168 
GLU HXT    H N N 169 
GLY N      N N N 170 
GLY CA     C N N 171 
GLY C      C N N 172 
GLY O      O N N 173 
GLY OXT    O N N 174 
GLY H      H N N 175 
GLY H2     H N N 176 
GLY HA2    H N N 177 
GLY HA3    H N N 178 
GLY HXT    H N N 179 
HIS N      N N N 180 
HIS CA     C N S 181 
HIS C      C N N 182 
HIS O      O N N 183 
HIS CB     C N N 184 
HIS CG     C Y N 185 
HIS ND1    N Y N 186 
HIS CD2    C Y N 187 
HIS CE1    C Y N 188 
HIS NE2    N Y N 189 
HIS OXT    O N N 190 
HIS H      H N N 191 
HIS H2     H N N 192 
HIS HA     H N N 193 
HIS HB2    H N N 194 
HIS HB3    H N N 195 
HIS HD1    H N N 196 
HIS HD2    H N N 197 
HIS HE1    H N N 198 
HIS HE2    H N N 199 
HIS HXT    H N N 200 
HOH O      O N N 201 
HOH H1     H N N 202 
HOH H2     H N N 203 
ILE N      N N N 204 
ILE CA     C N S 205 
ILE C      C N N 206 
ILE O      O N N 207 
ILE CB     C N S 208 
ILE CG1    C N N 209 
ILE CG2    C N N 210 
ILE CD1    C N N 211 
ILE OXT    O N N 212 
ILE H      H N N 213 
ILE H2     H N N 214 
ILE HA     H N N 215 
ILE HB     H N N 216 
ILE HG12   H N N 217 
ILE HG13   H N N 218 
ILE HG21   H N N 219 
ILE HG22   H N N 220 
ILE HG23   H N N 221 
ILE HD11   H N N 222 
ILE HD12   H N N 223 
ILE HD13   H N N 224 
ILE HXT    H N N 225 
LEU N      N N N 226 
LEU CA     C N S 227 
LEU C      C N N 228 
LEU O      O N N 229 
LEU CB     C N N 230 
LEU CG     C N N 231 
LEU CD1    C N N 232 
LEU CD2    C N N 233 
LEU OXT    O N N 234 
LEU H      H N N 235 
LEU H2     H N N 236 
LEU HA     H N N 237 
LEU HB2    H N N 238 
LEU HB3    H N N 239 
LEU HG     H N N 240 
LEU HD11   H N N 241 
LEU HD12   H N N 242 
LEU HD13   H N N 243 
LEU HD21   H N N 244 
LEU HD22   H N N 245 
LEU HD23   H N N 246 
LEU HXT    H N N 247 
LYS N      N N N 248 
LYS CA     C N S 249 
LYS C      C N N 250 
LYS O      O N N 251 
LYS CB     C N N 252 
LYS CG     C N N 253 
LYS CD     C N N 254 
LYS CE     C N N 255 
LYS NZ     N N N 256 
LYS OXT    O N N 257 
LYS H      H N N 258 
LYS H2     H N N 259 
LYS HA     H N N 260 
LYS HB2    H N N 261 
LYS HB3    H N N 262 
LYS HG2    H N N 263 
LYS HG3    H N N 264 
LYS HD2    H N N 265 
LYS HD3    H N N 266 
LYS HE2    H N N 267 
LYS HE3    H N N 268 
LYS HZ1    H N N 269 
LYS HZ2    H N N 270 
LYS HZ3    H N N 271 
LYS HXT    H N N 272 
MET N      N N N 273 
MET CA     C N S 274 
MET C      C N N 275 
MET O      O N N 276 
MET CB     C N N 277 
MET CG     C N N 278 
MET SD     S N N 279 
MET CE     C N N 280 
MET OXT    O N N 281 
MET H      H N N 282 
MET H2     H N N 283 
MET HA     H N N 284 
MET HB2    H N N 285 
MET HB3    H N N 286 
MET HG2    H N N 287 
MET HG3    H N N 288 
MET HE1    H N N 289 
MET HE2    H N N 290 
MET HE3    H N N 291 
MET HXT    H N N 292 
PHE N      N N N 293 
PHE CA     C N S 294 
PHE C      C N N 295 
PHE O      O N N 296 
PHE CB     C N N 297 
PHE CG     C Y N 298 
PHE CD1    C Y N 299 
PHE CD2    C Y N 300 
PHE CE1    C Y N 301 
PHE CE2    C Y N 302 
PHE CZ     C Y N 303 
PHE OXT    O N N 304 
PHE H      H N N 305 
PHE H2     H N N 306 
PHE HA     H N N 307 
PHE HB2    H N N 308 
PHE HB3    H N N 309 
PHE HD1    H N N 310 
PHE HD2    H N N 311 
PHE HE1    H N N 312 
PHE HE2    H N N 313 
PHE HZ     H N N 314 
PHE HXT    H N N 315 
PRO N      N N N 316 
PRO CA     C N S 317 
PRO C      C N N 318 
PRO O      O N N 319 
PRO CB     C N N 320 
PRO CG     C N N 321 
PRO CD     C N N 322 
PRO OXT    O N N 323 
PRO H      H N N 324 
PRO HA     H N N 325 
PRO HB2    H N N 326 
PRO HB3    H N N 327 
PRO HG2    H N N 328 
PRO HG3    H N N 329 
PRO HD2    H N N 330 
PRO HD3    H N N 331 
PRO HXT    H N N 332 
SER N      N N N 333 
SER CA     C N S 334 
SER C      C N N 335 
SER O      O N N 336 
SER CB     C N N 337 
SER OG     O N N 338 
SER OXT    O N N 339 
SER H      H N N 340 
SER H2     H N N 341 
SER HA     H N N 342 
SER HB2    H N N 343 
SER HB3    H N N 344 
SER HG     H N N 345 
SER HXT    H N N 346 
THR N      N N N 347 
THR CA     C N S 348 
THR C      C N N 349 
THR O      O N N 350 
THR CB     C N R 351 
THR OG1    O N N 352 
THR CG2    C N N 353 
THR OXT    O N N 354 
THR H      H N N 355 
THR H2     H N N 356 
THR HA     H N N 357 
THR HB     H N N 358 
THR HG1    H N N 359 
THR HG21   H N N 360 
THR HG22   H N N 361 
THR HG23   H N N 362 
THR HXT    H N N 363 
TYR N      N N N 364 
TYR CA     C N S 365 
TYR C      C N N 366 
TYR O      O N N 367 
TYR CB     C N N 368 
TYR CG     C Y N 369 
TYR CD1    C Y N 370 
TYR CD2    C Y N 371 
TYR CE1    C Y N 372 
TYR CE2    C Y N 373 
TYR CZ     C Y N 374 
TYR OH     O N N 375 
TYR OXT    O N N 376 
TYR H      H N N 377 
TYR H2     H N N 378 
TYR HA     H N N 379 
TYR HB2    H N N 380 
TYR HB3    H N N 381 
TYR HD1    H N N 382 
TYR HD2    H N N 383 
TYR HE1    H N N 384 
TYR HE2    H N N 385 
TYR HH     H N N 386 
TYR HXT    H N N 387 
VAL N      N N N 388 
VAL CA     C N S 389 
VAL C      C N N 390 
VAL O      O N N 391 
VAL CB     C N N 392 
VAL CG1    C N N 393 
VAL CG2    C N N 394 
VAL OXT    O N N 395 
VAL H      H N N 396 
VAL H2     H N N 397 
VAL HA     H N N 398 
VAL HB     H N N 399 
VAL HG11   H N N 400 
VAL HG12   H N N 401 
VAL HG13   H N N 402 
VAL HG21   H N N 403 
VAL HG22   H N N 404 
VAL HG23   H N N 405 
VAL HXT    H N N 406 
# 
loop_
_chem_comp_bond.comp_id 
_chem_comp_bond.atom_id_1 
_chem_comp_bond.atom_id_2 
_chem_comp_bond.value_order 
_chem_comp_bond.pdbx_aromatic_flag 
_chem_comp_bond.pdbx_stereo_config 
_chem_comp_bond.pdbx_ordinal 
ALA N     CA     sing N N 1   
ALA N     H      sing N N 2   
ALA N     H2     sing N N 3   
ALA CA    C      sing N N 4   
ALA CA    CB     sing N N 5   
ALA CA    HA     sing N N 6   
ALA C     O      doub N N 7   
ALA C     OXT    sing N N 8   
ALA CB    HB1    sing N N 9   
ALA CB    HB2    sing N N 10  
ALA CB    HB3    sing N N 11  
ALA OXT   HXT    sing N N 12  
ARG N     CA     sing N N 13  
ARG N     H      sing N N 14  
ARG N     H2     sing N N 15  
ARG CA    C      sing N N 16  
ARG CA    CB     sing N N 17  
ARG CA    HA     sing N N 18  
ARG C     O      doub N N 19  
ARG C     OXT    sing N N 20  
ARG CB    CG     sing N N 21  
ARG CB    HB2    sing N N 22  
ARG CB    HB3    sing N N 23  
ARG CG    CD     sing N N 24  
ARG CG    HG2    sing N N 25  
ARG CG    HG3    sing N N 26  
ARG CD    NE     sing N N 27  
ARG CD    HD2    sing N N 28  
ARG CD    HD3    sing N N 29  
ARG NE    CZ     sing N N 30  
ARG NE    HE     sing N N 31  
ARG CZ    NH1    sing N N 32  
ARG CZ    NH2    doub N N 33  
ARG NH1   HH11   sing N N 34  
ARG NH1   HH12   sing N N 35  
ARG NH2   HH21   sing N N 36  
ARG NH2   HH22   sing N N 37  
ARG OXT   HXT    sing N N 38  
ASN N     CA     sing N N 39  
ASN N     H      sing N N 40  
ASN N     H2     sing N N 41  
ASN CA    C      sing N N 42  
ASN CA    CB     sing N N 43  
ASN CA    HA     sing N N 44  
ASN C     O      doub N N 45  
ASN C     OXT    sing N N 46  
ASN CB    CG     sing N N 47  
ASN CB    HB2    sing N N 48  
ASN CB    HB3    sing N N 49  
ASN CG    OD1    doub N N 50  
ASN CG    ND2    sing N N 51  
ASN ND2   HD21   sing N N 52  
ASN ND2   HD22   sing N N 53  
ASN OXT   HXT    sing N N 54  
ASP N     CA     sing N N 55  
ASP N     H      sing N N 56  
ASP N     H2     sing N N 57  
ASP CA    C      sing N N 58  
ASP CA    CB     sing N N 59  
ASP CA    HA     sing N N 60  
ASP C     O      doub N N 61  
ASP C     OXT    sing N N 62  
ASP CB    CG     sing N N 63  
ASP CB    HB2    sing N N 64  
ASP CB    HB3    sing N N 65  
ASP CG    OD1    doub N N 66  
ASP CG    OD2    sing N N 67  
ASP OD2   HD2    sing N N 68  
ASP OXT   HXT    sing N N 69  
CYS N     CA     sing N N 70  
CYS N     H      sing N N 71  
CYS N     H2     sing N N 72  
CYS CA    C      sing N N 73  
CYS CA    CB     sing N N 74  
CYS CA    HA     sing N N 75  
CYS C     O      doub N N 76  
CYS C     OXT    sing N N 77  
CYS CB    SG     sing N N 78  
CYS CB    HB2    sing N N 79  
CYS CB    HB3    sing N N 80  
CYS SG    HG     sing N N 81  
CYS OXT   HXT    sing N N 82  
GDP PB    O1B    doub N N 83  
GDP PB    O2B    sing N N 84  
GDP PB    O3B    sing N N 85  
GDP PB    O3A    sing N N 86  
GDP O2B   HOB2   sing N N 87  
GDP O3B   HOB3   sing N N 88  
GDP O3A   PA     sing N N 89  
GDP PA    O1A    doub N N 90  
GDP PA    O2A    sing N N 91  
GDP PA    "O5'"  sing N N 92  
GDP O2A   HOA2   sing N N 93  
GDP "O5'" "C5'"  sing N N 94  
GDP "C5'" "C4'"  sing N N 95  
GDP "C5'" "H5'"  sing N N 96  
GDP "C5'" "H5''" sing N N 97  
GDP "C4'" "O4'"  sing N N 98  
GDP "C4'" "C3'"  sing N N 99  
GDP "C4'" "H4'"  sing N N 100 
GDP "O4'" "C1'"  sing N N 101 
GDP "C3'" "O3'"  sing N N 102 
GDP "C3'" "C2'"  sing N N 103 
GDP "C3'" "H3'"  sing N N 104 
GDP "O3'" "HO3'" sing N N 105 
GDP "C2'" "O2'"  sing N N 106 
GDP "C2'" "C1'"  sing N N 107 
GDP "C2'" "H2'"  sing N N 108 
GDP "O2'" "HO2'" sing N N 109 
GDP "C1'" N9     sing N N 110 
GDP "C1'" "H1'"  sing N N 111 
GDP N9    C8     sing Y N 112 
GDP N9    C4     sing Y N 113 
GDP C8    N7     doub Y N 114 
GDP C8    H8     sing N N 115 
GDP N7    C5     sing Y N 116 
GDP C5    C6     sing N N 117 
GDP C5    C4     doub Y N 118 
GDP C6    O6     doub N N 119 
GDP C6    N1     sing N N 120 
GDP N1    C2     sing N N 121 
GDP N1    HN1    sing N N 122 
GDP C2    N2     sing N N 123 
GDP C2    N3     doub N N 124 
GDP N2    HN21   sing N N 125 
GDP N2    HN22   sing N N 126 
GDP N3    C4     sing N N 127 
GLN N     CA     sing N N 128 
GLN N     H      sing N N 129 
GLN N     H2     sing N N 130 
GLN CA    C      sing N N 131 
GLN CA    CB     sing N N 132 
GLN CA    HA     sing N N 133 
GLN C     O      doub N N 134 
GLN C     OXT    sing N N 135 
GLN CB    CG     sing N N 136 
GLN CB    HB2    sing N N 137 
GLN CB    HB3    sing N N 138 
GLN CG    CD     sing N N 139 
GLN CG    HG2    sing N N 140 
GLN CG    HG3    sing N N 141 
GLN CD    OE1    doub N N 142 
GLN CD    NE2    sing N N 143 
GLN NE2   HE21   sing N N 144 
GLN NE2   HE22   sing N N 145 
GLN OXT   HXT    sing N N 146 
GLU N     CA     sing N N 147 
GLU N     H      sing N N 148 
GLU N     H2     sing N N 149 
GLU CA    C      sing N N 150 
GLU CA    CB     sing N N 151 
GLU CA    HA     sing N N 152 
GLU C     O      doub N N 153 
GLU C     OXT    sing N N 154 
GLU CB    CG     sing N N 155 
GLU CB    HB2    sing N N 156 
GLU CB    HB3    sing N N 157 
GLU CG    CD     sing N N 158 
GLU CG    HG2    sing N N 159 
GLU CG    HG3    sing N N 160 
GLU CD    OE1    doub N N 161 
GLU CD    OE2    sing N N 162 
GLU OE2   HE2    sing N N 163 
GLU OXT   HXT    sing N N 164 
GLY N     CA     sing N N 165 
GLY N     H      sing N N 166 
GLY N     H2     sing N N 167 
GLY CA    C      sing N N 168 
GLY CA    HA2    sing N N 169 
GLY CA    HA3    sing N N 170 
GLY C     O      doub N N 171 
GLY C     OXT    sing N N 172 
GLY OXT   HXT    sing N N 173 
HIS N     CA     sing N N 174 
HIS N     H      sing N N 175 
HIS N     H2     sing N N 176 
HIS CA    C      sing N N 177 
HIS CA    CB     sing N N 178 
HIS CA    HA     sing N N 179 
HIS C     O      doub N N 180 
HIS C     OXT    sing N N 181 
HIS CB    CG     sing N N 182 
HIS CB    HB2    sing N N 183 
HIS CB    HB3    sing N N 184 
HIS CG    ND1    sing Y N 185 
HIS CG    CD2    doub Y N 186 
HIS ND1   CE1    doub Y N 187 
HIS ND1   HD1    sing N N 188 
HIS CD2   NE2    sing Y N 189 
HIS CD2   HD2    sing N N 190 
HIS CE1   NE2    sing Y N 191 
HIS CE1   HE1    sing N N 192 
HIS NE2   HE2    sing N N 193 
HIS OXT   HXT    sing N N 194 
HOH O     H1     sing N N 195 
HOH O     H2     sing N N 196 
ILE N     CA     sing N N 197 
ILE N     H      sing N N 198 
ILE N     H2     sing N N 199 
ILE CA    C      sing N N 200 
ILE CA    CB     sing N N 201 
ILE CA    HA     sing N N 202 
ILE C     O      doub N N 203 
ILE C     OXT    sing N N 204 
ILE CB    CG1    sing N N 205 
ILE CB    CG2    sing N N 206 
ILE CB    HB     sing N N 207 
ILE CG1   CD1    sing N N 208 
ILE CG1   HG12   sing N N 209 
ILE CG1   HG13   sing N N 210 
ILE CG2   HG21   sing N N 211 
ILE CG2   HG22   sing N N 212 
ILE CG2   HG23   sing N N 213 
ILE CD1   HD11   sing N N 214 
ILE CD1   HD12   sing N N 215 
ILE CD1   HD13   sing N N 216 
ILE OXT   HXT    sing N N 217 
LEU N     CA     sing N N 218 
LEU N     H      sing N N 219 
LEU N     H2     sing N N 220 
LEU CA    C      sing N N 221 
LEU CA    CB     sing N N 222 
LEU CA    HA     sing N N 223 
LEU C     O      doub N N 224 
LEU C     OXT    sing N N 225 
LEU CB    CG     sing N N 226 
LEU CB    HB2    sing N N 227 
LEU CB    HB3    sing N N 228 
LEU CG    CD1    sing N N 229 
LEU CG    CD2    sing N N 230 
LEU CG    HG     sing N N 231 
LEU CD1   HD11   sing N N 232 
LEU CD1   HD12   sing N N 233 
LEU CD1   HD13   sing N N 234 
LEU CD2   HD21   sing N N 235 
LEU CD2   HD22   sing N N 236 
LEU CD2   HD23   sing N N 237 
LEU OXT   HXT    sing N N 238 
LYS N     CA     sing N N 239 
LYS N     H      sing N N 240 
LYS N     H2     sing N N 241 
LYS CA    C      sing N N 242 
LYS CA    CB     sing N N 243 
LYS CA    HA     sing N N 244 
LYS C     O      doub N N 245 
LYS C     OXT    sing N N 246 
LYS CB    CG     sing N N 247 
LYS CB    HB2    sing N N 248 
LYS CB    HB3    sing N N 249 
LYS CG    CD     sing N N 250 
LYS CG    HG2    sing N N 251 
LYS CG    HG3    sing N N 252 
LYS CD    CE     sing N N 253 
LYS CD    HD2    sing N N 254 
LYS CD    HD3    sing N N 255 
LYS CE    NZ     sing N N 256 
LYS CE    HE2    sing N N 257 
LYS CE    HE3    sing N N 258 
LYS NZ    HZ1    sing N N 259 
LYS NZ    HZ2    sing N N 260 
LYS NZ    HZ3    sing N N 261 
LYS OXT   HXT    sing N N 262 
MET N     CA     sing N N 263 
MET N     H      sing N N 264 
MET N     H2     sing N N 265 
MET CA    C      sing N N 266 
MET CA    CB     sing N N 267 
MET CA    HA     sing N N 268 
MET C     O      doub N N 269 
MET C     OXT    sing N N 270 
MET CB    CG     sing N N 271 
MET CB    HB2    sing N N 272 
MET CB    HB3    sing N N 273 
MET CG    SD     sing N N 274 
MET CG    HG2    sing N N 275 
MET CG    HG3    sing N N 276 
MET SD    CE     sing N N 277 
MET CE    HE1    sing N N 278 
MET CE    HE2    sing N N 279 
MET CE    HE3    sing N N 280 
MET OXT   HXT    sing N N 281 
PHE N     CA     sing N N 282 
PHE N     H      sing N N 283 
PHE N     H2     sing N N 284 
PHE CA    C      sing N N 285 
PHE CA    CB     sing N N 286 
PHE CA    HA     sing N N 287 
PHE C     O      doub N N 288 
PHE C     OXT    sing N N 289 
PHE CB    CG     sing N N 290 
PHE CB    HB2    sing N N 291 
PHE CB    HB3    sing N N 292 
PHE CG    CD1    doub Y N 293 
PHE CG    CD2    sing Y N 294 
PHE CD1   CE1    sing Y N 295 
PHE CD1   HD1    sing N N 296 
PHE CD2   CE2    doub Y N 297 
PHE CD2   HD2    sing N N 298 
PHE CE1   CZ     doub Y N 299 
PHE CE1   HE1    sing N N 300 
PHE CE2   CZ     sing Y N 301 
PHE CE2   HE2    sing N N 302 
PHE CZ    HZ     sing N N 303 
PHE OXT   HXT    sing N N 304 
PRO N     CA     sing N N 305 
PRO N     CD     sing N N 306 
PRO N     H      sing N N 307 
PRO CA    C      sing N N 308 
PRO CA    CB     sing N N 309 
PRO CA    HA     sing N N 310 
PRO C     O      doub N N 311 
PRO C     OXT    sing N N 312 
PRO CB    CG     sing N N 313 
PRO CB    HB2    sing N N 314 
PRO CB    HB3    sing N N 315 
PRO CG    CD     sing N N 316 
PRO CG    HG2    sing N N 317 
PRO CG    HG3    sing N N 318 
PRO CD    HD2    sing N N 319 
PRO CD    HD3    sing N N 320 
PRO OXT   HXT    sing N N 321 
SER N     CA     sing N N 322 
SER N     H      sing N N 323 
SER N     H2     sing N N 324 
SER CA    C      sing N N 325 
SER CA    CB     sing N N 326 
SER CA    HA     sing N N 327 
SER C     O      doub N N 328 
SER C     OXT    sing N N 329 
SER CB    OG     sing N N 330 
SER CB    HB2    sing N N 331 
SER CB    HB3    sing N N 332 
SER OG    HG     sing N N 333 
SER OXT   HXT    sing N N 334 
THR N     CA     sing N N 335 
THR N     H      sing N N 336 
THR N     H2     sing N N 337 
THR CA    C      sing N N 338 
THR CA    CB     sing N N 339 
THR CA    HA     sing N N 340 
THR C     O      doub N N 341 
THR C     OXT    sing N N 342 
THR CB    OG1    sing N N 343 
THR CB    CG2    sing N N 344 
THR CB    HB     sing N N 345 
THR OG1   HG1    sing N N 346 
THR CG2   HG21   sing N N 347 
THR CG2   HG22   sing N N 348 
THR CG2   HG23   sing N N 349 
THR OXT   HXT    sing N N 350 
TYR N     CA     sing N N 351 
TYR N     H      sing N N 352 
TYR N     H2     sing N N 353 
TYR CA    C      sing N N 354 
TYR CA    CB     sing N N 355 
TYR CA    HA     sing N N 356 
TYR C     O      doub N N 357 
TYR C     OXT    sing N N 358 
TYR CB    CG     sing N N 359 
TYR CB    HB2    sing N N 360 
TYR CB    HB3    sing N N 361 
TYR CG    CD1    doub Y N 362 
TYR CG    CD2    sing Y N 363 
TYR CD1   CE1    sing Y N 364 
TYR CD1   HD1    sing N N 365 
TYR CD2   CE2    doub Y N 366 
TYR CD2   HD2    sing N N 367 
TYR CE1   CZ     doub Y N 368 
TYR CE1   HE1    sing N N 369 
TYR CE2   CZ     sing Y N 370 
TYR CE2   HE2    sing N N 371 
TYR CZ    OH     sing N N 372 
TYR OH    HH     sing N N 373 
TYR OXT   HXT    sing N N 374 
VAL N     CA     sing N N 375 
VAL N     H      sing N N 376 
VAL N     H2     sing N N 377 
VAL CA    C      sing N N 378 
VAL CA    CB     sing N N 379 
VAL CA    HA     sing N N 380 
VAL C     O      doub N N 381 
VAL C     OXT    sing N N 382 
VAL CB    CG1    sing N N 383 
VAL CB    CG2    sing N N 384 
VAL CB    HB     sing N N 385 
VAL CG1   HG11   sing N N 386 
VAL CG1   HG12   sing N N 387 
VAL CG1   HG13   sing N N 388 
VAL CG2   HG21   sing N N 389 
VAL CG2   HG22   sing N N 390 
VAL CG2   HG23   sing N N 391 
VAL OXT   HXT    sing N N 392 
# 
loop_
_pdbx_entity_nonpoly.entity_id 
_pdbx_entity_nonpoly.name 
_pdbx_entity_nonpoly.comp_id 
2 "GUANOSINE-5'-DIPHOSPHATE" GDP 
3 water                      HOH 
# 
_pdbx_initial_refinement_model.id               1 
_pdbx_initial_refinement_model.entity_id_list   ? 
_pdbx_initial_refinement_model.type             'experimental model' 
_pdbx_initial_refinement_model.source_name      PDB 
_pdbx_initial_refinement_model.accession_code   4C0L 
_pdbx_initial_refinement_model.details          'PDB entry 4C0L' 
# 
